data_5SKD
#
_entry.id   5SKD
#
_cell.length_a   135.640
_cell.length_b   135.640
_cell.length_c   234.830
_cell.angle_alpha   90.000
_cell.angle_beta   90.000
_cell.angle_gamma   120.000
#
_symmetry.space_group_name_H-M   'H 3'
#
loop_
_entity.id
_entity.type
_entity.pdbx_description
1 polymer "cAMP and cAMP-inhibited cGMP 3',5'-cyclic phosphodiesterase 10A"
2 non-polymer 'ZINC ION'
3 non-polymer 'MAGNESIUM ION'
4 non-polymer 3-[1-(2,5-difluorophenyl)-1H-pyrazol-5-yl]-1-[3-(trifluoromethoxy)phenyl]pyridazin-4(1H)-one
5 non-polymer 'PRASEODYMIUM ION'
6 non-polymer GLYCEROL
7 water water
#
_entity_poly.entity_id   1
_entity_poly.type   'polypeptide(L)'
_entity_poly.pdbx_seq_one_letter_code
;GSSICTSEEWQGLMQFTLPVRLCKEIELFHFDIGPFENMWPGIFVYMVHRSCGTSCFELEKL(CME)RFIMSVKKNYRRV
PYHNWKHAVTVAHCMYAILQNNHTLFTDLERKGLLIACLCHDLDHRGFSNSYLQKFDHPLAALYSTSTMEQHHFSQTVSI
LQLEGHNIFSTLSSSEYEQVLEIIRKAIIATDLALYFGNRKQLEEMYQTGSLNLNNQSHRDRVIGLMMTACDLCSVTKLW
PVTKLTANDIYAEFWAEGDEMKKLGIQPIPMMDRDKKDEVPQGQLGFYNAVAIPCYTTLTQILPPTEPLLKACRDNLSQW
EKVIRGEETATWISSPSVAQKAAASED
;
_entity_poly.pdbx_strand_id   A,B,C,D
#
loop_
_chem_comp.id
_chem_comp.type
_chem_comp.name
_chem_comp.formula
GOL non-polymer GLYCEROL 'C3 H8 O3'
KER non-polymer 3-[1-(2,5-difluorophenyl)-1H-pyrazol-5-yl]-1-[3-(trifluoromethoxy)phenyl]pyridazin-4(1H)-one 'C20 H11 F5 N4 O2'
MG non-polymer 'MAGNESIUM ION' 'Mg 2'
PR non-polymer 'PRASEODYMIUM ION' 'Pr 3'
ZN non-polymer 'ZINC ION' 'Zn 2'
#
# COMPACT_ATOMS: atom_id res chain seq x y z
N GLY A 12 12.80 38.44 -25.77
CA GLY A 12 11.85 38.94 -26.82
C GLY A 12 11.67 37.96 -27.99
N LEU A 13 12.76 37.33 -28.47
CA LEU A 13 12.71 36.45 -29.66
C LEU A 13 12.50 34.97 -29.26
N MET A 14 11.89 34.73 -28.11
CA MET A 14 11.41 33.38 -27.72
C MET A 14 9.89 33.29 -27.92
N GLN A 15 9.45 32.97 -29.15
CA GLN A 15 8.07 32.54 -29.48
C GLN A 15 7.84 31.11 -28.97
N PHE A 16 7.09 30.93 -27.88
CA PHE A 16 6.47 29.64 -27.43
C PHE A 16 5.71 28.97 -28.58
N THR A 17 5.79 27.65 -28.65
CA THR A 17 5.20 26.87 -29.78
C THR A 17 4.66 25.56 -29.27
N LEU A 18 3.48 25.22 -29.76
CA LEU A 18 2.79 24.01 -29.37
C LEU A 18 3.00 23.01 -30.50
N PRO A 19 2.91 21.70 -30.19
CA PRO A 19 2.80 20.70 -31.23
C PRO A 19 1.71 21.09 -32.22
N VAL A 20 1.82 20.59 -33.44
CA VAL A 20 0.90 20.89 -34.56
C VAL A 20 -0.57 20.73 -34.13
N ARG A 21 -0.98 19.59 -33.56
CA ARG A 21 -2.42 19.33 -33.27
C ARG A 21 -2.95 20.40 -32.31
N LEU A 22 -2.16 20.76 -31.31
CA LEU A 22 -2.60 21.76 -30.30
C LEU A 22 -2.59 23.15 -30.92
N CYS A 23 -1.51 23.45 -31.62
CA CYS A 23 -1.31 24.73 -32.34
C CYS A 23 -2.55 25.10 -33.15
N LYS A 24 -3.16 24.12 -33.82
CA LYS A 24 -4.41 24.30 -34.61
C LYS A 24 -5.66 24.25 -33.75
N GLU A 25 -5.79 23.25 -32.88
CA GLU A 25 -7.04 23.01 -32.12
C GLU A 25 -7.23 24.11 -31.05
N ILE A 26 -6.17 24.75 -30.61
CA ILE A 26 -6.25 25.78 -29.53
C ILE A 26 -7.04 27.00 -30.05
N GLU A 27 -7.16 27.15 -31.37
CA GLU A 27 -7.87 28.31 -31.98
C GLU A 27 -9.37 28.08 -31.89
N LEU A 28 -9.80 26.86 -31.59
CA LEU A 28 -11.23 26.48 -31.67
C LEU A 28 -11.86 26.55 -30.29
N PHE A 29 -13.11 27.02 -30.24
CA PHE A 29 -13.83 27.28 -28.99
C PHE A 29 -13.83 26.01 -28.14
N HIS A 30 -14.05 24.84 -28.75
CA HIS A 30 -14.25 23.56 -28.00
C HIS A 30 -12.95 22.82 -27.65
N PHE A 31 -11.79 23.44 -27.85
CA PHE A 31 -10.49 22.90 -27.40
C PHE A 31 -10.46 22.49 -25.92
N ASP A 32 -9.88 21.34 -25.66
CA ASP A 32 -9.73 20.74 -24.30
C ASP A 32 -8.23 20.77 -24.02
N ILE A 33 -7.78 21.37 -22.91
CA ILE A 33 -6.33 21.60 -22.65
C ILE A 33 -5.63 20.27 -22.29
N GLY A 34 -6.35 19.21 -22.02
CA GLY A 34 -5.74 17.88 -21.96
C GLY A 34 -5.33 17.56 -20.54
N PRO A 35 -4.88 16.31 -20.28
CA PRO A 35 -4.52 15.83 -18.93
C PRO A 35 -3.08 16.13 -18.46
N PHE A 36 -2.26 16.79 -19.28
CA PHE A 36 -0.84 17.01 -18.94
C PHE A 36 -0.72 18.38 -18.29
N GLU A 37 -0.84 18.40 -16.95
CA GLU A 37 -0.80 19.60 -16.09
C GLU A 37 0.41 20.49 -16.42
N ASN A 38 1.59 19.92 -16.68
CA ASN A 38 2.84 20.72 -16.79
C ASN A 38 2.88 21.44 -18.16
N MET A 39 1.97 21.14 -19.09
CA MET A 39 1.82 21.90 -20.36
C MET A 39 0.88 23.11 -20.20
N TRP A 40 0.06 23.20 -19.15
CA TRP A 40 -0.96 24.28 -19.01
C TRP A 40 -0.33 25.67 -18.95
N PRO A 41 0.72 25.91 -18.13
CA PRO A 41 1.33 27.23 -18.05
C PRO A 41 1.81 27.78 -19.42
N GLY A 42 2.41 26.90 -20.21
CA GLY A 42 2.91 27.17 -21.56
C GLY A 42 1.76 27.44 -22.53
N ILE A 43 0.69 26.67 -22.42
CA ILE A 43 -0.56 26.95 -23.18
C ILE A 43 -1.06 28.36 -22.85
N PHE A 44 -1.03 28.74 -21.59
CA PHE A 44 -1.47 30.10 -21.18
C PHE A 44 -0.55 31.15 -21.80
N VAL A 45 0.75 30.94 -21.75
CA VAL A 45 1.71 31.96 -22.22
C VAL A 45 1.56 32.05 -23.73
N TYR A 46 1.35 30.94 -24.41
CA TYR A 46 1.12 30.92 -25.87
C TYR A 46 -0.05 31.84 -26.19
N MET A 47 -1.11 31.76 -25.39
CA MET A 47 -2.37 32.51 -25.61
C MET A 47 -2.17 34.00 -25.36
N VAL A 48 -1.46 34.34 -24.30
CA VAL A 48 -1.22 35.75 -23.98
C VAL A 48 -0.41 36.37 -25.13
N HIS A 49 0.66 35.73 -25.56
CA HIS A 49 1.51 36.24 -26.66
C HIS A 49 0.70 36.43 -27.95
N ARG A 50 -0.20 35.49 -28.27
CA ARG A 50 -0.94 35.57 -29.55
C ARG A 50 -2.06 36.59 -29.42
N SER A 51 -2.60 36.77 -28.22
CA SER A 51 -3.82 37.56 -27.97
C SER A 51 -3.43 38.99 -27.63
N CYS A 52 -2.24 39.15 -27.10
CA CYS A 52 -1.87 40.39 -26.38
C CYS A 52 -0.57 40.94 -26.95
N GLY A 53 0.37 40.05 -27.25
CA GLY A 53 1.71 40.39 -27.78
C GLY A 53 2.78 39.79 -26.92
N THR A 54 3.99 39.56 -27.45
CA THR A 54 5.15 39.07 -26.66
C THR A 54 5.77 40.19 -25.81
N SER A 55 5.30 41.42 -26.04
CA SER A 55 5.70 42.67 -25.33
C SER A 55 4.79 42.99 -24.14
N CYS A 56 3.56 42.47 -24.04
CA CYS A 56 2.61 42.96 -23.01
C CYS A 56 3.14 42.65 -21.59
N PHE A 57 3.98 41.63 -21.46
CA PHE A 57 4.43 41.11 -20.15
C PHE A 57 5.90 40.71 -20.25
N GLU A 58 6.67 41.00 -19.20
CA GLU A 58 8.03 40.45 -19.05
C GLU A 58 7.89 38.96 -18.72
N LEU A 59 8.44 38.09 -19.57
CA LEU A 59 8.24 36.62 -19.50
C LEU A 59 8.51 36.16 -18.07
N GLU A 60 9.65 36.55 -17.52
CA GLU A 60 10.09 36.12 -16.18
C GLU A 60 9.04 36.49 -15.12
N LYS A 61 8.43 37.68 -15.17
CA LYS A 61 7.40 38.04 -14.15
C LYS A 61 6.11 37.25 -14.42
N LEU A 62 5.77 37.07 -15.69
CA LEU A 62 4.55 36.36 -16.12
C LEU A 62 4.62 34.93 -15.59
N CME A 63 5.73 34.23 -15.86
CA CME A 63 5.97 32.83 -15.42
CB CME A 63 7.30 32.33 -15.88
SG CME A 63 7.19 31.72 -17.58
SD CME A 63 5.80 30.20 -17.42
CE CME A 63 6.63 28.61 -17.79
CZ CME A 63 6.01 27.94 -19.01
OH CME A 63 6.33 26.55 -19.11
C CME A 63 5.80 32.73 -13.91
O CME A 63 5.07 31.88 -13.42
N ARG A 64 6.40 33.66 -13.21
CA ARG A 64 6.39 33.71 -11.73
C ARG A 64 4.98 34.04 -11.20
N PHE A 65 4.23 34.85 -11.91
CA PHE A 65 2.81 35.15 -11.56
C PHE A 65 1.93 33.89 -11.72
N ILE A 66 2.00 33.26 -12.89
CA ILE A 66 1.26 32.00 -13.28
C ILE A 66 1.51 30.95 -12.21
N MET A 67 2.76 30.78 -11.78
CA MET A 67 3.11 29.65 -10.91
C MET A 67 2.62 29.91 -9.49
N SER A 68 2.64 31.16 -9.02
CA SER A 68 2.01 31.55 -7.73
C SER A 68 0.48 31.38 -7.80
N VAL A 69 -0.12 31.75 -8.94
CA VAL A 69 -1.60 31.65 -9.11
C VAL A 69 -1.97 30.17 -9.04
N LYS A 70 -1.23 29.33 -9.75
CA LYS A 70 -1.40 27.87 -9.64
C LYS A 70 -1.34 27.39 -8.17
N LYS A 71 -0.25 27.65 -7.48
CA LYS A 71 -0.10 27.27 -6.04
C LYS A 71 -1.38 27.60 -5.26
N ASN A 72 -2.08 28.66 -5.56
CA ASN A 72 -3.17 29.19 -4.71
C ASN A 72 -4.55 28.73 -5.20
N TYR A 73 -4.62 27.84 -6.17
CA TYR A 73 -5.78 26.97 -6.45
C TYR A 73 -5.61 25.67 -5.66
N ARG A 74 -6.71 25.06 -5.28
CA ARG A 74 -6.75 23.90 -4.38
C ARG A 74 -7.08 22.63 -5.15
N ARG A 75 -6.83 21.50 -4.52
CA ARG A 75 -7.02 20.17 -5.16
C ARG A 75 -8.46 19.73 -4.94
N VAL A 76 -9.39 20.53 -5.40
CA VAL A 76 -10.84 20.25 -5.33
C VAL A 76 -11.20 19.64 -6.69
N PRO A 77 -12.37 18.99 -6.81
CA PRO A 77 -12.66 18.21 -8.00
C PRO A 77 -12.94 19.02 -9.26
N TYR A 78 -13.42 20.26 -9.13
CA TYR A 78 -13.85 21.04 -10.31
C TYR A 78 -13.19 22.41 -10.34
N HIS A 79 -13.37 23.18 -9.27
CA HIS A 79 -12.84 24.55 -9.13
C HIS A 79 -11.34 24.57 -8.83
N ASN A 80 -10.58 24.16 -9.81
CA ASN A 80 -9.13 23.90 -9.69
C ASN A 80 -8.39 24.60 -10.83
N TRP A 81 -7.08 24.42 -10.78
CA TRP A 81 -6.15 25.02 -11.73
C TRP A 81 -6.59 24.72 -13.16
N LYS A 82 -7.01 23.49 -13.44
CA LYS A 82 -7.45 23.15 -14.81
C LYS A 82 -8.66 23.98 -15.23
N HIS A 83 -9.60 24.26 -14.32
CA HIS A 83 -10.78 25.10 -14.65
C HIS A 83 -10.29 26.50 -15.05
N ALA A 84 -9.36 27.04 -14.29
CA ALA A 84 -8.83 28.40 -14.51
C ALA A 84 -8.30 28.53 -15.93
N VAL A 85 -7.51 27.53 -16.37
CA VAL A 85 -6.80 27.56 -17.66
C VAL A 85 -7.84 27.34 -18.77
N THR A 86 -8.79 26.44 -18.55
CA THR A 86 -9.95 26.23 -19.46
C THR A 86 -10.72 27.55 -19.62
N VAL A 87 -11.02 28.24 -18.54
CA VAL A 87 -11.82 29.50 -18.65
C VAL A 87 -10.98 30.59 -19.35
N ALA A 88 -9.67 30.65 -19.13
CA ALA A 88 -8.74 31.55 -19.87
C ALA A 88 -8.76 31.25 -21.37
N HIS A 89 -8.77 29.98 -21.77
CA HIS A 89 -8.75 29.62 -23.21
C HIS A 89 -10.04 30.05 -23.94
N CYS A 90 -11.22 29.81 -23.38
CA CYS A 90 -12.47 30.30 -23.95
C CYS A 90 -12.39 31.81 -24.21
N MET A 91 -11.93 32.62 -23.25
CA MET A 91 -11.76 34.08 -23.43
C MET A 91 -10.79 34.32 -24.59
N TYR A 92 -9.77 33.49 -24.67
CA TYR A 92 -8.73 33.67 -25.71
C TYR A 92 -9.41 33.50 -27.07
N ALA A 93 -10.30 32.49 -27.19
CA ALA A 93 -10.99 32.18 -28.46
C ALA A 93 -11.94 33.34 -28.81
N ILE A 94 -12.60 33.93 -27.82
CA ILE A 94 -13.54 35.07 -28.05
C ILE A 94 -12.75 36.30 -28.46
N LEU A 95 -11.60 36.57 -27.83
CA LEU A 95 -10.82 37.77 -28.15
C LEU A 95 -10.29 37.63 -29.57
N GLN A 96 -9.78 36.45 -29.87
CA GLN A 96 -9.15 36.14 -31.18
C GLN A 96 -10.18 36.13 -32.29
N ASN A 97 -11.46 35.85 -32.01
CA ASN A 97 -12.55 35.88 -33.03
C ASN A 97 -13.24 37.26 -33.09
N ASN A 98 -12.85 38.21 -32.23
CA ASN A 98 -13.38 39.60 -32.22
C ASN A 98 -12.21 40.55 -32.09
N HIS A 99 -11.24 40.40 -32.99
CA HIS A 99 -9.92 41.08 -32.99
C HIS A 99 -10.06 42.57 -32.63
N THR A 100 -10.89 43.28 -33.38
CA THR A 100 -10.83 44.75 -33.42
C THR A 100 -11.68 45.34 -32.30
N LEU A 101 -12.47 44.55 -31.55
CA LEU A 101 -13.50 45.13 -30.64
C LEU A 101 -12.91 45.47 -29.29
N PHE A 102 -11.70 45.02 -28.97
CA PHE A 102 -11.21 45.16 -27.58
C PHE A 102 -9.94 45.99 -27.56
N THR A 103 -9.84 46.85 -26.56
CA THR A 103 -8.67 47.72 -26.35
C THR A 103 -7.47 46.86 -25.98
N ASP A 104 -6.33 47.50 -25.69
CA ASP A 104 -5.06 46.80 -25.36
C ASP A 104 -5.13 46.29 -23.91
N LEU A 105 -5.57 47.17 -23.03
CA LEU A 105 -5.70 46.89 -21.59
C LEU A 105 -6.70 45.76 -21.41
N GLU A 106 -7.77 45.79 -22.19
CA GLU A 106 -8.85 44.81 -21.99
C GLU A 106 -8.29 43.42 -22.26
N ARG A 107 -7.56 43.28 -23.36
CA ARG A 107 -7.01 41.98 -23.80
C ARG A 107 -6.04 41.50 -22.72
N LYS A 108 -5.24 42.41 -22.18
CA LYS A 108 -4.29 42.21 -21.05
C LYS A 108 -4.97 41.76 -19.76
N GLY A 109 -6.06 42.42 -19.39
CA GLY A 109 -6.72 42.20 -18.09
C GLY A 109 -7.59 40.96 -18.10
N LEU A 110 -8.26 40.69 -19.21
CA LEU A 110 -9.32 39.65 -19.20
C LEU A 110 -8.69 38.25 -19.09
N LEU A 111 -7.58 37.97 -19.74
CA LEU A 111 -6.98 36.59 -19.72
C LEU A 111 -6.46 36.30 -18.33
N ILE A 112 -5.87 37.32 -17.73
CA ILE A 112 -5.39 37.33 -16.34
C ILE A 112 -6.61 37.15 -15.44
N ALA A 113 -7.63 37.91 -15.68
CA ALA A 113 -8.86 37.85 -14.84
C ALA A 113 -9.44 36.43 -14.91
N CYS A 114 -9.41 35.81 -16.07
CA CYS A 114 -10.00 34.45 -16.23
C CYS A 114 -9.14 33.43 -15.48
N LEU A 115 -7.84 33.53 -15.60
CA LEU A 115 -6.92 32.66 -14.85
C LEU A 115 -7.07 32.85 -13.33
N CYS A 116 -7.36 34.08 -12.89
CA CYS A 116 -7.46 34.36 -11.43
C CYS A 116 -8.87 34.25 -10.82
N HIS A 117 -9.92 33.91 -11.56
CA HIS A 117 -11.33 34.25 -11.21
C HIS A 117 -11.87 33.36 -10.10
N ASP A 118 -11.26 32.20 -9.86
CA ASP A 118 -11.71 31.23 -8.83
C ASP A 118 -10.59 30.92 -7.86
N LEU A 119 -9.51 31.70 -7.87
CA LEU A 119 -8.41 31.65 -6.87
C LEU A 119 -8.88 31.30 -5.45
N ASP A 120 -8.31 30.23 -4.89
CA ASP A 120 -8.49 29.82 -3.49
C ASP A 120 -9.94 29.41 -3.26
N HIS A 121 -10.56 28.77 -4.23
CA HIS A 121 -11.91 28.22 -4.11
C HIS A 121 -11.83 26.93 -3.30
N ARG A 122 -12.78 26.76 -2.38
CA ARG A 122 -12.70 25.59 -1.46
C ARG A 122 -13.73 24.56 -1.90
N GLY A 123 -14.49 24.84 -2.95
CA GLY A 123 -15.41 23.89 -3.58
C GLY A 123 -16.81 24.10 -3.05
N PHE A 124 -17.12 25.30 -2.54
CA PHE A 124 -18.40 25.55 -1.85
C PHE A 124 -19.03 26.84 -2.36
N SER A 125 -20.34 26.84 -2.44
CA SER A 125 -21.12 27.99 -2.91
C SER A 125 -21.11 29.08 -1.84
N ASN A 126 -21.38 30.31 -2.27
CA ASN A 126 -21.60 31.46 -1.37
C ASN A 126 -22.66 31.10 -0.32
N SER A 127 -23.75 30.46 -0.72
CA SER A 127 -24.85 30.00 0.16
C SER A 127 -24.31 29.17 1.31
N TYR A 128 -23.47 28.18 1.03
CA TYR A 128 -22.93 27.31 2.11
C TYR A 128 -22.09 28.19 3.07
N LEU A 129 -21.24 29.10 2.54
CA LEU A 129 -20.38 29.98 3.38
C LEU A 129 -21.27 30.80 4.30
N GLN A 130 -22.39 31.26 3.78
CA GLN A 130 -23.32 32.10 4.57
C GLN A 130 -23.98 31.26 5.68
N LYS A 131 -24.40 30.05 5.35
CA LYS A 131 -25.09 29.15 6.33
C LYS A 131 -24.10 28.60 7.33
N PHE A 132 -22.88 28.32 6.90
CA PHE A 132 -21.83 27.87 7.85
C PHE A 132 -21.48 29.05 8.79
N ASP A 133 -21.61 30.29 8.29
CA ASP A 133 -21.20 31.51 9.02
C ASP A 133 -19.67 31.56 8.96
N HIS A 134 -19.15 31.44 7.73
CA HIS A 134 -17.69 31.57 7.47
C HIS A 134 -17.28 33.03 7.63
N PRO A 135 -16.09 33.35 8.20
CA PRO A 135 -15.59 34.72 8.24
C PRO A 135 -15.67 35.50 6.91
N LEU A 136 -15.42 34.84 5.78
CA LEU A 136 -15.50 35.54 4.47
C LEU A 136 -16.92 36.08 4.25
N ALA A 137 -17.92 35.38 4.77
CA ALA A 137 -19.34 35.79 4.69
C ALA A 137 -19.58 37.05 5.53
N ALA A 138 -18.81 37.29 6.60
CA ALA A 138 -18.86 38.55 7.38
C ALA A 138 -18.05 39.64 6.66
N LEU A 139 -16.89 39.29 6.09
CA LEU A 139 -16.05 40.25 5.32
C LEU A 139 -16.77 40.67 4.02
N TYR A 140 -17.44 39.77 3.31
CA TYR A 140 -18.07 40.06 1.99
C TYR A 140 -19.48 39.48 1.99
N SER A 141 -20.46 40.36 2.23
CA SER A 141 -21.88 40.01 2.40
C SER A 141 -22.53 39.56 1.09
N THR A 142 -22.08 40.07 -0.05
CA THR A 142 -22.58 39.62 -1.38
C THR A 142 -21.41 39.32 -2.27
N SER A 143 -21.64 38.42 -3.21
CA SER A 143 -20.58 37.87 -4.07
C SER A 143 -19.36 37.44 -3.23
N THR A 144 -19.61 36.69 -2.16
CA THR A 144 -18.60 36.41 -1.10
C THR A 144 -17.31 35.87 -1.73
N MET A 145 -17.34 34.68 -2.34
CA MET A 145 -16.12 34.04 -2.91
C MET A 145 -15.52 34.95 -3.99
N GLU A 146 -16.36 35.60 -4.79
CA GLU A 146 -15.80 36.44 -5.91
C GLU A 146 -14.99 37.64 -5.38
N GLN A 147 -15.30 38.20 -4.22
CA GLN A 147 -14.53 39.34 -3.65
C GLN A 147 -13.21 38.79 -3.10
N HIS A 148 -13.26 37.61 -2.54
CA HIS A 148 -12.06 36.90 -2.06
C HIS A 148 -11.15 36.60 -3.23
N HIS A 149 -11.65 36.08 -4.33
CA HIS A 149 -10.81 35.74 -5.51
C HIS A 149 -10.04 36.98 -5.98
N PHE A 150 -10.73 38.11 -6.08
CA PHE A 150 -10.09 39.37 -6.53
C PHE A 150 -9.00 39.78 -5.53
N SER A 151 -9.33 39.76 -4.25
CA SER A 151 -8.39 40.02 -3.13
C SER A 151 -7.11 39.18 -3.32
N GLN A 152 -7.27 37.88 -3.63
CA GLN A 152 -6.12 36.96 -3.77
C GLN A 152 -5.30 37.39 -4.98
N THR A 153 -5.97 37.81 -6.04
CA THR A 153 -5.30 38.27 -7.26
C THR A 153 -4.40 39.47 -6.98
N VAL A 154 -4.95 40.46 -6.29
CA VAL A 154 -4.19 41.70 -5.90
C VAL A 154 -2.98 41.31 -5.02
N SER A 155 -3.20 40.47 -4.01
CA SER A 155 -2.16 39.98 -3.08
C SER A 155 -0.97 39.36 -3.84
N ILE A 156 -1.25 38.53 -4.84
CA ILE A 156 -0.22 37.86 -5.70
C ILE A 156 0.48 38.93 -6.52
N LEU A 157 -0.26 39.82 -7.16
CA LEU A 157 0.32 40.92 -7.98
C LEU A 157 1.33 41.68 -7.13
N GLN A 158 1.07 41.78 -5.81
CA GLN A 158 1.86 42.58 -4.87
C GLN A 158 2.99 41.78 -4.25
N LEU A 159 3.22 40.54 -4.65
CA LEU A 159 4.44 39.79 -4.24
C LEU A 159 5.63 40.34 -5.01
N GLU A 160 6.81 40.17 -4.43
CA GLU A 160 8.04 40.66 -5.09
C GLU A 160 8.25 39.92 -6.40
N GLY A 161 8.53 40.68 -7.47
CA GLY A 161 8.79 40.16 -8.83
C GLY A 161 7.54 39.61 -9.51
N HIS A 162 6.34 39.98 -9.05
CA HIS A 162 5.07 39.34 -9.48
C HIS A 162 4.20 40.39 -10.16
N ASN A 163 4.69 41.61 -10.27
CA ASN A 163 3.87 42.68 -10.85
C ASN A 163 4.06 42.74 -12.35
N ILE A 164 3.29 41.91 -13.05
CA ILE A 164 3.25 41.82 -14.53
C ILE A 164 2.73 43.12 -15.14
N PHE A 165 2.14 44.03 -14.35
CA PHE A 165 1.63 45.33 -14.86
C PHE A 165 2.60 46.49 -14.58
N SER A 166 3.82 46.19 -14.16
CA SER A 166 4.87 47.16 -13.76
C SER A 166 5.01 48.31 -14.78
N THR A 167 5.03 48.02 -16.07
CA THR A 167 5.30 48.99 -17.17
C THR A 167 4.07 49.88 -17.48
N LEU A 168 2.91 49.63 -16.87
CA LEU A 168 1.75 50.52 -17.09
C LEU A 168 1.96 51.76 -16.24
N SER A 169 1.47 52.90 -16.73
CA SER A 169 1.28 54.15 -15.96
C SER A 169 0.19 53.97 -14.89
N SER A 170 0.16 54.87 -13.92
CA SER A 170 -0.79 54.86 -12.79
C SER A 170 -2.25 54.84 -13.29
N SER A 171 -2.52 55.44 -14.46
CA SER A 171 -3.88 55.51 -15.07
C SER A 171 -4.28 54.14 -15.59
N GLU A 172 -3.48 53.62 -16.52
CA GLU A 172 -3.62 52.30 -17.15
C GLU A 172 -3.58 51.21 -16.10
N TYR A 173 -2.87 51.41 -14.98
CA TYR A 173 -2.76 50.39 -13.91
C TYR A 173 -4.10 50.32 -13.17
N GLU A 174 -4.71 51.47 -12.87
CA GLU A 174 -6.01 51.49 -12.16
C GLU A 174 -7.11 51.02 -13.12
N GLN A 175 -6.97 51.32 -14.41
CA GLN A 175 -7.95 50.86 -15.42
C GLN A 175 -7.93 49.32 -15.55
N VAL A 176 -6.75 48.71 -15.61
CA VAL A 176 -6.66 47.24 -15.74
C VAL A 176 -7.17 46.56 -14.45
N LEU A 177 -6.91 47.07 -13.26
CA LEU A 177 -7.31 46.39 -12.00
C LEU A 177 -8.83 46.48 -11.84
N GLU A 178 -9.42 47.53 -12.38
CA GLU A 178 -10.87 47.77 -12.30
C GLU A 178 -11.57 46.87 -13.31
N ILE A 179 -10.96 46.71 -14.49
CA ILE A 179 -11.41 45.71 -15.51
C ILE A 179 -11.43 44.34 -14.87
N ILE A 180 -10.33 43.97 -14.25
CA ILE A 180 -10.18 42.63 -13.61
C ILE A 180 -11.20 42.48 -12.49
N ARG A 181 -11.43 43.52 -11.68
CA ARG A 181 -12.37 43.42 -10.54
C ARG A 181 -13.80 43.17 -11.05
N LYS A 182 -14.26 44.00 -11.96
CA LYS A 182 -15.60 43.82 -12.57
C LYS A 182 -15.70 42.44 -13.22
N ALA A 183 -14.64 41.99 -13.89
CA ALA A 183 -14.70 40.71 -14.62
C ALA A 183 -14.85 39.58 -13.59
N ILE A 184 -14.09 39.65 -12.50
CA ILE A 184 -14.14 38.57 -11.48
C ILE A 184 -15.47 38.61 -10.75
N ILE A 185 -15.91 39.79 -10.36
CA ILE A 185 -17.21 39.94 -9.65
C ILE A 185 -18.33 39.38 -10.52
N ALA A 186 -18.26 39.57 -11.83
CA ALA A 186 -19.34 39.16 -12.77
C ALA A 186 -19.50 37.63 -12.85
N THR A 187 -18.54 36.86 -12.38
CA THR A 187 -18.60 35.38 -12.46
C THR A 187 -19.49 34.87 -11.34
N ASP A 188 -20.05 35.77 -10.54
CA ASP A 188 -21.06 35.39 -9.53
C ASP A 188 -22.35 35.17 -10.28
N LEU A 189 -22.73 33.91 -10.42
CA LEU A 189 -23.91 33.52 -11.27
C LEU A 189 -25.18 34.24 -10.78
N ALA A 190 -25.30 34.59 -9.50
CA ALA A 190 -26.48 35.34 -9.00
C ALA A 190 -26.60 36.67 -9.77
N LEU A 191 -25.49 37.28 -10.16
CA LEU A 191 -25.48 38.55 -10.91
C LEU A 191 -25.73 38.35 -12.40
N TYR A 192 -25.49 37.16 -12.94
CA TYR A 192 -25.64 36.87 -14.39
C TYR A 192 -27.04 37.24 -14.91
N PHE A 193 -28.09 36.85 -14.21
CA PHE A 193 -29.46 36.87 -14.80
C PHE A 193 -29.86 38.31 -15.11
N GLY A 194 -29.70 39.17 -14.10
CA GLY A 194 -30.04 40.58 -14.23
C GLY A 194 -29.27 41.19 -15.36
N ASN A 195 -28.00 40.86 -15.45
CA ASN A 195 -27.08 41.47 -16.43
C ASN A 195 -27.49 41.09 -17.86
N ARG A 196 -27.77 39.81 -18.10
CA ARG A 196 -28.17 39.35 -19.44
C ARG A 196 -29.50 40.01 -19.83
N LYS A 197 -30.45 40.17 -18.91
CA LYS A 197 -31.79 40.74 -19.23
C LYS A 197 -31.58 42.15 -19.78
N GLN A 198 -30.77 42.94 -19.10
CA GLN A 198 -30.48 44.34 -19.47
C GLN A 198 -29.78 44.33 -20.82
N LEU A 199 -28.84 43.41 -21.02
CA LEU A 199 -28.16 43.30 -22.34
C LEU A 199 -29.18 42.93 -23.43
N GLU A 200 -30.13 42.05 -23.16
CA GLU A 200 -31.14 41.61 -24.14
C GLU A 200 -31.99 42.82 -24.51
N GLU A 201 -32.58 43.48 -23.50
CA GLU A 201 -33.45 44.69 -23.65
C GLU A 201 -32.67 45.75 -24.45
N MET A 202 -31.45 46.05 -24.04
CA MET A 202 -30.59 47.04 -24.74
C MET A 202 -30.42 46.67 -26.19
N TYR A 203 -30.04 45.44 -26.47
CA TYR A 203 -29.75 44.98 -27.84
C TYR A 203 -31.00 45.04 -28.74
N GLN A 204 -32.19 44.76 -28.19
CA GLN A 204 -33.49 44.72 -28.91
C GLN A 204 -34.08 46.13 -29.10
N THR A 205 -33.95 47.03 -28.12
CA THR A 205 -34.29 48.46 -28.30
C THR A 205 -33.15 49.22 -28.99
N GLY A 206 -32.05 48.59 -29.40
CA GLY A 206 -30.97 49.27 -30.16
C GLY A 206 -30.27 50.38 -29.40
N SER A 207 -30.34 50.42 -28.06
CA SER A 207 -29.60 51.42 -27.28
C SER A 207 -28.18 50.89 -26.99
N LEU A 208 -27.83 49.68 -27.41
CA LEU A 208 -26.53 49.09 -26.99
C LEU A 208 -25.43 49.86 -27.70
N ASN A 209 -24.43 50.27 -26.94
CA ASN A 209 -23.45 51.23 -27.43
C ASN A 209 -22.11 50.91 -26.80
N LEU A 210 -21.17 50.34 -27.56
CA LEU A 210 -19.91 49.77 -27.04
C LEU A 210 -18.93 50.90 -26.70
N ASN A 211 -19.37 52.16 -26.80
CA ASN A 211 -18.59 53.36 -26.41
C ASN A 211 -19.08 53.87 -25.07
N ASN A 212 -20.20 53.34 -24.61
CA ASN A 212 -20.68 53.55 -23.23
C ASN A 212 -19.90 52.57 -22.38
N GLN A 213 -18.97 53.09 -21.59
CA GLN A 213 -18.14 52.27 -20.68
C GLN A 213 -19.08 51.38 -19.84
N SER A 214 -20.15 51.96 -19.30
CA SER A 214 -21.13 51.18 -18.50
C SER A 214 -21.66 50.01 -19.35
N HIS A 215 -21.75 50.16 -20.67
CA HIS A 215 -22.30 49.10 -21.56
C HIS A 215 -21.25 48.01 -21.81
N ARG A 216 -20.00 48.44 -22.04
CA ARG A 216 -18.87 47.51 -22.19
C ARG A 216 -18.73 46.64 -20.94
N ASP A 217 -18.79 47.25 -19.76
CA ASP A 217 -18.75 46.52 -18.46
C ASP A 217 -19.71 45.33 -18.55
N ARG A 218 -20.96 45.57 -18.92
CA ARG A 218 -22.00 44.51 -19.03
C ARG A 218 -21.60 43.41 -20.05
N VAL A 219 -21.15 43.82 -21.22
CA VAL A 219 -20.72 42.91 -22.31
C VAL A 219 -19.56 42.08 -21.79
N ILE A 220 -18.59 42.69 -21.12
CA ILE A 220 -17.47 41.91 -20.53
C ILE A 220 -18.02 40.94 -19.47
N GLY A 221 -18.91 41.38 -18.61
CA GLY A 221 -19.52 40.46 -17.65
C GLY A 221 -20.11 39.26 -18.35
N LEU A 222 -20.88 39.46 -19.42
CA LEU A 222 -21.56 38.31 -20.07
C LEU A 222 -20.56 37.33 -20.66
N MET A 223 -19.54 37.82 -21.35
CA MET A 223 -18.35 37.05 -21.80
C MET A 223 -17.74 36.25 -20.64
N MET A 224 -17.68 36.80 -19.46
CA MET A 224 -17.05 36.10 -18.33
C MET A 224 -17.96 34.93 -17.95
N THR A 225 -19.27 35.16 -17.92
CA THR A 225 -20.21 34.04 -17.66
C THR A 225 -20.02 32.98 -18.74
N ALA A 226 -20.01 33.39 -19.99
CA ALA A 226 -19.88 32.44 -21.11
C ALA A 226 -18.61 31.59 -20.96
N CYS A 227 -17.48 32.19 -20.57
CA CYS A 227 -16.18 31.50 -20.42
C CYS A 227 -16.29 30.56 -19.22
N ASP A 228 -16.79 31.09 -18.14
CA ASP A 228 -16.95 30.34 -16.90
C ASP A 228 -17.75 29.07 -17.11
N LEU A 229 -18.77 29.11 -17.96
CA LEU A 229 -19.71 27.95 -18.11
C LEU A 229 -19.30 27.08 -19.30
N CYS A 230 -18.11 27.27 -19.85
CA CYS A 230 -17.76 26.73 -21.19
C CYS A 230 -17.54 25.20 -21.20
N SER A 231 -17.68 24.51 -20.07
CA SER A 231 -17.65 23.03 -20.10
C SER A 231 -18.89 22.50 -20.85
N VAL A 232 -19.97 23.30 -20.93
CA VAL A 232 -21.24 22.92 -21.61
C VAL A 232 -21.08 23.14 -23.13
N THR A 233 -19.95 23.67 -23.60
CA THR A 233 -19.72 24.04 -25.02
C THR A 233 -18.66 23.14 -25.63
N LYS A 234 -18.36 22.01 -25.00
CA LYS A 234 -17.27 21.11 -25.44
C LYS A 234 -17.88 19.99 -26.25
N LEU A 235 -17.06 19.15 -26.84
CA LEU A 235 -17.59 17.87 -27.39
C LEU A 235 -18.14 17.04 -26.23
N TRP A 236 -19.19 16.27 -26.52
CA TRP A 236 -20.07 15.60 -25.53
C TRP A 236 -19.29 14.80 -24.48
N PRO A 237 -18.26 14.02 -24.85
CA PRO A 237 -17.47 13.26 -23.88
C PRO A 237 -16.76 14.13 -22.85
N VAL A 238 -16.26 15.28 -23.27
CA VAL A 238 -15.64 16.26 -22.31
C VAL A 238 -16.73 16.81 -21.37
N THR A 239 -17.81 17.32 -21.96
CA THR A 239 -18.98 17.89 -21.25
C THR A 239 -19.51 16.86 -20.23
N LYS A 240 -19.67 15.62 -20.67
CA LYS A 240 -20.24 14.56 -19.82
C LYS A 240 -19.25 14.20 -18.70
N LEU A 241 -17.97 14.13 -18.98
CA LEU A 241 -16.97 13.78 -17.95
C LEU A 241 -16.72 14.94 -17.00
N THR A 242 -16.73 16.18 -17.50
CA THR A 242 -16.64 17.36 -16.58
C THR A 242 -17.82 17.37 -15.59
N ALA A 243 -19.00 16.91 -16.00
CA ALA A 243 -20.22 16.96 -15.16
C ALA A 243 -19.98 16.12 -13.91
N ASN A 244 -19.35 14.95 -14.07
CA ASN A 244 -18.92 14.11 -12.92
C ASN A 244 -18.15 14.96 -11.88
N ASP A 245 -17.14 15.72 -12.31
CA ASP A 245 -16.37 16.62 -11.38
C ASP A 245 -17.24 17.73 -10.80
N ILE A 246 -18.16 18.31 -11.59
CA ILE A 246 -19.08 19.37 -11.10
C ILE A 246 -19.93 18.79 -9.96
N TYR A 247 -20.54 17.66 -10.20
CA TYR A 247 -21.47 17.08 -9.20
C TYR A 247 -20.75 16.50 -8.00
N ALA A 248 -19.45 16.17 -8.12
CA ALA A 248 -18.65 15.70 -6.97
C ALA A 248 -18.62 16.82 -5.92
N GLU A 249 -18.46 18.06 -6.35
CA GLU A 249 -18.47 19.25 -5.46
C GLU A 249 -19.91 19.53 -4.97
N PHE A 250 -20.88 19.47 -5.83
CA PHE A 250 -22.29 19.75 -5.41
C PHE A 250 -22.72 18.76 -4.34
N TRP A 251 -22.30 17.51 -4.51
CA TRP A 251 -22.71 16.45 -3.58
C TRP A 251 -21.94 16.55 -2.25
N ALA A 252 -20.68 16.99 -2.29
CA ALA A 252 -19.89 17.25 -1.07
C ALA A 252 -20.53 18.39 -0.32
N GLU A 253 -20.92 19.49 -0.96
CA GLU A 253 -21.65 20.61 -0.31
C GLU A 253 -23.03 20.17 0.23
N GLY A 254 -23.76 19.36 -0.53
CA GLY A 254 -24.98 18.72 -0.03
C GLY A 254 -24.71 17.97 1.27
N ASP A 255 -23.58 17.27 1.38
CA ASP A 255 -23.25 16.51 2.60
C ASP A 255 -23.03 17.50 3.76
N GLU A 256 -22.29 18.57 3.49
CA GLU A 256 -21.98 19.59 4.52
C GLU A 256 -23.25 20.36 4.92
N MET A 257 -24.24 20.47 4.02
CA MET A 257 -25.52 21.12 4.37
C MET A 257 -26.22 20.21 5.41
N LYS A 258 -26.30 18.92 5.14
CA LYS A 258 -26.96 17.94 6.02
C LYS A 258 -26.26 17.92 7.37
N LYS A 259 -24.94 18.01 7.40
CA LYS A 259 -24.19 18.15 8.68
C LYS A 259 -24.65 19.39 9.44
N LEU A 260 -24.94 20.50 8.77
CA LEU A 260 -25.50 21.71 9.41
C LEU A 260 -27.00 21.56 9.71
N GLY A 261 -27.59 20.38 9.49
CA GLY A 261 -29.01 20.13 9.82
C GLY A 261 -29.95 20.78 8.80
N ILE A 262 -29.49 20.92 7.56
CA ILE A 262 -30.30 21.53 6.46
C ILE A 262 -30.43 20.49 5.33
N GLN A 263 -31.63 20.20 4.86
CA GLN A 263 -31.79 19.38 3.64
C GLN A 263 -31.33 20.24 2.46
N PRO A 264 -30.40 19.73 1.65
CA PRO A 264 -29.93 20.48 0.50
C PRO A 264 -30.96 20.48 -0.64
N ILE A 265 -30.91 21.46 -1.52
CA ILE A 265 -31.64 21.39 -2.82
C ILE A 265 -31.20 20.11 -3.51
N PRO A 266 -32.09 19.49 -4.31
CA PRO A 266 -31.82 18.22 -4.98
C PRO A 266 -30.53 18.16 -5.83
N MET A 267 -30.15 19.27 -6.45
CA MET A 267 -28.92 19.43 -7.25
C MET A 267 -27.71 18.94 -6.43
N MET A 268 -27.75 19.14 -5.12
CA MET A 268 -26.61 18.94 -4.19
C MET A 268 -26.81 17.64 -3.39
N ASP A 269 -27.98 17.03 -3.50
CA ASP A 269 -28.31 15.79 -2.77
C ASP A 269 -27.83 14.59 -3.60
N ARG A 270 -26.86 13.86 -3.09
CA ARG A 270 -26.35 12.68 -3.83
C ARG A 270 -27.37 11.53 -3.79
N ASP A 271 -28.36 11.59 -2.92
CA ASP A 271 -29.46 10.58 -2.89
C ASP A 271 -30.40 10.75 -4.06
N LYS A 272 -30.33 11.88 -4.76
CA LYS A 272 -31.20 12.24 -5.91
C LYS A 272 -30.33 12.32 -7.17
N LYS A 273 -29.48 11.33 -7.35
CA LYS A 273 -28.53 11.21 -8.49
C LYS A 273 -29.31 11.00 -9.78
N ASP A 274 -30.30 10.11 -9.71
CA ASP A 274 -31.35 9.85 -10.73
C ASP A 274 -31.79 11.16 -11.41
N GLU A 275 -31.86 12.31 -10.71
CA GLU A 275 -32.48 13.56 -11.26
C GLU A 275 -31.51 14.42 -12.05
N VAL A 276 -30.23 14.06 -12.07
CA VAL A 276 -29.17 14.86 -12.75
C VAL A 276 -29.57 15.23 -14.17
N PRO A 277 -29.86 14.25 -15.07
CA PRO A 277 -30.15 14.57 -16.47
C PRO A 277 -31.25 15.63 -16.67
N GLN A 278 -32.29 15.60 -15.84
CA GLN A 278 -33.37 16.62 -15.86
C GLN A 278 -32.87 17.97 -15.32
N GLY A 279 -32.11 17.95 -14.21
CA GLY A 279 -31.44 19.11 -13.63
C GLY A 279 -30.53 19.84 -14.62
N GLN A 280 -29.87 19.11 -15.52
CA GLN A 280 -29.03 19.69 -16.60
C GLN A 280 -29.90 20.40 -17.63
N LEU A 281 -31.02 19.78 -18.04
CA LEU A 281 -31.97 20.42 -19.00
C LEU A 281 -32.33 21.83 -18.52
N GLY A 282 -32.75 21.95 -17.26
CA GLY A 282 -33.11 23.22 -16.62
C GLY A 282 -32.00 24.24 -16.71
N PHE A 283 -30.79 23.82 -16.42
CA PHE A 283 -29.60 24.71 -16.38
C PHE A 283 -29.28 25.17 -17.80
N TYR A 284 -29.35 24.27 -18.77
CA TYR A 284 -29.18 24.64 -20.21
C TYR A 284 -30.30 25.58 -20.64
N ASN A 285 -31.54 25.27 -20.29
CA ASN A 285 -32.69 26.14 -20.71
C ASN A 285 -32.69 27.47 -19.92
N ALA A 286 -32.53 27.43 -18.60
CA ALA A 286 -32.55 28.69 -17.78
C ALA A 286 -31.25 29.49 -17.87
N VAL A 287 -30.11 28.84 -18.10
CA VAL A 287 -28.81 29.55 -17.91
C VAL A 287 -27.98 29.54 -19.18
N ALA A 288 -27.52 28.38 -19.62
CA ALA A 288 -26.45 28.33 -20.63
C ALA A 288 -26.97 28.83 -21.99
N ILE A 289 -28.11 28.34 -22.45
CA ILE A 289 -28.56 28.70 -23.83
C ILE A 289 -28.83 30.21 -23.89
N PRO A 290 -29.64 30.78 -22.99
CA PRO A 290 -29.84 32.23 -23.00
C PRO A 290 -28.53 33.00 -22.97
N CYS A 291 -27.52 32.48 -22.22
CA CYS A 291 -26.21 33.15 -22.08
C CYS A 291 -25.55 33.24 -23.45
N TYR A 292 -25.37 32.11 -24.17
CA TYR A 292 -24.61 32.12 -25.46
C TYR A 292 -25.44 32.67 -26.62
N THR A 293 -26.77 32.62 -26.52
CA THR A 293 -27.69 33.37 -27.44
C THR A 293 -27.44 34.90 -27.37
N THR A 294 -27.59 35.51 -26.20
CA THR A 294 -27.36 36.98 -26.03
C THR A 294 -25.92 37.30 -26.43
N LEU A 295 -24.96 36.41 -26.08
CA LEU A 295 -23.56 36.63 -26.49
C LEU A 295 -23.45 36.60 -28.02
N THR A 296 -24.06 35.63 -28.68
CA THR A 296 -23.95 35.52 -30.18
C THR A 296 -24.57 36.75 -30.86
N GLN A 297 -25.69 37.25 -30.33
CA GLN A 297 -26.31 38.52 -30.78
C GLN A 297 -25.33 39.68 -30.69
N ILE A 298 -24.61 39.80 -29.59
CA ILE A 298 -23.74 40.99 -29.40
C ILE A 298 -22.40 40.74 -30.09
N LEU A 299 -21.93 39.48 -30.13
CA LEU A 299 -20.60 39.17 -30.74
C LEU A 299 -20.77 38.00 -31.71
N PRO A 300 -21.25 38.27 -32.92
CA PRO A 300 -21.62 37.23 -33.87
C PRO A 300 -20.67 36.05 -34.04
N PRO A 301 -19.35 36.29 -34.07
CA PRO A 301 -18.37 35.21 -34.20
C PRO A 301 -18.23 34.24 -33.00
N THR A 302 -19.09 34.32 -32.00
CA THR A 302 -19.10 33.39 -30.84
C THR A 302 -20.17 32.32 -31.08
N GLU A 303 -20.78 32.33 -32.26
CA GLU A 303 -21.93 31.44 -32.54
C GLU A 303 -21.55 29.98 -32.27
N PRO A 304 -20.30 29.54 -32.55
CA PRO A 304 -19.91 28.16 -32.23
C PRO A 304 -20.18 27.73 -30.77
N LEU A 305 -20.21 28.66 -29.80
CA LEU A 305 -20.49 28.28 -28.38
C LEU A 305 -21.98 27.98 -28.25
N LEU A 306 -22.83 28.82 -28.85
CA LEU A 306 -24.30 28.51 -28.88
C LEU A 306 -24.51 27.14 -29.53
N LYS A 307 -23.82 26.84 -30.63
CA LYS A 307 -24.14 25.63 -31.40
C LYS A 307 -23.70 24.38 -30.60
N ALA A 308 -22.49 24.42 -30.02
CA ALA A 308 -21.95 23.33 -29.18
C ALA A 308 -22.89 23.10 -28.01
N CYS A 309 -23.41 24.15 -27.44
CA CYS A 309 -24.27 24.11 -26.24
C CYS A 309 -25.62 23.47 -26.59
N ARG A 310 -26.24 23.93 -27.66
CA ARG A 310 -27.45 23.24 -28.19
C ARG A 310 -27.19 21.73 -28.40
N ASP A 311 -26.07 21.37 -29.03
CA ASP A 311 -25.73 19.95 -29.31
C ASP A 311 -25.73 19.12 -28.02
N ASN A 312 -25.18 19.67 -26.91
CA ASN A 312 -25.10 18.98 -25.60
C ASN A 312 -26.48 18.96 -24.94
N LEU A 313 -27.23 20.04 -25.00
CA LEU A 313 -28.67 19.97 -24.61
C LEU A 313 -29.30 18.75 -25.28
N SER A 314 -29.11 18.62 -26.56
CA SER A 314 -29.66 17.45 -27.30
C SER A 314 -29.14 16.13 -26.72
N GLN A 315 -27.86 16.07 -26.35
CA GLN A 315 -27.27 14.84 -25.78
C GLN A 315 -27.90 14.46 -24.42
N TRP A 316 -28.20 15.45 -23.57
CA TRP A 316 -28.87 15.21 -22.26
C TRP A 316 -30.31 14.75 -22.49
N GLU A 317 -30.97 15.33 -23.48
CA GLU A 317 -32.33 14.91 -23.89
C GLU A 317 -32.29 13.44 -24.31
N LYS A 318 -31.18 13.02 -24.94
CA LYS A 318 -30.99 11.61 -25.34
C LYS A 318 -30.70 10.74 -24.11
N VAL A 319 -30.07 11.26 -23.06
CA VAL A 319 -29.86 10.48 -21.80
C VAL A 319 -31.23 10.17 -21.15
N ILE A 320 -32.07 11.18 -20.94
CA ILE A 320 -33.40 11.03 -20.29
C ILE A 320 -34.23 9.99 -21.06
N ARG A 321 -34.23 10.05 -22.40
CA ARG A 321 -35.02 9.14 -23.26
C ARG A 321 -34.45 7.71 -23.32
N GLY A 322 -33.52 7.34 -22.44
CA GLY A 322 -32.95 5.97 -22.41
C GLY A 322 -32.05 5.67 -23.61
N GLU A 323 -31.88 6.61 -24.55
CA GLU A 323 -31.07 6.45 -25.80
C GLU A 323 -29.56 6.70 -25.52
N GLU A 324 -29.21 6.96 -24.26
CA GLU A 324 -27.83 6.88 -23.69
C GLU A 324 -27.89 7.30 -22.21
N GLN B 11 32.30 2.71 9.14
CA GLN B 11 30.96 2.88 8.52
C GLN B 11 30.84 2.10 7.18
N GLY B 12 31.29 0.85 7.14
CA GLY B 12 31.19 0.04 5.92
C GLY B 12 30.57 -1.32 6.15
N LEU B 13 30.70 -1.86 7.37
CA LEU B 13 30.13 -3.19 7.75
C LEU B 13 28.72 -3.00 8.35
N MET B 14 27.87 -2.23 7.65
CA MET B 14 26.44 -1.99 7.99
C MET B 14 25.55 -2.79 7.05
N GLN B 15 25.34 -4.07 7.32
CA GLN B 15 24.32 -4.83 6.56
C GLN B 15 22.98 -4.15 6.88
N PHE B 16 22.07 -4.05 5.91
CA PHE B 16 20.66 -3.70 6.16
C PHE B 16 19.98 -4.96 6.64
N THR B 17 19.09 -4.80 7.58
CA THR B 17 18.29 -5.91 8.11
C THR B 17 16.82 -5.51 7.99
N LEU B 18 16.02 -6.48 7.65
CA LEU B 18 14.56 -6.36 7.63
C LEU B 18 14.01 -7.01 8.90
N PRO B 19 12.77 -6.71 9.30
CA PRO B 19 12.07 -7.58 10.23
C PRO B 19 12.06 -9.03 9.68
N VAL B 20 11.86 -9.98 10.57
CA VAL B 20 11.97 -11.43 10.28
C VAL B 20 11.09 -11.76 9.08
N ARG B 21 9.79 -11.45 9.11
CA ARG B 21 8.83 -11.96 8.11
C ARG B 21 9.26 -11.49 6.72
N LEU B 22 9.76 -10.26 6.64
CA LEU B 22 10.21 -9.66 5.35
C LEU B 22 11.49 -10.42 4.90
N CYS B 23 12.46 -10.54 5.79
CA CYS B 23 13.71 -11.31 5.60
C CYS B 23 13.45 -12.65 4.93
N LYS B 24 12.47 -13.42 5.42
CA LYS B 24 12.18 -14.76 4.87
C LYS B 24 11.33 -14.69 3.61
N GLU B 25 10.46 -13.71 3.45
CA GLU B 25 9.45 -13.72 2.37
C GLU B 25 10.07 -13.11 1.11
N ILE B 26 11.06 -12.24 1.28
CA ILE B 26 11.60 -11.42 0.17
C ILE B 26 12.36 -12.30 -0.83
N GLU B 27 12.66 -13.54 -0.46
CA GLU B 27 13.42 -14.46 -1.32
C GLU B 27 12.41 -15.15 -2.21
N LEU B 28 11.14 -15.16 -1.79
CA LEU B 28 10.08 -15.70 -2.64
C LEU B 28 9.76 -14.75 -3.80
N PHE B 29 9.45 -15.30 -4.98
CA PHE B 29 8.94 -14.57 -6.15
C PHE B 29 7.62 -13.81 -5.84
N HIS B 30 6.72 -14.37 -5.05
CA HIS B 30 5.37 -13.74 -4.85
C HIS B 30 5.32 -12.75 -3.68
N PHE B 31 6.47 -12.31 -3.18
CA PHE B 31 6.61 -11.27 -2.12
C PHE B 31 5.94 -9.96 -2.57
N ASP B 32 5.07 -9.43 -1.73
CA ASP B 32 4.40 -8.12 -1.87
C ASP B 32 5.14 -7.15 -0.91
N ILE B 33 5.73 -6.08 -1.42
CA ILE B 33 6.56 -5.15 -0.60
C ILE B 33 5.72 -4.39 0.44
N GLY B 34 4.41 -4.48 0.40
CA GLY B 34 3.58 -3.90 1.46
C GLY B 34 3.27 -2.42 1.28
N PRO B 35 2.37 -1.90 2.14
CA PRO B 35 1.85 -0.52 2.03
C PRO B 35 2.58 0.62 2.75
N PHE B 36 3.69 0.33 3.43
CA PHE B 36 4.52 1.34 4.12
C PHE B 36 5.62 1.83 3.18
N GLU B 37 5.36 2.96 2.52
CA GLU B 37 6.24 3.58 1.50
C GLU B 37 7.64 3.79 2.07
N ASN B 38 7.73 4.18 3.34
CA ASN B 38 9.00 4.59 3.99
C ASN B 38 9.89 3.38 4.24
N MET B 39 9.35 2.17 4.12
CA MET B 39 10.19 0.96 4.17
C MET B 39 10.73 0.56 2.77
N TRP B 40 10.25 1.15 1.68
CA TRP B 40 10.58 0.62 0.34
C TRP B 40 12.04 0.93 0.04
N PRO B 41 12.52 2.15 0.28
CA PRO B 41 13.95 2.43 0.06
C PRO B 41 14.87 1.42 0.72
N GLY B 42 14.61 1.06 1.97
CA GLY B 42 15.47 0.10 2.69
C GLY B 42 15.39 -1.27 2.06
N ILE B 43 14.20 -1.70 1.64
CA ILE B 43 14.00 -3.00 0.95
C ILE B 43 14.91 -3.06 -0.29
N PHE B 44 15.00 -1.96 -1.04
CA PHE B 44 15.85 -1.93 -2.25
C PHE B 44 17.33 -2.03 -1.87
N VAL B 45 17.79 -1.22 -0.91
CA VAL B 45 19.21 -1.23 -0.49
C VAL B 45 19.55 -2.63 0.03
N TYR B 46 18.63 -3.27 0.76
CA TYR B 46 18.80 -4.66 1.26
C TYR B 46 19.02 -5.56 0.06
N MET B 47 18.20 -5.38 -0.97
CA MET B 47 18.26 -6.27 -2.17
C MET B 47 19.56 -6.06 -2.90
N VAL B 48 20.00 -4.82 -3.04
CA VAL B 48 21.26 -4.48 -3.75
C VAL B 48 22.45 -5.08 -2.99
N HIS B 49 22.41 -5.11 -1.67
CA HIS B 49 23.57 -5.52 -0.81
C HIS B 49 23.75 -7.02 -0.91
N ARG B 50 22.67 -7.78 -0.89
CA ARG B 50 22.70 -9.26 -0.98
C ARG B 50 22.93 -9.65 -2.44
N SER B 51 22.39 -8.89 -3.37
CA SER B 51 22.39 -9.28 -4.80
C SER B 51 23.78 -9.15 -5.40
N CYS B 52 24.45 -8.02 -5.19
CA CYS B 52 25.80 -7.84 -5.80
C CYS B 52 26.83 -7.32 -4.80
N GLY B 53 26.47 -7.11 -3.52
CA GLY B 53 27.46 -6.87 -2.47
C GLY B 53 27.29 -5.52 -1.78
N THR B 54 27.73 -5.42 -0.53
CA THR B 54 27.76 -4.15 0.25
C THR B 54 28.75 -3.13 -0.31
N SER B 55 29.60 -3.54 -1.23
CA SER B 55 30.71 -2.75 -1.83
C SER B 55 30.27 -2.14 -3.17
N CYS B 56 29.25 -2.72 -3.81
CA CYS B 56 28.81 -2.32 -5.18
C CYS B 56 28.73 -0.80 -5.23
N PHE B 57 28.16 -0.19 -4.20
CA PHE B 57 27.75 1.24 -4.23
C PHE B 57 28.13 1.89 -2.92
N GLU B 58 28.59 3.13 -3.01
CA GLU B 58 28.79 3.98 -1.82
C GLU B 58 27.40 4.31 -1.28
N LEU B 59 27.12 3.85 -0.06
CA LEU B 59 25.77 3.83 0.54
C LEU B 59 25.13 5.23 0.47
N GLU B 60 25.89 6.28 0.72
CA GLU B 60 25.42 7.69 0.70
C GLU B 60 24.92 8.12 -0.68
N LYS B 61 25.75 8.05 -1.72
CA LYS B 61 25.30 8.26 -3.13
C LYS B 61 24.07 7.38 -3.47
N LEU B 62 24.08 6.10 -3.12
CA LEU B 62 22.98 5.19 -3.47
C LEU B 62 21.68 5.70 -2.86
N CME B 63 21.68 6.08 -1.59
CA CME B 63 20.49 6.60 -0.89
CB CME B 63 20.71 6.76 0.62
SG CME B 63 20.39 5.25 1.57
SD CME B 63 18.42 4.76 1.08
CE CME B 63 17.38 5.27 2.49
CZ CME B 63 17.79 4.58 3.76
OH CME B 63 18.25 5.56 4.68
C CME B 63 20.06 7.89 -1.57
O CME B 63 18.89 8.11 -1.78
N ARG B 64 21.01 8.72 -1.92
CA ARG B 64 20.70 9.97 -2.64
C ARG B 64 20.09 9.70 -4.03
N PHE B 65 20.64 8.74 -4.80
CA PHE B 65 20.08 8.28 -6.09
C PHE B 65 18.62 7.85 -5.90
N ILE B 66 18.39 6.95 -4.96
CA ILE B 66 17.08 6.31 -4.65
C ILE B 66 16.01 7.38 -4.37
N MET B 67 16.31 8.35 -3.52
CA MET B 67 15.33 9.40 -3.13
C MET B 67 15.06 10.33 -4.30
N SER B 68 16.05 10.69 -5.11
CA SER B 68 15.79 11.44 -6.36
C SER B 68 14.91 10.64 -7.36
N VAL B 69 15.18 9.33 -7.54
CA VAL B 69 14.35 8.44 -8.40
C VAL B 69 12.93 8.46 -7.87
N LYS B 70 12.73 8.21 -6.57
CA LYS B 70 11.38 8.16 -5.95
C LYS B 70 10.63 9.46 -6.29
N LYS B 71 11.32 10.56 -6.05
CA LYS B 71 10.81 11.93 -6.28
C LYS B 71 10.30 12.09 -7.71
N ASN B 72 10.88 11.37 -8.69
CA ASN B 72 10.56 11.57 -10.12
C ASN B 72 9.52 10.55 -10.62
N TYR B 73 8.93 9.80 -9.72
CA TYR B 73 7.73 8.98 -9.95
C TYR B 73 6.52 9.79 -9.49
N ARG B 74 5.45 9.76 -10.26
CA ARG B 74 4.23 10.55 -10.05
C ARG B 74 3.19 9.73 -9.29
N ARG B 75 2.22 10.44 -8.74
CA ARG B 75 1.19 9.81 -7.91
C ARG B 75 0.07 9.43 -8.83
N VAL B 76 0.31 8.37 -9.57
CA VAL B 76 -0.65 7.72 -10.48
C VAL B 76 -1.07 6.41 -9.84
N PRO B 77 -2.23 5.85 -10.27
CA PRO B 77 -2.74 4.63 -9.66
C PRO B 77 -1.80 3.40 -9.74
N TYR B 78 -1.06 3.20 -10.81
CA TYR B 78 -0.29 1.95 -11.01
C TYR B 78 1.17 2.23 -11.36
N HIS B 79 1.45 3.10 -12.32
CA HIS B 79 2.83 3.35 -12.82
C HIS B 79 3.57 4.29 -11.85
N ASN B 80 3.65 3.86 -10.59
CA ASN B 80 4.10 4.67 -9.45
C ASN B 80 5.38 4.09 -8.84
N TRP B 81 5.86 4.72 -7.77
CA TRP B 81 7.06 4.31 -7.01
C TRP B 81 6.92 2.86 -6.52
N LYS B 82 5.72 2.43 -6.14
CA LYS B 82 5.55 1.05 -5.61
C LYS B 82 5.81 0.02 -6.72
N HIS B 83 5.40 0.33 -7.94
CA HIS B 83 5.56 -0.55 -9.12
C HIS B 83 7.07 -0.66 -9.38
N ALA B 84 7.79 0.46 -9.30
CA ALA B 84 9.26 0.47 -9.56
C ALA B 84 9.94 -0.52 -8.64
N VAL B 85 9.53 -0.56 -7.37
CA VAL B 85 10.25 -1.36 -6.35
C VAL B 85 9.82 -2.81 -6.47
N THR B 86 8.55 -3.06 -6.81
CA THR B 86 8.02 -4.40 -7.03
C THR B 86 8.75 -5.08 -8.22
N VAL B 87 9.03 -4.35 -9.27
CA VAL B 87 9.70 -4.86 -10.49
C VAL B 87 11.18 -5.11 -10.14
N ALA B 88 11.85 -4.19 -9.47
CA ALA B 88 13.22 -4.46 -8.96
C ALA B 88 13.27 -5.73 -8.09
N HIS B 89 12.27 -5.96 -7.24
CA HIS B 89 12.25 -7.17 -6.37
C HIS B 89 12.11 -8.44 -7.20
N CYS B 90 11.19 -8.49 -8.17
CA CYS B 90 11.13 -9.65 -9.12
C CYS B 90 12.55 -9.88 -9.66
N MET B 91 13.19 -8.84 -10.18
CA MET B 91 14.54 -9.02 -10.76
C MET B 91 15.48 -9.60 -9.68
N TYR B 92 15.34 -9.12 -8.45
CA TYR B 92 16.20 -9.58 -7.34
C TYR B 92 15.99 -11.09 -7.20
N ALA B 93 14.73 -11.56 -7.19
CA ALA B 93 14.39 -13.00 -7.11
C ALA B 93 15.07 -13.78 -8.25
N ILE B 94 15.03 -13.27 -9.47
CA ILE B 94 15.59 -13.99 -10.64
C ILE B 94 17.10 -14.09 -10.48
N LEU B 95 17.78 -12.99 -10.18
CA LEU B 95 19.26 -12.97 -9.99
C LEU B 95 19.68 -13.90 -8.83
N GLN B 96 18.94 -13.94 -7.74
CA GLN B 96 19.34 -14.75 -6.56
C GLN B 96 19.24 -16.24 -6.89
N ASN B 97 18.22 -16.64 -7.65
CA ASN B 97 18.08 -18.06 -8.08
C ASN B 97 18.94 -18.40 -9.32
N ASN B 98 19.61 -17.46 -9.97
CA ASN B 98 20.45 -17.77 -11.17
C ASN B 98 21.78 -17.03 -11.06
N HIS B 99 22.38 -17.02 -9.89
CA HIS B 99 23.40 -15.98 -9.55
C HIS B 99 24.70 -16.19 -10.33
N THR B 100 25.09 -17.40 -10.72
CA THR B 100 26.32 -17.59 -11.51
C THR B 100 26.16 -17.14 -12.98
N LEU B 101 24.94 -17.04 -13.51
CA LEU B 101 24.74 -16.74 -14.95
C LEU B 101 25.14 -15.29 -15.26
N PHE B 102 24.97 -14.38 -14.34
CA PHE B 102 25.12 -12.95 -14.66
C PHE B 102 26.43 -12.40 -14.12
N THR B 103 27.04 -11.54 -14.91
CA THR B 103 28.29 -10.85 -14.50
C THR B 103 27.96 -9.80 -13.44
N ASP B 104 29.02 -9.19 -12.92
CA ASP B 104 28.96 -8.28 -11.77
C ASP B 104 28.31 -6.97 -12.19
N LEU B 105 28.67 -6.48 -13.38
CA LEU B 105 28.02 -5.34 -14.01
C LEU B 105 26.52 -5.60 -14.16
N GLU B 106 26.13 -6.75 -14.70
CA GLU B 106 24.72 -7.01 -15.06
C GLU B 106 23.87 -6.93 -13.79
N ARG B 107 24.28 -7.57 -12.71
CA ARG B 107 23.52 -7.51 -11.43
C ARG B 107 23.37 -6.04 -11.00
N LYS B 108 24.44 -5.26 -11.08
CA LYS B 108 24.45 -3.82 -10.74
C LYS B 108 23.45 -3.04 -11.60
N GLY B 109 23.56 -3.21 -12.91
CA GLY B 109 22.75 -2.46 -13.90
C GLY B 109 21.28 -2.83 -13.87
N LEU B 110 20.99 -4.09 -13.61
CA LEU B 110 19.62 -4.63 -13.77
C LEU B 110 18.70 -4.24 -12.61
N LEU B 111 19.21 -4.11 -11.39
CA LEU B 111 18.35 -3.63 -10.28
C LEU B 111 18.09 -2.14 -10.46
N ILE B 112 19.10 -1.38 -10.86
CA ILE B 112 18.98 0.08 -11.12
C ILE B 112 18.00 0.27 -12.29
N ALA B 113 18.12 -0.54 -13.32
CA ALA B 113 17.27 -0.47 -14.52
C ALA B 113 15.81 -0.65 -14.11
N CYS B 114 15.57 -1.56 -13.19
CA CYS B 114 14.21 -1.92 -12.77
C CYS B 114 13.58 -0.77 -11.97
N LEU B 115 14.38 -0.17 -11.09
CA LEU B 115 13.92 0.95 -10.23
C LEU B 115 13.54 2.14 -11.14
N CYS B 116 14.35 2.43 -12.16
CA CYS B 116 14.20 3.60 -13.05
C CYS B 116 13.29 3.33 -14.28
N HIS B 117 12.77 2.13 -14.52
CA HIS B 117 12.22 1.69 -15.84
C HIS B 117 10.97 2.48 -16.25
N ASP B 118 10.25 3.07 -15.30
CA ASP B 118 8.98 3.76 -15.60
C ASP B 118 9.07 5.22 -15.10
N LEU B 119 10.28 5.71 -14.84
CA LEU B 119 10.55 7.08 -14.32
C LEU B 119 9.73 8.15 -15.04
N ASP B 120 9.07 8.97 -14.24
CA ASP B 120 8.28 10.15 -14.69
C ASP B 120 7.12 9.72 -15.59
N HIS B 121 6.57 8.53 -15.37
CA HIS B 121 5.39 8.02 -16.09
C HIS B 121 4.18 8.90 -15.75
N ARG B 122 3.31 9.18 -16.71
CA ARG B 122 2.14 10.10 -16.44
C ARG B 122 0.89 9.26 -16.35
N GLY B 123 1.04 7.96 -16.52
CA GLY B 123 -0.07 7.00 -16.42
C GLY B 123 -0.72 6.75 -17.76
N PHE B 124 -0.07 7.15 -18.87
CA PHE B 124 -0.65 7.03 -20.25
C PHE B 124 0.31 6.28 -21.19
N SER B 125 -0.30 5.54 -22.12
CA SER B 125 0.42 4.68 -23.07
C SER B 125 1.11 5.51 -24.16
N ASN B 126 2.04 4.86 -24.84
CA ASN B 126 2.74 5.45 -26.03
C ASN B 126 1.73 5.90 -27.09
N SER B 127 0.71 5.09 -27.36
CA SER B 127 -0.34 5.40 -28.36
C SER B 127 -1.05 6.67 -27.92
N TYR B 128 -1.41 6.81 -26.65
CA TYR B 128 -2.14 8.05 -26.24
C TYR B 128 -1.26 9.27 -26.52
N LEU B 129 -0.03 9.28 -26.06
CA LEU B 129 0.94 10.41 -26.29
C LEU B 129 1.04 10.71 -27.80
N GLN B 130 1.10 9.68 -28.65
CA GLN B 130 1.13 9.80 -30.13
C GLN B 130 -0.13 10.54 -30.59
N LYS B 131 -1.31 10.10 -30.15
CA LYS B 131 -2.60 10.69 -30.63
C LYS B 131 -2.81 12.08 -30.04
N PHE B 132 -2.29 12.34 -28.86
CA PHE B 132 -2.48 13.64 -28.23
C PHE B 132 -1.57 14.65 -28.92
N ASP B 133 -0.48 14.15 -29.54
CA ASP B 133 0.63 14.97 -30.08
C ASP B 133 1.37 15.61 -28.90
N HIS B 134 1.77 14.81 -27.92
CA HIS B 134 2.66 15.25 -26.81
C HIS B 134 4.09 15.49 -27.33
N PRO B 135 4.82 16.49 -26.78
CA PRO B 135 6.20 16.77 -27.21
C PRO B 135 7.10 15.52 -27.22
N LEU B 136 6.97 14.65 -26.23
CA LEU B 136 7.78 13.43 -26.15
C LEU B 136 7.54 12.59 -27.40
N ALA B 137 6.33 12.56 -27.97
CA ALA B 137 6.06 11.85 -29.24
C ALA B 137 6.93 12.37 -30.41
N ALA B 138 7.32 13.65 -30.43
CA ALA B 138 8.21 14.22 -31.48
C ALA B 138 9.66 13.93 -31.13
N LEU B 139 9.98 13.95 -29.87
CA LEU B 139 11.35 13.66 -29.41
C LEU B 139 11.67 12.19 -29.68
N TYR B 140 10.71 11.30 -29.49
CA TYR B 140 10.91 9.83 -29.55
C TYR B 140 9.75 9.18 -30.32
N SER B 141 9.95 8.90 -31.62
CA SER B 141 8.89 8.41 -32.52
C SER B 141 8.49 6.98 -32.16
N THR B 142 9.40 6.17 -31.61
CA THR B 142 9.08 4.80 -31.13
C THR B 142 9.51 4.61 -29.66
N SER B 143 8.87 3.67 -28.98
CA SER B 143 9.19 3.37 -27.57
C SER B 143 9.28 4.68 -26.78
N THR B 144 8.29 5.55 -26.98
CA THR B 144 8.32 6.97 -26.56
C THR B 144 8.58 7.08 -25.08
N MET B 145 7.72 6.51 -24.24
CA MET B 145 7.92 6.65 -22.78
C MET B 145 9.24 5.99 -22.39
N GLU B 146 9.52 4.83 -22.97
CA GLU B 146 10.70 4.05 -22.55
C GLU B 146 11.96 4.88 -22.81
N GLN B 147 12.07 5.58 -23.95
CA GLN B 147 13.27 6.43 -24.21
C GLN B 147 13.33 7.60 -23.20
N HIS B 148 12.16 8.12 -22.83
CA HIS B 148 12.02 9.18 -21.81
C HIS B 148 12.46 8.63 -20.45
N HIS B 149 12.05 7.43 -20.08
CA HIS B 149 12.46 6.81 -18.79
C HIS B 149 14.00 6.67 -18.73
N PHE B 150 14.63 6.43 -19.88
CA PHE B 150 16.09 6.19 -19.85
C PHE B 150 16.81 7.51 -19.66
N SER B 151 16.33 8.51 -20.37
CA SER B 151 16.85 9.89 -20.36
C SER B 151 16.72 10.45 -18.95
N GLN B 152 15.63 10.15 -18.23
CA GLN B 152 15.47 10.64 -16.84
C GLN B 152 16.46 9.94 -15.96
N THR B 153 16.78 8.68 -16.28
CA THR B 153 17.74 7.90 -15.49
C THR B 153 19.10 8.57 -15.60
N VAL B 154 19.52 8.89 -16.81
CA VAL B 154 20.86 9.49 -17.05
C VAL B 154 20.93 10.84 -16.34
N SER B 155 19.89 11.67 -16.46
CA SER B 155 19.79 13.02 -15.84
C SER B 155 20.00 12.94 -14.33
N ILE B 156 19.38 11.96 -13.67
CA ILE B 156 19.47 11.82 -12.19
C ILE B 156 20.90 11.37 -11.88
N LEU B 157 21.49 10.54 -12.73
CA LEU B 157 22.88 10.07 -12.50
C LEU B 157 23.85 11.25 -12.56
N GLN B 158 23.45 12.38 -13.13
CA GLN B 158 24.39 13.50 -13.36
C GLN B 158 24.16 14.60 -12.32
N LEU B 159 23.13 14.48 -11.51
CA LEU B 159 22.90 15.38 -10.36
C LEU B 159 24.16 15.28 -9.49
N GLU B 160 24.54 16.39 -8.86
CA GLU B 160 25.73 16.40 -7.99
C GLU B 160 25.49 15.39 -6.88
N GLY B 161 26.44 14.50 -6.67
CA GLY B 161 26.42 13.52 -5.56
C GLY B 161 25.64 12.26 -5.91
N HIS B 162 25.06 12.19 -7.10
CA HIS B 162 24.16 11.07 -7.46
C HIS B 162 24.88 9.97 -8.23
N ASN B 163 26.16 10.09 -8.61
CA ASN B 163 26.73 9.11 -9.58
C ASN B 163 27.26 7.86 -8.86
N ILE B 164 26.36 6.89 -8.71
CA ILE B 164 26.61 5.57 -8.07
C ILE B 164 27.56 4.71 -8.86
N PHE B 165 27.96 5.10 -10.05
CA PHE B 165 28.89 4.29 -10.89
C PHE B 165 30.28 4.96 -10.96
N SER B 166 30.55 5.91 -10.05
CA SER B 166 31.76 6.77 -10.08
C SER B 166 33.03 5.91 -10.04
N THR B 167 33.02 4.79 -9.32
CA THR B 167 34.19 3.87 -9.20
C THR B 167 34.50 3.13 -10.50
N LEU B 168 33.54 2.93 -11.41
CA LEU B 168 33.76 2.17 -12.67
C LEU B 168 34.69 2.94 -13.62
N SER B 169 35.48 2.22 -14.42
CA SER B 169 36.28 2.78 -15.54
C SER B 169 35.35 3.24 -16.65
N SER B 170 35.87 4.05 -17.58
CA SER B 170 35.12 4.54 -18.77
C SER B 170 34.34 3.37 -19.38
N SER B 171 35.04 2.26 -19.64
CA SER B 171 34.55 1.06 -20.34
C SER B 171 33.41 0.43 -19.54
N GLU B 172 33.66 0.12 -18.27
CA GLU B 172 32.62 -0.50 -17.42
C GLU B 172 31.39 0.42 -17.32
N TYR B 173 31.60 1.72 -17.11
CA TYR B 173 30.55 2.77 -17.01
C TYR B 173 29.70 2.69 -18.27
N GLU B 174 30.32 2.67 -19.45
CA GLU B 174 29.56 2.72 -20.72
C GLU B 174 28.81 1.39 -20.90
N GLN B 175 29.46 0.33 -20.48
CA GLN B 175 28.88 -1.02 -20.53
C GLN B 175 27.60 -1.05 -19.68
N VAL B 176 27.70 -0.58 -18.44
CA VAL B 176 26.59 -0.60 -17.44
C VAL B 176 25.45 0.30 -17.95
N LEU B 177 25.75 1.43 -18.57
CA LEU B 177 24.73 2.35 -19.11
C LEU B 177 24.13 1.72 -20.36
N GLU B 178 24.92 0.92 -21.08
CA GLU B 178 24.35 0.24 -22.26
C GLU B 178 23.38 -0.84 -21.80
N ILE B 179 23.69 -1.52 -20.72
CA ILE B 179 22.78 -2.56 -20.17
C ILE B 179 21.48 -1.89 -19.75
N ILE B 180 21.58 -0.81 -18.98
CA ILE B 180 20.37 -0.12 -18.43
C ILE B 180 19.54 0.43 -19.59
N ARG B 181 20.17 1.02 -20.60
CA ARG B 181 19.39 1.50 -21.77
C ARG B 181 18.60 0.37 -22.42
N LYS B 182 19.28 -0.72 -22.74
CA LYS B 182 18.62 -1.85 -23.43
C LYS B 182 17.54 -2.50 -22.56
N ALA B 183 17.77 -2.60 -21.27
CA ALA B 183 16.77 -3.24 -20.39
C ALA B 183 15.53 -2.34 -20.35
N ILE B 184 15.76 -1.02 -20.28
CA ILE B 184 14.63 -0.06 -20.13
C ILE B 184 13.77 -0.08 -21.40
N ILE B 185 14.39 0.05 -22.56
CA ILE B 185 13.68 0.00 -23.88
C ILE B 185 12.91 -1.32 -24.02
N ALA B 186 13.47 -2.45 -23.55
CA ALA B 186 12.86 -3.78 -23.69
C ALA B 186 11.55 -3.87 -22.89
N THR B 187 11.33 -2.96 -21.97
CA THR B 187 10.04 -2.92 -21.21
C THR B 187 8.90 -2.40 -22.09
N ASP B 188 9.18 -1.91 -23.28
CA ASP B 188 8.14 -1.56 -24.26
C ASP B 188 7.50 -2.87 -24.71
N LEU B 189 6.25 -3.12 -24.30
CA LEU B 189 5.60 -4.42 -24.53
C LEU B 189 5.49 -4.69 -26.04
N ALA B 190 5.44 -3.65 -26.88
CA ALA B 190 5.38 -3.75 -28.35
C ALA B 190 6.59 -4.54 -28.82
N LEU B 191 7.73 -4.43 -28.13
CA LEU B 191 8.96 -5.14 -28.55
C LEU B 191 9.04 -6.56 -27.94
N TYR B 192 8.22 -6.87 -26.95
CA TYR B 192 8.29 -8.19 -26.28
C TYR B 192 8.01 -9.31 -27.31
N PHE B 193 6.93 -9.21 -28.05
CA PHE B 193 6.38 -10.34 -28.86
C PHE B 193 7.45 -10.88 -29.80
N GLY B 194 8.12 -10.00 -30.50
CA GLY B 194 9.24 -10.37 -31.38
C GLY B 194 10.39 -10.95 -30.59
N ASN B 195 10.72 -10.38 -29.43
CA ASN B 195 11.86 -10.86 -28.62
C ASN B 195 11.57 -12.25 -28.06
N ARG B 196 10.43 -12.48 -27.42
CA ARG B 196 10.07 -13.84 -26.99
C ARG B 196 10.08 -14.83 -28.16
N LYS B 197 9.67 -14.43 -29.37
CA LYS B 197 9.54 -15.38 -30.50
C LYS B 197 10.93 -15.85 -30.97
N GLN B 198 11.89 -14.95 -31.08
CA GLN B 198 13.29 -15.31 -31.43
C GLN B 198 13.97 -16.14 -30.34
N LEU B 199 13.67 -15.91 -29.08
CA LEU B 199 14.28 -16.72 -27.99
C LEU B 199 13.65 -18.10 -27.94
N GLU B 200 12.32 -18.19 -28.06
CA GLU B 200 11.60 -19.49 -28.13
C GLU B 200 12.17 -20.29 -29.30
N GLU B 201 12.56 -19.64 -30.39
CA GLU B 201 13.04 -20.38 -31.59
C GLU B 201 14.48 -20.86 -31.30
N MET B 202 15.40 -19.94 -31.01
CA MET B 202 16.79 -20.25 -30.57
C MET B 202 16.83 -21.34 -29.49
N TYR B 203 15.95 -21.33 -28.51
CA TYR B 203 15.95 -22.33 -27.42
C TYR B 203 15.52 -23.72 -27.93
N GLN B 204 14.43 -23.80 -28.67
CA GLN B 204 13.87 -25.13 -29.03
C GLN B 204 14.68 -25.80 -30.13
N THR B 205 15.50 -25.05 -30.88
CA THR B 205 16.47 -25.60 -31.85
C THR B 205 17.84 -25.74 -31.20
N GLY B 206 17.95 -25.40 -29.92
CA GLY B 206 19.24 -25.51 -29.20
C GLY B 206 20.34 -24.63 -29.77
N SER B 207 20.06 -23.45 -30.33
CA SER B 207 21.09 -22.50 -30.81
C SER B 207 21.30 -21.35 -29.80
N LEU B 208 20.54 -21.33 -28.71
CA LEU B 208 20.67 -20.24 -27.69
C LEU B 208 22.03 -20.35 -27.02
N ASN B 209 22.78 -19.25 -27.04
CA ASN B 209 24.18 -19.21 -26.58
C ASN B 209 24.44 -18.00 -25.65
N LEU B 210 24.43 -18.25 -24.34
CA LEU B 210 24.55 -17.14 -23.34
C LEU B 210 25.94 -16.51 -23.39
N ASN B 211 26.91 -17.04 -24.13
CA ASN B 211 28.20 -16.33 -24.30
C ASN B 211 28.10 -15.39 -25.50
N ASN B 212 27.04 -15.52 -26.27
CA ASN B 212 26.73 -14.55 -27.37
C ASN B 212 26.06 -13.31 -26.76
N GLN B 213 26.59 -12.09 -26.96
CA GLN B 213 26.07 -10.85 -26.34
C GLN B 213 24.66 -10.52 -26.84
N SER B 214 24.44 -10.69 -28.15
CA SER B 214 23.17 -10.50 -28.84
C SER B 214 22.12 -11.42 -28.23
N HIS B 215 22.52 -12.59 -27.74
CA HIS B 215 21.58 -13.54 -27.13
C HIS B 215 21.33 -13.13 -25.70
N ARG B 216 22.36 -12.64 -25.02
CA ARG B 216 22.24 -12.20 -23.61
C ARG B 216 21.30 -10.98 -23.51
N ASP B 217 21.53 -10.00 -24.38
CA ASP B 217 20.60 -8.86 -24.57
C ASP B 217 19.15 -9.35 -24.61
N ARG B 218 18.85 -10.33 -25.45
CA ARG B 218 17.46 -10.81 -25.67
C ARG B 218 16.91 -11.44 -24.38
N VAL B 219 17.75 -12.24 -23.74
CA VAL B 219 17.39 -12.97 -22.49
C VAL B 219 17.16 -11.90 -21.38
N ILE B 220 17.95 -10.84 -21.37
CA ILE B 220 17.78 -9.73 -20.39
C ILE B 220 16.46 -9.01 -20.69
N GLY B 221 16.11 -8.84 -21.95
CA GLY B 221 14.87 -8.18 -22.34
C GLY B 221 13.67 -8.96 -21.92
N LEU B 222 13.77 -10.29 -21.90
CA LEU B 222 12.65 -11.16 -21.50
C LEU B 222 12.54 -11.12 -19.97
N MET B 223 13.66 -11.09 -19.30
CA MET B 223 13.65 -10.99 -17.82
C MET B 223 12.98 -9.68 -17.41
N MET B 224 13.28 -8.59 -18.07
CA MET B 224 12.61 -7.28 -17.84
C MET B 224 11.10 -7.34 -18.10
N THR B 225 10.62 -7.97 -19.18
CA THR B 225 9.16 -8.12 -19.36
C THR B 225 8.60 -8.89 -18.19
N ALA B 226 9.29 -9.95 -17.79
CA ALA B 226 8.81 -10.86 -16.73
C ALA B 226 8.70 -10.09 -15.40
N CYS B 227 9.70 -9.33 -15.06
CA CYS B 227 9.64 -8.50 -13.82
C CYS B 227 8.53 -7.42 -13.99
N ASP B 228 8.43 -6.81 -15.16
CA ASP B 228 7.46 -5.73 -15.42
C ASP B 228 6.03 -6.25 -15.26
N LEU B 229 5.77 -7.50 -15.66
CA LEU B 229 4.40 -8.07 -15.68
C LEU B 229 4.12 -8.83 -14.39
N CYS B 230 5.01 -8.75 -13.40
CA CYS B 230 5.06 -9.69 -12.24
C CYS B 230 3.83 -9.60 -11.31
N SER B 231 2.99 -8.60 -11.47
CA SER B 231 1.72 -8.51 -10.70
C SER B 231 0.87 -9.76 -10.96
N VAL B 232 0.94 -10.32 -12.17
CA VAL B 232 0.19 -11.54 -12.60
C VAL B 232 0.77 -12.79 -11.90
N THR B 233 1.91 -12.70 -11.25
CA THR B 233 2.61 -13.88 -10.66
C THR B 233 2.51 -13.85 -9.13
N LYS B 234 1.79 -12.88 -8.60
CA LYS B 234 1.55 -12.87 -7.14
C LYS B 234 0.42 -13.84 -6.85
N LEU B 235 0.22 -14.07 -5.58
CA LEU B 235 -0.98 -14.75 -5.09
C LEU B 235 -2.22 -13.95 -5.46
N TRP B 236 -3.30 -14.67 -5.67
CA TRP B 236 -4.61 -14.17 -6.18
C TRP B 236 -4.99 -12.82 -5.55
N PRO B 237 -5.08 -12.68 -4.21
CA PRO B 237 -5.56 -11.43 -3.62
C PRO B 237 -4.82 -10.14 -3.96
N VAL B 238 -3.51 -10.23 -4.07
CA VAL B 238 -2.63 -9.14 -4.57
C VAL B 238 -2.93 -8.88 -6.05
N THR B 239 -2.94 -9.91 -6.85
CA THR B 239 -3.08 -9.85 -8.32
C THR B 239 -4.44 -9.20 -8.63
N LYS B 240 -5.51 -9.71 -8.04
CA LYS B 240 -6.88 -9.16 -8.12
C LYS B 240 -6.88 -7.66 -7.79
N LEU B 241 -6.36 -7.27 -6.64
CA LEU B 241 -6.32 -5.86 -6.19
C LEU B 241 -5.41 -5.02 -7.08
N THR B 242 -4.31 -5.56 -7.57
CA THR B 242 -3.43 -4.76 -8.47
C THR B 242 -4.18 -4.43 -9.79
N ALA B 243 -4.99 -5.37 -10.30
CA ALA B 243 -5.76 -5.21 -11.57
C ALA B 243 -6.70 -4.01 -11.48
N ASN B 244 -7.25 -3.68 -10.32
CA ASN B 244 -7.98 -2.39 -10.06
C ASN B 244 -7.10 -1.18 -10.41
N ASP B 245 -5.84 -1.17 -10.02
CA ASP B 245 -4.93 0.00 -10.27
C ASP B 245 -4.61 0.10 -11.77
N ILE B 246 -4.30 -1.05 -12.37
CA ILE B 246 -4.02 -1.11 -13.82
C ILE B 246 -5.21 -0.53 -14.57
N TYR B 247 -6.42 -0.91 -14.21
CA TYR B 247 -7.60 -0.48 -15.00
C TYR B 247 -8.00 0.93 -14.61
N ALA B 248 -7.59 1.40 -13.43
CA ALA B 248 -7.87 2.79 -13.06
C ALA B 248 -7.18 3.64 -14.13
N GLU B 249 -5.96 3.24 -14.52
CA GLU B 249 -5.15 3.97 -15.53
C GLU B 249 -5.73 3.74 -16.92
N PHE B 250 -6.05 2.51 -17.27
CA PHE B 250 -6.60 2.21 -18.63
C PHE B 250 -7.83 3.07 -18.87
N TRP B 251 -8.77 3.09 -17.94
CA TRP B 251 -10.08 3.77 -18.06
C TRP B 251 -9.87 5.30 -18.15
N ALA B 252 -9.06 5.86 -17.28
CA ALA B 252 -8.67 7.28 -17.38
C ALA B 252 -8.04 7.58 -18.77
N GLU B 253 -7.20 6.69 -19.27
CA GLU B 253 -6.63 6.84 -20.64
C GLU B 253 -7.75 6.73 -21.66
N GLY B 254 -8.65 5.77 -21.50
CA GLY B 254 -9.84 5.68 -22.38
C GLY B 254 -10.65 6.96 -22.41
N ASP B 255 -10.89 7.55 -21.25
CA ASP B 255 -11.68 8.79 -21.14
C ASP B 255 -10.93 9.88 -21.90
N GLU B 256 -9.59 9.88 -21.84
CA GLU B 256 -8.80 10.93 -22.51
C GLU B 256 -8.85 10.68 -24.01
N MET B 257 -8.93 9.44 -24.45
CA MET B 257 -9.10 9.14 -25.89
C MET B 257 -10.45 9.69 -26.38
N LYS B 258 -11.53 9.41 -25.68
CA LYS B 258 -12.90 9.91 -25.96
C LYS B 258 -12.87 11.42 -26.09
N LYS B 259 -12.11 12.11 -25.23
CA LYS B 259 -12.06 13.60 -25.24
C LYS B 259 -11.35 14.07 -26.50
N LEU B 260 -10.48 13.25 -27.11
CA LEU B 260 -9.88 13.57 -28.44
C LEU B 260 -10.82 13.14 -29.57
N GLY B 261 -11.95 12.54 -29.25
CA GLY B 261 -12.91 12.04 -30.26
C GLY B 261 -12.54 10.65 -30.78
N ILE B 262 -11.81 9.84 -30.01
CA ILE B 262 -11.36 8.49 -30.51
C ILE B 262 -11.99 7.39 -29.65
N GLN B 263 -12.76 6.47 -30.22
CA GLN B 263 -13.34 5.37 -29.42
C GLN B 263 -12.18 4.53 -28.92
N PRO B 264 -11.93 4.45 -27.59
CA PRO B 264 -10.78 3.68 -27.13
C PRO B 264 -11.02 2.19 -27.39
N ILE B 265 -9.98 1.38 -27.34
CA ILE B 265 -10.10 -0.11 -27.34
C ILE B 265 -10.87 -0.48 -26.08
N PRO B 266 -11.65 -1.59 -26.14
CA PRO B 266 -12.55 -1.96 -25.05
C PRO B 266 -11.83 -2.04 -23.69
N MET B 267 -10.62 -2.60 -23.67
CA MET B 267 -9.79 -2.72 -22.44
C MET B 267 -9.70 -1.37 -21.72
N MET B 268 -9.78 -0.25 -22.44
CA MET B 268 -9.64 1.11 -21.87
C MET B 268 -11.00 1.82 -21.71
N ASP B 269 -12.09 1.19 -22.13
CA ASP B 269 -13.45 1.80 -22.05
C ASP B 269 -14.10 1.38 -20.73
N ARG B 270 -14.34 2.32 -19.81
CA ARG B 270 -14.87 1.99 -18.47
C ARG B 270 -16.32 1.48 -18.62
N ASP B 271 -17.05 1.91 -19.64
CA ASP B 271 -18.40 1.34 -19.91
C ASP B 271 -18.30 -0.16 -20.22
N LYS B 272 -17.14 -0.68 -20.65
CA LYS B 272 -16.98 -2.14 -20.97
C LYS B 272 -16.34 -2.90 -19.81
N LYS B 273 -16.65 -2.51 -18.59
CA LYS B 273 -16.14 -3.10 -17.32
C LYS B 273 -16.50 -4.58 -17.16
N ASP B 274 -17.70 -4.99 -17.59
CA ASP B 274 -18.21 -6.39 -17.46
C ASP B 274 -17.24 -7.32 -18.19
N GLU B 275 -16.63 -6.84 -19.28
CA GLU B 275 -15.74 -7.62 -20.16
C GLU B 275 -14.30 -7.70 -19.62
N VAL B 276 -14.01 -7.25 -18.40
CA VAL B 276 -12.63 -7.23 -17.81
C VAL B 276 -12.13 -8.65 -17.55
N PRO B 277 -12.94 -9.55 -16.94
CA PRO B 277 -12.48 -10.90 -16.65
C PRO B 277 -12.00 -11.63 -17.91
N GLN B 278 -12.78 -11.56 -19.01
CA GLN B 278 -12.42 -12.23 -20.30
C GLN B 278 -11.20 -11.53 -20.87
N GLY B 279 -11.06 -10.22 -20.67
CA GLY B 279 -9.93 -9.42 -21.19
C GLY B 279 -8.64 -9.75 -20.47
N GLN B 280 -8.70 -10.03 -19.16
CA GLN B 280 -7.54 -10.62 -18.45
C GLN B 280 -7.15 -11.99 -19.05
N LEU B 281 -8.14 -12.85 -19.30
CA LEU B 281 -7.99 -14.24 -19.80
C LEU B 281 -7.19 -14.15 -21.10
N GLY B 282 -7.51 -13.17 -21.96
CA GLY B 282 -6.83 -13.00 -23.23
C GLY B 282 -5.36 -12.64 -23.01
N PHE B 283 -5.15 -11.74 -22.08
CA PHE B 283 -3.81 -11.17 -21.85
C PHE B 283 -2.86 -12.24 -21.29
N TYR B 284 -3.36 -13.09 -20.41
CA TYR B 284 -2.59 -14.25 -19.88
C TYR B 284 -2.27 -15.25 -21.00
N ASN B 285 -3.26 -15.61 -21.83
CA ASN B 285 -3.06 -16.60 -22.90
C ASN B 285 -2.14 -16.05 -23.98
N ALA B 286 -2.32 -14.77 -24.37
CA ALA B 286 -1.56 -14.10 -25.45
C ALA B 286 -0.19 -13.57 -24.99
N VAL B 287 -0.02 -13.17 -23.72
CA VAL B 287 1.26 -12.50 -23.30
C VAL B 287 1.90 -13.12 -22.05
N ALA B 288 1.19 -13.17 -20.94
CA ALA B 288 1.80 -13.56 -19.64
C ALA B 288 2.29 -15.02 -19.68
N ILE B 289 1.43 -15.99 -20.03
CA ILE B 289 1.80 -17.46 -19.99
C ILE B 289 2.99 -17.70 -20.91
N PRO B 290 2.94 -17.24 -22.18
CA PRO B 290 4.06 -17.43 -23.09
C PRO B 290 5.37 -16.80 -22.58
N CYS B 291 5.29 -15.60 -22.01
CA CYS B 291 6.47 -14.96 -21.36
C CYS B 291 7.10 -15.89 -20.29
N TYR B 292 6.35 -16.29 -19.29
CA TYR B 292 6.92 -17.07 -18.15
C TYR B 292 7.21 -18.53 -18.54
N THR B 293 6.52 -19.07 -19.54
CA THR B 293 6.89 -20.39 -20.13
C THR B 293 8.30 -20.25 -20.73
N THR B 294 8.49 -19.26 -21.60
CA THR B 294 9.79 -19.15 -22.30
C THR B 294 10.85 -18.83 -21.27
N LEU B 295 10.57 -18.01 -20.25
CA LEU B 295 11.61 -17.65 -19.23
C LEU B 295 11.97 -18.93 -18.43
N THR B 296 10.98 -19.71 -18.05
CA THR B 296 11.16 -20.98 -17.29
C THR B 296 11.96 -21.98 -18.12
N GLN B 297 11.85 -21.96 -19.44
CA GLN B 297 12.61 -22.89 -20.32
C GLN B 297 14.08 -22.51 -20.29
N ILE B 298 14.36 -21.21 -20.47
CA ILE B 298 15.74 -20.69 -20.54
C ILE B 298 16.34 -20.64 -19.12
N LEU B 299 15.55 -20.29 -18.08
CA LEU B 299 16.02 -20.18 -16.67
C LEU B 299 15.09 -20.97 -15.75
N PRO B 300 15.33 -22.29 -15.60
CA PRO B 300 14.47 -23.18 -14.81
C PRO B 300 14.12 -22.77 -13.40
N PRO B 301 15.02 -22.15 -12.62
CA PRO B 301 14.66 -21.64 -11.29
C PRO B 301 13.56 -20.54 -11.26
N THR B 302 13.14 -19.98 -12.41
CA THR B 302 12.03 -18.99 -12.44
C THR B 302 10.65 -19.66 -12.48
N GLU B 303 10.60 -20.98 -12.40
CA GLU B 303 9.40 -21.86 -12.46
C GLU B 303 8.20 -21.32 -11.64
N PRO B 304 8.41 -20.96 -10.36
CA PRO B 304 7.34 -20.40 -9.52
C PRO B 304 6.64 -19.18 -10.14
N LEU B 305 7.30 -18.42 -11.02
CA LEU B 305 6.55 -17.35 -11.76
C LEU B 305 5.46 -17.97 -12.64
N LEU B 306 5.84 -18.93 -13.48
CA LEU B 306 4.92 -19.62 -14.43
C LEU B 306 3.76 -20.24 -13.65
N LYS B 307 4.08 -21.01 -12.62
CA LYS B 307 3.09 -21.72 -11.79
C LYS B 307 2.14 -20.72 -11.12
N ALA B 308 2.64 -19.61 -10.61
CA ALA B 308 1.78 -18.61 -9.97
C ALA B 308 0.89 -17.96 -11.04
N CYS B 309 1.42 -17.86 -12.26
CA CYS B 309 0.73 -17.22 -13.39
C CYS B 309 -0.42 -18.11 -13.85
N ARG B 310 -0.20 -19.44 -13.94
CA ARG B 310 -1.26 -20.44 -14.32
C ARG B 310 -2.36 -20.50 -13.26
N ASP B 311 -2.01 -20.40 -11.99
CA ASP B 311 -2.99 -20.31 -10.88
C ASP B 311 -3.95 -19.11 -11.02
N ASN B 312 -3.41 -17.92 -11.31
CA ASN B 312 -4.22 -16.70 -11.50
C ASN B 312 -5.05 -16.82 -12.77
N LEU B 313 -4.50 -17.41 -13.82
CA LEU B 313 -5.29 -17.69 -15.04
C LEU B 313 -6.51 -18.53 -14.64
N SER B 314 -6.31 -19.55 -13.79
CA SER B 314 -7.36 -20.47 -13.30
C SER B 314 -8.40 -19.70 -12.49
N GLN B 315 -7.94 -18.84 -11.60
CA GLN B 315 -8.82 -17.93 -10.79
C GLN B 315 -9.67 -17.04 -11.70
N TRP B 316 -9.11 -16.43 -12.75
CA TRP B 316 -9.88 -15.57 -13.71
C TRP B 316 -10.96 -16.39 -14.43
N GLU B 317 -10.67 -17.65 -14.80
CA GLU B 317 -11.63 -18.55 -15.47
C GLU B 317 -12.82 -18.77 -14.54
N LYS B 318 -12.54 -19.02 -13.26
CA LYS B 318 -13.60 -19.14 -12.22
C LYS B 318 -14.49 -17.91 -12.27
N VAL B 319 -13.93 -16.71 -12.17
CA VAL B 319 -14.74 -15.46 -12.15
C VAL B 319 -15.66 -15.44 -13.38
N ILE B 320 -15.13 -15.68 -14.58
CA ILE B 320 -15.93 -15.69 -15.85
C ILE B 320 -17.10 -16.67 -15.77
N ARG B 321 -17.00 -17.73 -14.97
CA ARG B 321 -18.11 -18.70 -14.76
C ARG B 321 -19.06 -18.17 -13.68
N GLY B 322 -18.52 -17.81 -12.51
CA GLY B 322 -19.30 -17.38 -11.34
C GLY B 322 -19.00 -18.18 -10.09
N GLU B 323 -18.04 -19.12 -10.16
CA GLU B 323 -17.54 -19.83 -8.96
C GLU B 323 -16.81 -18.85 -8.04
N GLU B 324 -16.28 -17.75 -8.59
CA GLU B 324 -15.55 -16.68 -7.86
C GLU B 324 -16.16 -15.33 -8.21
N THR B 325 -16.19 -14.41 -7.23
CA THR B 325 -16.50 -12.97 -7.43
C THR B 325 -15.18 -12.22 -7.67
N GLY C 12 -0.69 37.71 26.86
CA GLY C 12 -2.04 37.13 26.48
C GLY C 12 -2.98 38.20 25.93
N LEU C 13 -2.50 39.02 25.02
CA LEU C 13 -3.20 40.19 24.42
C LEU C 13 -4.17 39.75 23.30
N MET C 14 -3.78 38.71 22.56
CA MET C 14 -4.49 38.23 21.35
C MET C 14 -5.36 37.03 21.72
N GLN C 15 -6.67 37.25 21.83
CA GLN C 15 -7.64 36.18 22.08
C GLN C 15 -8.48 35.93 20.82
N PHE C 16 -8.80 34.67 20.56
CA PHE C 16 -9.48 34.27 19.31
C PHE C 16 -10.97 34.43 19.50
N THR C 17 -11.64 34.91 18.48
CA THR C 17 -13.12 34.90 18.42
C THR C 17 -13.54 33.93 17.33
N LEU C 18 -14.77 33.47 17.42
CA LEU C 18 -15.35 32.60 16.39
C LEU C 18 -16.57 33.32 15.86
N PRO C 19 -16.93 33.10 14.58
CA PRO C 19 -18.19 33.62 14.06
C PRO C 19 -19.29 33.19 15.03
N VAL C 20 -20.40 33.91 15.03
CA VAL C 20 -21.54 33.75 15.98
C VAL C 20 -22.10 32.32 16.01
N ARG C 21 -22.40 31.67 14.88
CA ARG C 21 -22.94 30.29 14.92
C ARG C 21 -21.91 29.33 15.59
N LEU C 22 -20.63 29.42 15.25
CA LEU C 22 -19.57 28.57 15.84
C LEU C 22 -19.44 28.85 17.34
N CYS C 23 -19.30 30.11 17.75
CA CYS C 23 -19.19 30.57 19.16
C CYS C 23 -20.25 29.83 20.01
N LYS C 24 -21.46 29.81 19.50
CA LYS C 24 -22.67 29.26 20.16
C LYS C 24 -22.67 27.73 20.10
N GLU C 25 -22.57 27.17 18.89
CA GLU C 25 -22.53 25.71 18.65
C GLU C 25 -21.35 25.04 19.35
N ILE C 26 -20.20 25.69 19.42
CA ILE C 26 -18.96 24.98 19.87
C ILE C 26 -19.17 24.40 21.29
N GLU C 27 -20.08 25.00 22.07
CA GLU C 27 -20.35 24.62 23.49
C GLU C 27 -21.14 23.32 23.54
N LEU C 28 -21.80 22.94 22.46
CA LEU C 28 -22.54 21.65 22.42
C LEU C 28 -21.62 20.46 22.13
N PHE C 29 -21.94 19.34 22.77
CA PHE C 29 -21.22 18.06 22.60
C PHE C 29 -21.23 17.63 21.12
N HIS C 30 -22.34 17.79 20.40
CA HIS C 30 -22.48 17.27 19.00
C HIS C 30 -22.01 18.25 17.91
N PHE C 31 -21.44 19.38 18.27
CA PHE C 31 -20.73 20.27 17.31
C PHE C 31 -19.88 19.45 16.34
N ASP C 32 -19.89 19.87 15.08
CA ASP C 32 -19.06 19.38 13.96
C ASP C 32 -18.12 20.52 13.59
N ILE C 33 -16.83 20.25 13.46
CA ILE C 33 -15.80 21.33 13.28
C ILE C 33 -15.80 21.90 11.85
N GLY C 34 -16.54 21.31 10.93
CA GLY C 34 -16.71 21.86 9.57
C GLY C 34 -15.58 21.48 8.63
N PRO C 35 -15.77 21.74 7.32
CA PRO C 35 -14.84 21.32 6.27
C PRO C 35 -13.71 22.29 5.91
N PHE C 36 -13.65 23.43 6.57
CA PHE C 36 -12.58 24.43 6.35
C PHE C 36 -11.40 24.09 7.24
N GLU C 37 -10.34 23.52 6.66
CA GLU C 37 -9.14 23.03 7.39
C GLU C 37 -8.47 24.19 8.14
N ASN C 38 -8.30 25.31 7.47
CA ASN C 38 -7.47 26.44 7.98
C ASN C 38 -8.15 27.18 9.14
N MET C 39 -9.37 26.81 9.45
CA MET C 39 -10.07 27.27 10.67
C MET C 39 -9.81 26.36 11.86
N TRP C 40 -9.35 25.12 11.67
CA TRP C 40 -9.28 24.16 12.80
C TRP C 40 -8.26 24.57 13.84
N PRO C 41 -7.06 25.09 13.43
CA PRO C 41 -6.04 25.51 14.38
C PRO C 41 -6.60 26.60 15.31
N GLY C 42 -7.16 27.66 14.74
CA GLY C 42 -7.81 28.76 15.48
C GLY C 42 -8.91 28.29 16.43
N ILE C 43 -9.78 27.39 15.99
CA ILE C 43 -10.79 26.71 16.85
C ILE C 43 -10.14 25.96 18.03
N PHE C 44 -9.02 25.27 17.82
CA PHE C 44 -8.30 24.57 18.91
C PHE C 44 -7.86 25.62 19.94
N VAL C 45 -7.26 26.71 19.46
CA VAL C 45 -6.67 27.78 20.29
C VAL C 45 -7.81 28.40 21.09
N TYR C 46 -8.93 28.68 20.44
CA TYR C 46 -10.14 29.20 21.12
C TYR C 46 -10.48 28.29 22.29
N MET C 47 -10.45 26.99 22.09
CA MET C 47 -10.90 26.04 23.14
C MET C 47 -9.87 26.02 24.27
N VAL C 48 -8.57 26.07 23.98
CA VAL C 48 -7.50 26.18 25.02
C VAL C 48 -7.66 27.50 25.83
N HIS C 49 -7.87 28.66 25.21
CA HIS C 49 -7.95 29.97 25.93
C HIS C 49 -9.15 29.95 26.89
N ARG C 50 -10.23 29.32 26.49
CA ARG C 50 -11.44 29.22 27.33
C ARG C 50 -11.33 28.09 28.35
N SER C 51 -10.59 27.03 28.03
CA SER C 51 -10.54 25.75 28.77
C SER C 51 -9.48 25.88 29.85
N CYS C 52 -8.29 26.30 29.43
CA CYS C 52 -7.10 26.41 30.28
C CYS C 52 -6.96 27.85 30.77
N GLY C 53 -7.18 28.84 29.90
CA GLY C 53 -6.91 30.27 30.17
C GLY C 53 -5.93 30.80 29.16
N THR C 54 -5.87 32.13 28.98
CA THR C 54 -5.03 32.80 27.95
C THR C 54 -3.54 32.81 28.37
N SER C 55 -3.24 32.45 29.62
CA SER C 55 -1.87 32.54 30.16
C SER C 55 -1.17 31.18 30.29
N CYS C 56 -1.77 30.06 29.88
CA CYS C 56 -1.14 28.72 30.05
C CYS C 56 -0.06 28.44 29.04
N PHE C 57 -0.14 29.05 27.85
CA PHE C 57 0.76 28.78 26.72
C PHE C 57 1.13 30.09 26.06
N GLU C 58 2.40 30.23 25.66
CA GLU C 58 2.85 31.35 24.79
C GLU C 58 2.27 31.11 23.40
N LEU C 59 1.57 32.10 22.85
CA LEU C 59 0.74 31.90 21.64
C LEU C 59 1.62 31.55 20.45
N GLU C 60 2.72 32.28 20.25
CA GLU C 60 3.78 31.92 19.27
C GLU C 60 4.12 30.43 19.37
N LYS C 61 4.50 29.97 20.56
CA LYS C 61 4.98 28.58 20.77
C LYS C 61 3.85 27.59 20.46
N LEU C 62 2.68 27.85 21.05
CA LEU C 62 1.46 27.04 20.83
C LEU C 62 1.25 26.85 19.33
N CME C 63 1.33 27.94 18.57
CA CME C 63 0.95 27.94 17.14
CB CME C 63 0.84 29.32 16.56
SG CME C 63 -0.81 30.00 16.91
SD CME C 63 -1.97 28.78 15.68
CE CME C 63 -3.06 29.85 14.69
CZ CME C 63 -2.91 29.44 13.22
OH CME C 63 -4.02 29.86 12.40
C CME C 63 1.91 27.07 16.36
O CME C 63 1.43 26.36 15.51
N ARG C 64 3.22 27.19 16.60
CA ARG C 64 4.16 26.39 15.80
C ARG C 64 4.16 24.95 16.29
N PHE C 65 3.74 24.71 17.52
CA PHE C 65 3.46 23.33 18.01
C PHE C 65 2.29 22.74 17.22
N ILE C 66 1.21 23.51 17.10
CA ILE C 66 -0.04 23.07 16.40
C ILE C 66 0.30 22.79 14.95
N MET C 67 1.09 23.63 14.30
CA MET C 67 1.39 23.38 12.87
C MET C 67 2.31 22.17 12.70
N SER C 68 3.20 21.91 13.64
CA SER C 68 4.10 20.72 13.60
C SER C 68 3.28 19.43 13.80
N VAL C 69 2.35 19.44 14.74
CA VAL C 69 1.43 18.28 14.95
C VAL C 69 0.62 18.03 13.68
N LYS C 70 -0.01 19.05 13.09
CA LYS C 70 -0.75 18.98 11.80
C LYS C 70 0.10 18.36 10.69
N LYS C 71 1.30 18.91 10.45
CA LYS C 71 2.31 18.37 9.50
C LYS C 71 2.57 16.88 9.76
N ASN C 72 2.35 16.34 10.97
CA ASN C 72 2.72 14.93 11.26
C ASN C 72 1.51 13.99 11.35
N TYR C 73 0.30 14.48 11.08
CA TYR C 73 -0.86 13.67 10.65
C TYR C 73 -0.76 13.42 9.12
N ARG C 74 -1.19 12.26 8.67
CA ARG C 74 -1.19 11.89 7.24
C ARG C 74 -2.57 12.03 6.59
N ARG C 75 -2.57 12.02 5.28
CA ARG C 75 -3.82 12.12 4.49
C ARG C 75 -4.46 10.74 4.41
N VAL C 76 -4.97 10.24 5.53
CA VAL C 76 -5.72 8.96 5.59
C VAL C 76 -7.20 9.29 5.73
N PRO C 77 -8.12 8.38 5.38
CA PRO C 77 -9.52 8.74 5.31
C PRO C 77 -10.10 9.22 6.65
N TYR C 78 -9.69 8.65 7.77
CA TYR C 78 -10.32 8.88 9.10
C TYR C 78 -9.28 9.31 10.14
N HIS C 79 -8.13 8.67 10.23
CA HIS C 79 -7.14 8.93 11.29
C HIS C 79 -6.23 10.13 10.99
N ASN C 80 -6.89 11.23 10.75
CA ASN C 80 -6.29 12.42 10.11
C ASN C 80 -6.47 13.60 11.07
N TRP C 81 -5.93 14.73 10.66
CA TRP C 81 -5.97 16.03 11.38
C TRP C 81 -7.39 16.41 11.83
N LYS C 82 -8.38 16.17 11.00
CA LYS C 82 -9.78 16.50 11.33
C LYS C 82 -10.25 15.68 12.53
N HIS C 83 -9.80 14.45 12.64
CA HIS C 83 -10.13 13.53 13.75
C HIS C 83 -9.52 14.01 15.06
N ALA C 84 -8.29 14.46 14.99
CA ALA C 84 -7.52 15.03 16.12
C ALA C 84 -8.25 16.24 16.72
N VAL C 85 -8.59 17.21 15.90
CA VAL C 85 -9.25 18.44 16.42
C VAL C 85 -10.66 18.05 16.88
N THR C 86 -11.38 17.15 16.19
CA THR C 86 -12.72 16.66 16.64
C THR C 86 -12.60 16.02 18.05
N VAL C 87 -11.58 15.23 18.29
CA VAL C 87 -11.40 14.54 19.60
C VAL C 87 -11.04 15.58 20.65
N ALA C 88 -10.26 16.57 20.26
CA ALA C 88 -9.93 17.66 21.20
C ALA C 88 -11.21 18.38 21.58
N HIS C 89 -12.08 18.62 20.62
CA HIS C 89 -13.33 19.37 20.87
C HIS C 89 -14.19 18.63 21.93
N CYS C 90 -14.29 17.32 21.86
CA CYS C 90 -15.07 16.53 22.84
C CYS C 90 -14.40 16.66 24.20
N MET C 91 -13.08 16.61 24.25
CA MET C 91 -12.44 16.85 25.54
C MET C 91 -12.87 18.24 26.04
N TYR C 92 -12.82 19.25 25.17
CA TYR C 92 -13.17 20.65 25.52
C TYR C 92 -14.54 20.68 26.21
N ALA C 93 -15.53 20.09 25.56
CA ALA C 93 -16.90 20.10 26.10
C ALA C 93 -16.99 19.29 27.40
N ILE C 94 -16.18 18.25 27.63
CA ILE C 94 -16.21 17.48 28.89
C ILE C 94 -15.65 18.37 29.98
N LEU C 95 -14.50 19.02 29.73
CA LEU C 95 -13.86 19.92 30.71
C LEU C 95 -14.77 21.12 31.05
N GLN C 96 -15.37 21.80 30.07
CA GLN C 96 -16.16 23.05 30.34
C GLN C 96 -17.49 22.74 31.04
N ASN C 97 -17.91 21.49 31.09
CA ASN C 97 -19.18 21.12 31.78
C ASN C 97 -18.88 20.43 33.10
N ASN C 98 -17.60 20.35 33.46
CA ASN C 98 -17.11 19.68 34.68
C ASN C 98 -15.93 20.44 35.26
N HIS C 99 -15.93 21.77 35.16
CA HIS C 99 -14.67 22.57 35.22
C HIS C 99 -14.04 22.54 36.63
N THR C 100 -14.80 22.20 37.65
CA THR C 100 -14.32 22.24 39.05
C THR C 100 -13.59 20.94 39.42
N LEU C 101 -13.67 19.93 38.58
CA LEU C 101 -13.12 18.58 38.89
C LEU C 101 -11.68 18.38 38.39
N PHE C 102 -11.06 19.33 37.72
CA PHE C 102 -9.74 19.06 37.10
C PHE C 102 -8.73 20.13 37.45
N THR C 103 -7.46 19.71 37.57
CA THR C 103 -6.34 20.59 37.96
C THR C 103 -5.93 21.45 36.78
N ASP C 104 -4.95 22.32 37.00
CA ASP C 104 -4.37 23.20 35.93
C ASP C 104 -3.62 22.31 34.95
N LEU C 105 -2.82 21.38 35.47
CA LEU C 105 -1.95 20.53 34.62
C LEU C 105 -2.84 19.57 33.83
N GLU C 106 -3.94 19.11 34.41
CA GLU C 106 -4.89 18.22 33.69
C GLU C 106 -5.52 18.97 32.51
N ARG C 107 -5.91 20.21 32.70
CA ARG C 107 -6.56 20.97 31.61
C ARG C 107 -5.53 21.24 30.50
N LYS C 108 -4.33 21.69 30.88
CA LYS C 108 -3.23 21.90 29.91
C LYS C 108 -2.97 20.61 29.16
N GLY C 109 -2.71 19.53 29.89
CA GLY C 109 -2.26 18.24 29.32
C GLY C 109 -3.27 17.60 28.35
N LEU C 110 -4.55 17.72 28.66
CA LEU C 110 -5.57 16.81 28.08
C LEU C 110 -5.93 17.28 26.67
N LEU C 111 -6.10 18.56 26.44
CA LEU C 111 -6.38 19.09 25.08
C LEU C 111 -5.19 18.75 24.19
N ILE C 112 -3.99 18.89 24.70
CA ILE C 112 -2.72 18.59 23.97
C ILE C 112 -2.66 17.11 23.66
N ALA C 113 -2.98 16.25 24.62
CA ALA C 113 -2.94 14.80 24.42
C ALA C 113 -3.97 14.42 23.34
N CYS C 114 -5.13 15.07 23.34
CA CYS C 114 -6.20 14.77 22.35
C CYS C 114 -5.74 15.17 20.96
N LEU C 115 -5.21 16.38 20.83
CA LEU C 115 -4.69 16.83 19.51
C LEU C 115 -3.59 15.88 19.01
N CYS C 116 -2.80 15.28 19.92
CA CYS C 116 -1.61 14.46 19.53
C CYS C 116 -1.87 12.94 19.49
N HIS C 117 -3.06 12.46 19.85
CA HIS C 117 -3.28 11.04 20.24
C HIS C 117 -3.19 10.06 19.05
N ASP C 118 -3.25 10.52 17.80
CA ASP C 118 -3.11 9.63 16.63
C ASP C 118 -1.97 10.12 15.71
N LEU C 119 -1.00 10.86 16.24
CA LEU C 119 0.16 11.39 15.47
C LEU C 119 0.73 10.28 14.59
N ASP C 120 0.81 10.55 13.29
CA ASP C 120 1.59 9.74 12.34
C ASP C 120 0.86 8.40 12.13
N HIS C 121 -0.45 8.40 12.26
CA HIS C 121 -1.27 7.18 12.03
C HIS C 121 -1.24 6.84 10.52
N ARG C 122 -1.23 5.56 10.15
CA ARG C 122 -1.15 5.14 8.72
C ARG C 122 -2.48 4.56 8.26
N GLY C 123 -3.51 4.57 9.11
CA GLY C 123 -4.78 3.89 8.88
C GLY C 123 -4.72 2.39 9.17
N PHE C 124 -3.66 1.89 9.78
CA PHE C 124 -3.63 0.45 10.17
C PHE C 124 -3.69 0.28 11.69
N SER C 125 -4.25 -0.83 12.12
CA SER C 125 -4.48 -1.17 13.55
C SER C 125 -3.22 -1.85 14.07
N ASN C 126 -3.15 -2.06 15.39
CA ASN C 126 -2.01 -2.75 16.03
C ASN C 126 -1.94 -4.22 15.61
N SER C 127 -3.07 -4.89 15.36
CA SER C 127 -3.11 -6.27 14.75
C SER C 127 -2.34 -6.29 13.42
N TYR C 128 -2.64 -5.36 12.50
CA TYR C 128 -2.01 -5.40 11.16
C TYR C 128 -0.51 -5.18 11.30
N LEU C 129 -0.09 -4.15 12.04
CA LEU C 129 1.36 -3.89 12.25
C LEU C 129 2.00 -5.15 12.86
N GLN C 130 1.29 -5.89 13.69
CA GLN C 130 1.90 -7.08 14.32
C GLN C 130 2.11 -8.14 13.25
N LYS C 131 1.07 -8.41 12.45
CA LYS C 131 1.05 -9.52 11.47
C LYS C 131 1.99 -9.18 10.31
N PHE C 132 2.07 -7.90 9.95
CA PHE C 132 2.97 -7.39 8.90
C PHE C 132 4.39 -7.58 9.38
N ASP C 133 4.58 -7.54 10.71
CA ASP C 133 5.90 -7.56 11.33
C ASP C 133 6.57 -6.20 11.06
N HIS C 134 5.90 -5.10 11.42
CA HIS C 134 6.43 -3.73 11.21
C HIS C 134 7.50 -3.42 12.24
N PRO C 135 8.58 -2.71 11.86
CA PRO C 135 9.56 -2.27 12.86
C PRO C 135 8.97 -1.74 14.19
N LEU C 136 7.83 -1.00 14.14
CA LEU C 136 7.29 -0.36 15.37
C LEU C 136 6.78 -1.45 16.34
N ALA C 137 6.39 -2.59 15.80
CA ALA C 137 5.84 -3.75 16.54
C ALA C 137 6.91 -4.43 17.36
N ALA C 138 8.21 -4.28 17.01
CA ALA C 138 9.32 -4.87 17.80
C ALA C 138 9.72 -3.85 18.86
N LEU C 139 9.69 -2.58 18.46
CA LEU C 139 9.98 -1.45 19.36
C LEU C 139 8.95 -1.39 20.49
N TYR C 140 7.68 -1.58 20.19
CA TYR C 140 6.57 -1.51 21.19
C TYR C 140 5.70 -2.73 21.04
N SER C 141 5.82 -3.71 21.94
CA SER C 141 5.18 -5.03 21.75
C SER C 141 3.65 -4.91 21.93
N THR C 142 3.21 -3.98 22.78
CA THR C 142 1.77 -3.70 22.97
C THR C 142 1.48 -2.20 22.90
N SER C 143 0.19 -1.91 22.78
CA SER C 143 -0.27 -0.56 22.44
C SER C 143 0.67 0.04 21.40
N THR C 144 0.98 -0.70 20.32
CA THR C 144 2.11 -0.30 19.40
C THR C 144 1.98 1.13 18.88
N MET C 145 0.87 1.45 18.22
CA MET C 145 0.69 2.76 17.58
C MET C 145 0.58 3.86 18.65
N GLU C 146 -0.02 3.54 19.78
CA GLU C 146 -0.23 4.52 20.88
C GLU C 146 1.11 4.90 21.49
N GLN C 147 2.03 3.96 21.60
CA GLN C 147 3.37 4.31 22.13
C GLN C 147 4.11 5.22 21.14
N HIS C 148 3.94 4.96 19.84
CA HIS C 148 4.53 5.77 18.76
C HIS C 148 3.92 7.18 18.80
N HIS C 149 2.64 7.30 19.06
CA HIS C 149 1.97 8.61 19.08
C HIS C 149 2.57 9.46 20.18
N PHE C 150 2.68 8.90 21.38
CA PHE C 150 3.30 9.61 22.50
C PHE C 150 4.77 10.00 22.17
N SER C 151 5.52 9.06 21.60
CA SER C 151 6.95 9.28 21.21
C SER C 151 7.05 10.45 20.20
N GLN C 152 6.16 10.49 19.22
CA GLN C 152 6.10 11.59 18.21
C GLN C 152 5.77 12.91 18.86
N THR C 153 4.90 12.87 19.87
CA THR C 153 4.52 14.06 20.67
C THR C 153 5.76 14.63 21.35
N VAL C 154 6.51 13.79 22.05
CA VAL C 154 7.80 14.20 22.71
C VAL C 154 8.78 14.73 21.65
N SER C 155 8.95 14.09 20.48
CA SER C 155 9.79 14.64 19.38
C SER C 155 9.41 16.10 19.02
N ILE C 156 8.13 16.39 18.83
CA ILE C 156 7.62 17.75 18.46
C ILE C 156 7.99 18.71 19.59
N LEU C 157 7.79 18.29 20.84
CA LEU C 157 8.09 19.14 22.03
C LEU C 157 9.59 19.48 22.14
N GLN C 158 10.48 18.65 21.59
CA GLN C 158 11.95 18.89 21.67
C GLN C 158 12.45 19.71 20.46
N LEU C 159 11.63 19.90 19.43
CA LEU C 159 11.94 20.80 18.29
C LEU C 159 12.19 22.23 18.85
N GLU C 160 13.04 23.01 18.16
CA GLU C 160 13.45 24.35 18.65
C GLU C 160 12.21 25.24 18.58
N GLY C 161 11.97 26.00 19.65
CA GLY C 161 10.85 26.94 19.73
C GLY C 161 9.49 26.26 19.91
N HIS C 162 9.44 24.95 20.21
CA HIS C 162 8.19 24.15 20.22
C HIS C 162 7.83 23.71 21.63
N ASN C 163 8.60 24.10 22.65
CA ASN C 163 8.32 23.64 24.03
C ASN C 163 7.25 24.51 24.69
N ILE C 164 6.00 24.20 24.36
CA ILE C 164 4.84 24.92 24.91
C ILE C 164 4.82 24.81 26.44
N PHE C 165 5.60 23.93 27.06
CA PHE C 165 5.61 23.77 28.54
C PHE C 165 6.90 24.36 29.15
N SER C 166 7.57 25.30 28.47
CA SER C 166 8.89 25.84 28.88
C SER C 166 8.81 26.47 30.28
N THR C 167 7.70 27.10 30.65
CA THR C 167 7.57 27.85 31.92
C THR C 167 7.36 26.96 33.16
N LEU C 168 7.00 25.70 33.00
CA LEU C 168 6.71 24.81 34.17
C LEU C 168 8.03 24.43 34.83
N SER C 169 7.98 23.98 36.08
CA SER C 169 9.15 23.42 36.79
C SER C 169 9.35 21.96 36.35
N SER C 170 10.59 21.44 36.47
CA SER C 170 10.93 20.09 35.97
C SER C 170 9.92 19.08 36.52
N SER C 171 9.33 19.35 37.68
CA SER C 171 8.37 18.41 38.33
C SER C 171 6.97 18.51 37.73
N GLU C 172 6.48 19.72 37.50
CA GLU C 172 5.22 19.94 36.78
C GLU C 172 5.37 19.51 35.32
N TYR C 173 6.54 19.68 34.71
CA TYR C 173 6.89 19.15 33.37
C TYR C 173 6.69 17.63 33.38
N GLU C 174 7.34 16.89 34.29
CA GLU C 174 7.28 15.42 34.16
C GLU C 174 5.86 14.96 34.47
N GLN C 175 5.18 15.74 35.27
CA GLN C 175 3.80 15.42 35.65
C GLN C 175 2.84 15.62 34.45
N VAL C 176 3.00 16.68 33.67
CA VAL C 176 2.14 16.90 32.49
C VAL C 176 2.46 15.84 31.43
N LEU C 177 3.74 15.53 31.23
CA LEU C 177 4.17 14.53 30.21
C LEU C 177 3.59 13.17 30.63
N GLU C 178 3.51 12.93 31.92
CA GLU C 178 2.94 11.66 32.41
C GLU C 178 1.40 11.62 32.26
N ILE C 179 0.72 12.73 32.47
CA ILE C 179 -0.74 12.82 32.16
C ILE C 179 -0.97 12.51 30.68
N ILE C 180 -0.09 13.05 29.82
CA ILE C 180 -0.20 13.00 28.33
C ILE C 180 0.06 11.56 27.90
N ARG C 181 1.15 10.94 28.35
CA ARG C 181 1.49 9.54 28.02
C ARG C 181 0.33 8.64 28.38
N LYS C 182 -0.08 8.71 29.63
CA LYS C 182 -1.22 7.84 30.09
C LYS C 182 -2.49 8.00 29.24
N ALA C 183 -2.87 9.23 28.96
CA ALA C 183 -4.11 9.57 28.20
C ALA C 183 -4.02 9.03 26.76
N ILE C 184 -2.86 9.13 26.12
CA ILE C 184 -2.64 8.61 24.74
C ILE C 184 -2.71 7.08 24.72
N ILE C 185 -2.08 6.44 25.68
CA ILE C 185 -2.02 4.97 25.83
C ILE C 185 -3.44 4.46 26.04
N ALA C 186 -4.28 5.20 26.76
CA ALA C 186 -5.69 4.81 27.03
C ALA C 186 -6.54 4.75 25.75
N THR C 187 -6.17 5.50 24.69
CA THR C 187 -6.82 5.44 23.36
C THR C 187 -6.56 4.09 22.69
N ASP C 188 -5.77 3.21 23.29
CA ASP C 188 -5.69 1.81 22.81
C ASP C 188 -6.99 1.12 23.21
N LEU C 189 -7.84 0.78 22.26
CA LEU C 189 -9.21 0.32 22.60
C LEU C 189 -9.10 -1.03 23.31
N ALA C 190 -7.97 -1.74 23.16
CA ALA C 190 -7.82 -3.08 23.78
C ALA C 190 -7.74 -2.88 25.31
N LEU C 191 -7.27 -1.70 25.77
CA LEU C 191 -7.09 -1.44 27.22
C LEU C 191 -8.37 -0.84 27.81
N TYR C 192 -9.26 -0.31 26.97
CA TYR C 192 -10.53 0.29 27.40
C TYR C 192 -11.40 -0.72 28.15
N PHE C 193 -11.54 -1.93 27.64
CA PHE C 193 -12.49 -2.93 28.17
C PHE C 193 -12.20 -3.16 29.65
N GLY C 194 -10.92 -3.44 29.95
CA GLY C 194 -10.42 -3.62 31.32
C GLY C 194 -10.59 -2.36 32.16
N ASN C 195 -10.18 -1.21 31.64
CA ASN C 195 -10.35 0.10 32.33
C ASN C 195 -11.82 0.29 32.73
N ARG C 196 -12.75 0.03 31.82
CA ARG C 196 -14.16 0.41 32.05
C ARG C 196 -14.78 -0.52 33.08
N LYS C 197 -14.47 -1.81 32.97
CA LYS C 197 -14.84 -2.80 34.00
C LYS C 197 -14.27 -2.39 35.38
N GLN C 198 -13.00 -2.02 35.49
CA GLN C 198 -12.44 -1.59 36.81
C GLN C 198 -13.16 -0.34 37.30
N LEU C 199 -13.35 0.68 36.46
CA LEU C 199 -14.01 1.93 36.88
C LEU C 199 -15.43 1.67 37.38
N GLU C 200 -16.18 0.87 36.63
CA GLU C 200 -17.61 0.53 36.91
C GLU C 200 -17.76 -0.14 38.29
N GLU C 201 -16.90 -1.09 38.60
CA GLU C 201 -16.86 -1.72 39.94
C GLU C 201 -16.53 -0.71 41.07
N MET C 202 -15.60 0.21 40.85
CA MET C 202 -15.28 1.24 41.85
C MET C 202 -16.48 2.19 42.06
N TYR C 203 -17.04 2.73 40.98
CA TYR C 203 -18.24 3.60 41.03
C TYR C 203 -19.39 2.90 41.81
N GLN C 204 -19.70 1.65 41.49
CA GLN C 204 -20.85 0.94 42.11
C GLN C 204 -20.55 0.58 43.57
N THR C 205 -19.30 0.35 43.97
CA THR C 205 -18.94 -0.04 45.37
C THR C 205 -18.78 1.21 46.23
N GLY C 206 -18.79 2.38 45.61
CA GLY C 206 -18.52 3.67 46.27
C GLY C 206 -17.06 3.87 46.70
N SER C 207 -16.13 3.06 46.22
CA SER C 207 -14.67 3.12 46.52
C SER C 207 -13.96 4.10 45.57
N LEU C 208 -14.65 4.57 44.52
CA LEU C 208 -14.10 5.58 43.59
C LEU C 208 -13.73 6.86 44.36
N ASN C 209 -12.49 7.33 44.21
CA ASN C 209 -11.96 8.49 44.98
C ASN C 209 -11.15 9.38 44.02
N LEU C 210 -11.60 10.59 43.79
CA LEU C 210 -10.91 11.50 42.86
C LEU C 210 -9.62 12.07 43.46
N ASN C 211 -9.34 11.82 44.74
CA ASN C 211 -8.08 12.19 45.43
C ASN C 211 -7.03 11.09 45.33
N ASN C 212 -7.45 9.90 44.92
CA ASN C 212 -6.49 8.83 44.59
C ASN C 212 -6.06 9.01 43.13
N GLN C 213 -4.76 9.13 42.85
CA GLN C 213 -4.22 9.43 41.49
C GLN C 213 -4.49 8.29 40.51
N SER C 214 -4.37 7.03 40.91
CA SER C 214 -4.64 5.89 40.00
C SER C 214 -6.13 5.81 39.61
N HIS C 215 -7.03 6.36 40.42
CA HIS C 215 -8.49 6.44 40.13
C HIS C 215 -8.73 7.58 39.14
N ARG C 216 -8.07 8.69 39.36
CA ARG C 216 -8.13 9.84 38.43
C ARG C 216 -7.68 9.34 37.05
N ASP C 217 -6.59 8.57 37.00
CA ASP C 217 -5.92 8.08 35.76
C ASP C 217 -6.94 7.27 34.95
N ARG C 218 -7.78 6.50 35.62
CA ARG C 218 -8.79 5.62 34.98
C ARG C 218 -9.98 6.44 34.46
N VAL C 219 -10.40 7.42 35.26
CA VAL C 219 -11.44 8.37 34.82
C VAL C 219 -10.96 9.10 33.55
N ILE C 220 -9.72 9.57 33.52
CA ILE C 220 -9.15 10.32 32.36
C ILE C 220 -9.08 9.35 31.19
N GLY C 221 -8.66 8.10 31.44
CA GLY C 221 -8.60 7.07 30.39
C GLY C 221 -9.95 6.85 29.74
N LEU C 222 -11.03 6.81 30.51
CA LEU C 222 -12.38 6.64 29.97
C LEU C 222 -12.82 7.90 29.21
N MET C 223 -12.46 9.06 29.69
CA MET C 223 -12.71 10.32 28.95
C MET C 223 -12.00 10.28 27.58
N MET C 224 -10.80 9.72 27.47
CA MET C 224 -10.05 9.67 26.21
C MET C 224 -10.79 8.70 25.27
N THR C 225 -11.26 7.57 25.78
CA THR C 225 -12.01 6.61 24.97
C THR C 225 -13.24 7.32 24.43
N ALA C 226 -13.91 8.05 25.32
CA ALA C 226 -15.19 8.68 24.99
C ALA C 226 -14.94 9.77 23.93
N CYS C 227 -13.89 10.57 24.08
CA CYS C 227 -13.56 11.62 23.08
C CYS C 227 -13.17 10.95 21.75
N ASP C 228 -12.44 9.84 21.85
CA ASP C 228 -11.94 9.10 20.67
C ASP C 228 -13.09 8.57 19.82
N LEU C 229 -14.11 8.05 20.47
CA LEU C 229 -15.26 7.45 19.76
C LEU C 229 -16.32 8.49 19.44
N CYS C 230 -16.07 9.77 19.73
CA CYS C 230 -17.16 10.78 19.70
C CYS C 230 -17.85 10.89 18.31
N SER C 231 -17.33 10.29 17.21
CA SER C 231 -18.05 10.32 15.90
C SER C 231 -19.45 9.67 16.02
N VAL C 232 -19.62 8.71 16.93
CA VAL C 232 -20.91 8.02 17.18
C VAL C 232 -21.88 8.86 18.02
N THR C 233 -21.49 10.04 18.48
CA THR C 233 -22.34 10.90 19.33
C THR C 233 -22.69 12.18 18.61
N LYS C 234 -22.53 12.21 17.30
CA LYS C 234 -22.86 13.38 16.47
C LYS C 234 -24.29 13.23 15.96
N LEU C 235 -24.80 14.27 15.31
CA LEU C 235 -26.13 14.19 14.68
C LEU C 235 -26.04 13.20 13.51
N TRP C 236 -27.14 12.51 13.22
CA TRP C 236 -27.11 11.26 12.42
C TRP C 236 -26.38 11.45 11.10
N PRO C 237 -26.57 12.60 10.41
CA PRO C 237 -25.92 12.83 9.13
C PRO C 237 -24.40 12.89 9.21
N VAL C 238 -23.91 13.45 10.32
CA VAL C 238 -22.45 13.50 10.57
C VAL C 238 -21.99 12.06 10.81
N THR C 239 -22.68 11.32 11.67
CA THR C 239 -22.25 10.00 12.15
C THR C 239 -22.25 9.03 10.96
N LYS C 240 -23.29 9.10 10.16
CA LYS C 240 -23.43 8.30 8.93
C LYS C 240 -22.29 8.59 7.95
N LEU C 241 -21.95 9.85 7.74
CA LEU C 241 -20.81 10.18 6.82
C LEU C 241 -19.48 9.74 7.40
N THR C 242 -19.23 9.95 8.70
CA THR C 242 -17.93 9.57 9.28
C THR C 242 -17.74 8.06 9.13
N ALA C 243 -18.84 7.30 9.21
CA ALA C 243 -18.80 5.84 9.07
C ALA C 243 -18.14 5.44 7.74
N ASN C 244 -18.41 6.20 6.68
CA ASN C 244 -17.84 5.97 5.33
C ASN C 244 -16.30 6.05 5.43
N ASP C 245 -15.79 7.06 6.11
CA ASP C 245 -14.32 7.29 6.26
C ASP C 245 -13.73 6.15 7.11
N ILE C 246 -14.45 5.72 8.15
CA ILE C 246 -13.98 4.67 9.10
C ILE C 246 -13.79 3.36 8.33
N TYR C 247 -14.78 3.02 7.53
CA TYR C 247 -14.80 1.74 6.76
C TYR C 247 -13.84 1.80 5.57
N ALA C 248 -13.67 2.95 4.93
CA ALA C 248 -12.59 3.10 3.92
C ALA C 248 -11.28 2.61 4.51
N GLU C 249 -10.98 2.98 5.76
CA GLU C 249 -9.74 2.55 6.42
C GLU C 249 -9.82 1.05 6.67
N PHE C 250 -10.92 0.58 7.28
CA PHE C 250 -11.09 -0.83 7.63
C PHE C 250 -10.92 -1.71 6.37
N TRP C 251 -11.50 -1.29 5.24
CA TRP C 251 -11.47 -2.15 4.02
C TRP C 251 -10.06 -2.19 3.45
N ALA C 252 -9.32 -1.08 3.52
CA ALA C 252 -7.92 -1.03 3.08
C ALA C 252 -7.10 -1.97 3.96
N GLU C 253 -7.37 -2.01 5.26
CA GLU C 253 -6.61 -2.92 6.15
C GLU C 253 -6.94 -4.38 5.79
N GLY C 254 -8.20 -4.69 5.52
CA GLY C 254 -8.61 -6.03 5.06
C GLY C 254 -7.88 -6.44 3.79
N ASP C 255 -7.93 -5.61 2.75
CA ASP C 255 -7.17 -5.77 1.51
C ASP C 255 -5.71 -6.07 1.85
N GLU C 256 -5.12 -5.39 2.83
CA GLU C 256 -3.69 -5.61 3.14
C GLU C 256 -3.55 -6.94 3.89
N MET C 257 -4.51 -7.31 4.74
CA MET C 257 -4.51 -8.62 5.44
C MET C 257 -4.55 -9.74 4.37
N LYS C 258 -5.48 -9.63 3.41
CA LYS C 258 -5.62 -10.62 2.30
C LYS C 258 -4.33 -10.73 1.49
N LYS C 259 -3.53 -9.67 1.47
CA LYS C 259 -2.22 -9.63 0.77
C LYS C 259 -1.14 -10.31 1.59
N LEU C 260 -1.30 -10.38 2.90
CA LEU C 260 -0.35 -11.16 3.72
C LEU C 260 -0.79 -12.64 3.71
N GLY C 261 -1.96 -12.98 3.18
CA GLY C 261 -2.41 -14.39 3.15
C GLY C 261 -3.22 -14.77 4.39
N ILE C 262 -3.77 -13.77 5.09
CA ILE C 262 -4.67 -13.92 6.27
C ILE C 262 -6.06 -13.40 5.87
N GLN C 263 -7.11 -14.17 6.09
CA GLN C 263 -8.49 -13.72 5.79
C GLN C 263 -8.87 -12.68 6.84
N PRO C 264 -9.32 -11.46 6.48
CA PRO C 264 -9.57 -10.48 7.50
C PRO C 264 -10.87 -10.89 8.20
N ILE C 265 -11.10 -10.31 9.37
CA ILE C 265 -12.42 -10.34 10.05
C ILE C 265 -13.43 -9.61 9.16
N PRO C 266 -14.73 -9.95 9.30
CA PRO C 266 -15.79 -9.39 8.44
C PRO C 266 -15.92 -7.86 8.41
N MET C 267 -15.69 -7.21 9.53
CA MET C 267 -15.68 -5.74 9.68
C MET C 267 -14.73 -5.13 8.63
N MET C 268 -13.64 -5.82 8.30
CA MET C 268 -12.56 -5.22 7.49
C MET C 268 -12.60 -5.80 6.07
N ASP C 269 -13.67 -6.54 5.76
CA ASP C 269 -13.82 -7.23 4.45
C ASP C 269 -14.78 -6.44 3.57
N ARG C 270 -14.28 -5.89 2.47
CA ARG C 270 -15.15 -5.05 1.60
C ARG C 270 -16.15 -5.93 0.84
N ASP C 271 -15.98 -7.25 0.81
CA ASP C 271 -16.99 -8.20 0.23
C ASP C 271 -18.13 -8.49 1.22
N LYS C 272 -18.08 -7.98 2.46
CA LYS C 272 -19.10 -8.24 3.50
C LYS C 272 -19.66 -6.90 3.97
N LYS C 273 -19.73 -5.96 3.03
CA LYS C 273 -20.25 -4.59 3.18
C LYS C 273 -21.66 -4.59 3.76
N ASP C 274 -22.54 -5.43 3.22
CA ASP C 274 -23.97 -5.55 3.64
C ASP C 274 -24.12 -5.81 5.15
N GLU C 275 -23.12 -6.44 5.81
CA GLU C 275 -23.13 -6.73 7.27
C GLU C 275 -22.77 -5.51 8.14
N VAL C 276 -22.61 -4.32 7.54
CA VAL C 276 -22.04 -3.15 8.27
C VAL C 276 -23.06 -2.68 9.31
N PRO C 277 -24.36 -2.45 8.93
CA PRO C 277 -25.39 -2.03 9.88
C PRO C 277 -25.41 -2.91 11.14
N GLN C 278 -25.43 -4.23 10.94
CA GLN C 278 -25.42 -5.24 12.03
C GLN C 278 -24.11 -5.13 12.82
N GLY C 279 -22.97 -4.87 12.15
CA GLY C 279 -21.66 -4.67 12.79
C GLY C 279 -21.64 -3.40 13.63
N GLN C 280 -22.39 -2.36 13.25
CA GLN C 280 -22.43 -1.09 14.01
C GLN C 280 -23.24 -1.29 15.30
N LEU C 281 -24.44 -1.88 15.20
CA LEU C 281 -25.23 -2.33 16.39
C LEU C 281 -24.32 -3.01 17.40
N GLY C 282 -23.54 -3.97 16.95
CA GLY C 282 -22.67 -4.76 17.84
C GLY C 282 -21.59 -3.90 18.46
N PHE C 283 -20.97 -3.02 17.68
CA PHE C 283 -19.98 -2.07 18.23
C PHE C 283 -20.63 -1.20 19.30
N TYR C 284 -21.88 -0.76 19.06
CA TYR C 284 -22.57 0.21 19.92
C TYR C 284 -23.00 -0.46 21.22
N ASN C 285 -23.58 -1.66 21.08
CA ASN C 285 -24.04 -2.48 22.21
C ASN C 285 -22.85 -2.92 23.06
N ALA C 286 -21.73 -3.24 22.45
CA ALA C 286 -20.56 -3.83 23.17
C ALA C 286 -19.55 -2.78 23.65
N VAL C 287 -19.40 -1.66 22.94
CA VAL C 287 -18.24 -0.75 23.17
C VAL C 287 -18.78 0.64 23.57
N ALA C 288 -19.55 1.25 22.67
CA ALA C 288 -19.95 2.67 22.70
C ALA C 288 -20.98 2.94 23.83
N ILE C 289 -22.06 2.18 23.92
CA ILE C 289 -23.12 2.48 24.95
C ILE C 289 -22.53 2.27 26.34
N PRO C 290 -21.84 1.16 26.66
CA PRO C 290 -21.21 1.00 27.97
C PRO C 290 -20.28 2.15 28.33
N CYS C 291 -19.51 2.62 27.35
CA CYS C 291 -18.49 3.65 27.58
C CYS C 291 -19.19 4.92 28.03
N TYR C 292 -20.11 5.40 27.23
CA TYR C 292 -20.83 6.65 27.56
C TYR C 292 -21.74 6.49 28.77
N THR C 293 -22.24 5.29 29.03
CA THR C 293 -23.07 4.95 30.23
C THR C 293 -22.25 5.16 31.51
N THR C 294 -21.09 4.51 31.60
CA THR C 294 -20.14 4.62 32.73
C THR C 294 -19.68 6.07 32.88
N LEU C 295 -19.35 6.75 31.79
CA LEU C 295 -18.88 8.16 31.82
C LEU C 295 -19.96 9.08 32.41
N THR C 296 -21.20 8.83 32.03
CA THR C 296 -22.33 9.64 32.50
C THR C 296 -22.53 9.42 34.01
N GLN C 297 -22.28 8.21 34.49
CA GLN C 297 -22.39 7.92 35.94
C GLN C 297 -21.33 8.70 36.71
N ILE C 298 -20.10 8.72 36.21
CA ILE C 298 -19.01 9.43 36.92
C ILE C 298 -19.18 10.92 36.76
N LEU C 299 -19.60 11.37 35.58
CA LEU C 299 -19.63 12.81 35.20
C LEU C 299 -20.96 13.11 34.53
N PRO C 300 -22.01 13.34 35.36
CA PRO C 300 -23.38 13.46 34.88
C PRO C 300 -23.67 14.53 33.84
N PRO C 301 -22.91 15.65 33.79
CA PRO C 301 -23.06 16.58 32.67
C PRO C 301 -22.67 16.07 31.26
N THR C 302 -22.13 14.85 31.13
CA THR C 302 -21.68 14.28 29.83
C THR C 302 -22.87 13.55 29.20
N GLU C 303 -24.01 13.66 29.85
CA GLU C 303 -25.29 12.98 29.48
C GLU C 303 -25.62 13.13 28.00
N PRO C 304 -25.54 14.34 27.42
CA PRO C 304 -25.74 14.48 25.96
C PRO C 304 -25.03 13.45 25.06
N LEU C 305 -23.78 13.07 25.40
CA LEU C 305 -23.05 12.07 24.62
C LEU C 305 -23.83 10.77 24.68
N LEU C 306 -24.23 10.31 25.88
CA LEU C 306 -24.95 9.02 26.04
C LEU C 306 -26.22 9.11 25.20
N LYS C 307 -26.87 10.27 25.22
CA LYS C 307 -28.19 10.46 24.59
C LYS C 307 -28.03 10.40 23.07
N ALA C 308 -27.02 11.10 22.50
CA ALA C 308 -26.81 11.12 21.03
C ALA C 308 -26.39 9.74 20.54
N CYS C 309 -25.60 8.99 21.30
CA CYS C 309 -25.19 7.61 20.93
C CYS C 309 -26.41 6.65 20.84
N ARG C 310 -27.28 6.65 21.85
CA ARG C 310 -28.55 5.88 21.85
C ARG C 310 -29.37 6.28 20.60
N ASP C 311 -29.53 7.57 20.36
CA ASP C 311 -30.23 8.02 19.13
C ASP C 311 -29.63 7.37 17.87
N ASN C 312 -28.31 7.37 17.72
CA ASN C 312 -27.62 6.79 16.53
C ASN C 312 -27.84 5.26 16.44
N LEU C 313 -27.76 4.52 17.54
CA LEU C 313 -28.05 3.05 17.61
C LEU C 313 -29.45 2.84 16.99
N SER C 314 -30.42 3.64 17.43
CA SER C 314 -31.80 3.57 16.91
C SER C 314 -31.84 3.87 15.40
N GLN C 315 -31.02 4.77 14.90
CA GLN C 315 -30.89 4.97 13.43
C GLN C 315 -30.29 3.73 12.74
N TRP C 316 -29.36 3.03 13.38
CA TRP C 316 -28.79 1.78 12.80
C TRP C 316 -29.83 0.66 12.77
N GLU C 317 -30.62 0.54 13.84
CA GLU C 317 -31.74 -0.41 13.94
C GLU C 317 -32.72 -0.13 12.79
N LYS C 318 -32.96 1.14 12.44
CA LYS C 318 -33.88 1.54 11.35
C LYS C 318 -33.25 1.10 10.01
N VAL C 319 -31.94 1.33 9.83
CA VAL C 319 -31.21 0.96 8.59
C VAL C 319 -31.26 -0.57 8.41
N ILE C 320 -31.14 -1.35 9.47
CA ILE C 320 -31.20 -2.84 9.42
C ILE C 320 -32.61 -3.32 9.04
N ARG C 321 -33.67 -2.63 9.50
CA ARG C 321 -35.08 -3.00 9.18
C ARG C 321 -35.46 -2.47 7.78
N GLY C 322 -34.57 -1.73 7.11
CA GLY C 322 -34.82 -1.24 5.73
C GLY C 322 -35.76 -0.04 5.70
N GLU C 323 -35.88 0.72 6.82
CA GLU C 323 -36.64 2.00 6.91
C GLU C 323 -35.75 3.17 6.51
N GLU C 324 -34.47 2.92 6.24
CA GLU C 324 -33.52 3.94 5.71
C GLU C 324 -32.28 3.25 5.14
N TRP D 10 15.53 -36.42 44.18
CA TRP D 10 16.54 -36.63 45.25
C TRP D 10 17.84 -37.09 44.60
N GLN D 11 17.75 -38.19 43.82
CA GLN D 11 18.85 -38.81 43.02
C GLN D 11 18.60 -38.61 41.52
N GLY D 12 17.57 -37.83 41.15
CA GLY D 12 17.24 -37.42 39.77
C GLY D 12 17.77 -36.02 39.47
N LEU D 13 18.87 -35.65 40.14
CA LEU D 13 19.59 -34.35 39.95
C LEU D 13 20.74 -34.57 38.97
N MET D 14 20.73 -35.71 38.27
CA MET D 14 21.80 -36.14 37.35
C MET D 14 21.52 -35.58 35.93
N GLN D 15 22.15 -34.47 35.58
CA GLN D 15 22.01 -33.86 34.23
C GLN D 15 23.19 -34.23 33.34
N PHE D 16 23.01 -34.21 32.02
CA PHE D 16 24.10 -34.33 31.03
C PHE D 16 24.65 -32.96 30.68
N THR D 17 25.96 -32.87 30.52
CA THR D 17 26.67 -31.64 30.08
C THR D 17 27.54 -32.00 28.88
N LEU D 18 27.68 -31.12 27.91
CA LEU D 18 28.58 -31.34 26.78
C LEU D 18 29.82 -30.47 26.98
N PRO D 19 30.98 -30.85 26.40
CA PRO D 19 32.06 -29.88 26.31
C PRO D 19 31.60 -28.56 25.69
N VAL D 20 32.27 -27.47 26.08
CA VAL D 20 31.81 -26.08 25.80
C VAL D 20 31.40 -25.96 24.34
N ARG D 21 32.26 -26.33 23.37
CA ARG D 21 32.00 -26.14 21.92
C ARG D 21 30.71 -26.86 21.54
N LEU D 22 30.48 -28.07 22.04
CA LEU D 22 29.29 -28.88 21.62
C LEU D 22 28.06 -28.26 22.24
N CYS D 23 28.20 -27.82 23.50
CA CYS D 23 27.14 -27.12 24.26
C CYS D 23 26.66 -25.91 23.47
N LYS D 24 27.59 -25.22 22.81
CA LYS D 24 27.29 -24.01 22.00
C LYS D 24 26.76 -24.42 20.62
N GLU D 25 27.45 -25.32 19.93
CA GLU D 25 27.16 -25.53 18.50
C GLU D 25 25.91 -26.40 18.29
N ILE D 26 25.48 -27.11 19.34
CA ILE D 26 24.38 -28.11 19.26
C ILE D 26 23.07 -27.35 19.02
N GLU D 27 23.05 -26.09 19.40
CA GLU D 27 21.83 -25.26 19.25
C GLU D 27 21.75 -24.75 17.81
N LEU D 28 22.84 -24.78 17.03
CA LEU D 28 22.81 -24.38 15.60
C LEU D 28 22.25 -25.53 14.72
N PHE D 29 21.48 -25.23 13.69
CA PHE D 29 20.89 -26.28 12.82
C PHE D 29 21.98 -27.13 12.13
N HIS D 30 23.13 -26.54 11.81
CA HIS D 30 24.15 -27.16 10.96
C HIS D 30 25.14 -28.00 11.79
N PHE D 31 24.99 -28.02 13.11
CA PHE D 31 25.76 -28.89 14.01
C PHE D 31 25.93 -30.31 13.44
N ASP D 32 27.16 -30.81 13.55
CA ASP D 32 27.55 -32.20 13.23
C ASP D 32 27.82 -32.91 14.54
N ILE D 33 27.29 -34.11 14.71
CA ILE D 33 27.38 -34.78 16.04
C ILE D 33 28.77 -35.42 16.23
N GLY D 34 29.66 -35.36 15.23
CA GLY D 34 31.07 -35.80 15.40
C GLY D 34 31.24 -37.30 15.17
N PRO D 35 32.51 -37.77 15.06
CA PRO D 35 32.80 -39.18 14.72
C PRO D 35 32.90 -40.15 15.90
N PHE D 36 32.81 -39.65 17.14
CA PHE D 36 32.92 -40.45 18.38
C PHE D 36 31.56 -41.07 18.71
N GLU D 37 31.33 -42.28 18.23
CA GLU D 37 30.08 -43.06 18.40
C GLU D 37 29.63 -42.97 19.86
N ASN D 38 30.53 -43.19 20.82
CA ASN D 38 30.20 -43.40 22.25
C ASN D 38 29.71 -42.10 22.92
N MET D 39 29.73 -40.98 22.20
CA MET D 39 29.20 -39.71 22.76
C MET D 39 27.78 -39.46 22.24
N TRP D 40 27.31 -40.19 21.24
CA TRP D 40 25.98 -39.95 20.62
C TRP D 40 24.82 -40.25 21.59
N PRO D 41 24.82 -41.33 22.40
CA PRO D 41 23.73 -41.54 23.34
C PRO D 41 23.57 -40.41 24.37
N GLY D 42 24.70 -39.92 24.86
CA GLY D 42 24.72 -38.76 25.78
C GLY D 42 24.26 -37.50 25.08
N ILE D 43 24.67 -37.27 23.82
CA ILE D 43 24.22 -36.04 23.09
C ILE D 43 22.71 -36.10 22.92
N PHE D 44 22.15 -37.29 22.78
CA PHE D 44 20.70 -37.50 22.56
C PHE D 44 19.94 -37.26 23.85
N VAL D 45 20.33 -37.92 24.94
CA VAL D 45 19.76 -37.64 26.29
C VAL D 45 19.84 -36.15 26.59
N TYR D 46 20.95 -35.47 26.30
CA TYR D 46 21.08 -34.01 26.55
C TYR D 46 19.91 -33.32 25.86
N MET D 47 19.67 -33.67 24.59
CA MET D 47 18.66 -32.99 23.75
C MET D 47 17.26 -33.29 24.31
N VAL D 48 17.00 -34.53 24.71
CA VAL D 48 15.65 -34.88 25.28
C VAL D 48 15.44 -34.07 26.57
N HIS D 49 16.49 -33.86 27.37
CA HIS D 49 16.39 -33.16 28.68
C HIS D 49 16.05 -31.68 28.46
N ARG D 50 16.78 -31.02 27.54
CA ARG D 50 16.56 -29.58 27.28
C ARG D 50 15.28 -29.39 26.49
N SER D 51 14.89 -30.39 25.70
CA SER D 51 13.80 -30.30 24.70
C SER D 51 12.44 -30.38 25.37
N CYS D 52 12.23 -31.40 26.20
CA CYS D 52 10.90 -31.58 26.81
C CYS D 52 10.99 -31.84 28.31
N GLY D 53 12.20 -31.88 28.89
CA GLY D 53 12.40 -31.76 30.36
C GLY D 53 13.16 -32.94 30.94
N THR D 54 13.76 -32.74 32.12
CA THR D 54 14.72 -33.70 32.73
C THR D 54 13.94 -34.89 33.28
N SER D 55 12.61 -34.74 33.37
CA SER D 55 11.67 -35.58 34.13
C SER D 55 10.77 -36.41 33.22
N CYS D 56 10.67 -36.08 31.93
CA CYS D 56 9.74 -36.73 31.00
C CYS D 56 10.04 -38.23 30.92
N PHE D 57 11.31 -38.64 30.96
CA PHE D 57 11.65 -40.08 30.92
C PHE D 57 12.42 -40.44 32.17
N GLU D 58 12.30 -41.71 32.58
CA GLU D 58 13.16 -42.31 33.61
C GLU D 58 14.51 -42.62 32.93
N LEU D 59 15.60 -42.01 33.41
CA LEU D 59 16.94 -42.12 32.75
C LEU D 59 17.24 -43.60 32.44
N GLU D 60 17.05 -44.51 33.37
CA GLU D 60 17.50 -45.92 33.20
C GLU D 60 16.65 -46.64 32.15
N LYS D 61 15.39 -46.25 31.94
CA LYS D 61 14.57 -46.80 30.83
C LYS D 61 14.99 -46.17 29.50
N LEU D 62 15.20 -44.86 29.51
CA LEU D 62 15.69 -44.12 28.32
C LEU D 62 17.00 -44.74 27.86
N CME D 63 17.96 -44.94 28.76
CA CME D 63 19.31 -45.44 28.38
CB CME D 63 20.31 -45.38 29.49
SG CME D 63 21.05 -43.74 29.62
SD CME D 63 22.05 -43.32 27.85
CE CME D 63 23.59 -44.29 27.86
CZ CME D 63 24.78 -43.44 28.21
OH CME D 63 25.79 -44.21 28.81
C CME D 63 19.19 -46.83 27.77
O CME D 63 19.75 -47.01 26.72
N ARG D 64 18.44 -47.74 28.37
CA ARG D 64 18.38 -49.11 27.82
C ARG D 64 17.48 -49.15 26.58
N PHE D 65 16.58 -48.18 26.43
CA PHE D 65 15.85 -48.02 25.16
C PHE D 65 16.86 -47.59 24.07
N ILE D 66 17.66 -46.58 24.34
CA ILE D 66 18.64 -46.03 23.37
C ILE D 66 19.61 -47.14 22.91
N MET D 67 20.01 -48.03 23.80
CA MET D 67 21.06 -49.02 23.48
C MET D 67 20.47 -50.20 22.72
N SER D 68 19.21 -50.57 22.96
CA SER D 68 18.46 -51.53 22.10
C SER D 68 18.21 -50.93 20.70
N VAL D 69 17.88 -49.64 20.62
CA VAL D 69 17.71 -48.93 19.32
C VAL D 69 19.01 -48.94 18.51
N LYS D 70 20.12 -48.52 19.14
CA LYS D 70 21.47 -48.54 18.50
C LYS D 70 21.73 -49.94 17.95
N LYS D 71 21.44 -50.97 18.75
CA LYS D 71 21.83 -52.36 18.42
C LYS D 71 21.00 -52.88 17.26
N ASN D 72 19.86 -52.26 16.93
CA ASN D 72 18.97 -52.72 15.84
C ASN D 72 19.08 -51.84 14.58
N TYR D 73 20.12 -51.00 14.51
CA TYR D 73 20.57 -50.32 13.28
C TYR D 73 21.78 -51.09 12.75
N ARG D 74 21.80 -51.33 11.46
CA ARG D 74 22.88 -52.13 10.86
C ARG D 74 24.07 -51.27 10.47
N ARG D 75 25.22 -51.92 10.29
CA ARG D 75 26.48 -51.27 9.84
C ARG D 75 26.44 -51.10 8.32
N VAL D 76 25.57 -50.23 7.84
CA VAL D 76 25.47 -49.86 6.41
C VAL D 76 26.14 -48.51 6.24
N PRO D 77 26.49 -48.10 5.00
CA PRO D 77 27.24 -46.85 4.81
C PRO D 77 26.51 -45.57 5.26
N TYR D 78 25.19 -45.50 5.09
CA TYR D 78 24.44 -44.24 5.32
C TYR D 78 23.27 -44.43 6.31
N HIS D 79 22.38 -45.39 6.10
CA HIS D 79 21.15 -45.57 6.91
C HIS D 79 21.46 -46.23 8.24
N ASN D 80 22.29 -45.59 9.06
CA ASN D 80 22.87 -46.21 10.27
C ASN D 80 22.54 -45.41 11.54
N TRP D 81 23.21 -45.75 12.63
CA TRP D 81 22.99 -45.16 13.98
C TRP D 81 23.28 -43.66 13.93
N LYS D 82 24.32 -43.25 13.21
CA LYS D 82 24.69 -41.83 13.10
C LYS D 82 23.57 -41.06 12.43
N HIS D 83 23.03 -41.60 11.35
CA HIS D 83 21.88 -40.99 10.66
C HIS D 83 20.73 -40.74 11.64
N ALA D 84 20.37 -41.75 12.43
CA ALA D 84 19.26 -41.69 13.40
C ALA D 84 19.47 -40.50 14.35
N VAL D 85 20.66 -40.37 14.89
CA VAL D 85 20.94 -39.29 15.88
C VAL D 85 21.07 -37.92 15.19
N THR D 86 21.66 -37.85 14.00
CA THR D 86 21.68 -36.61 13.18
C THR D 86 20.28 -36.09 12.93
N VAL D 87 19.39 -36.95 12.42
CA VAL D 87 17.96 -36.56 12.16
C VAL D 87 17.31 -36.06 13.46
N ALA D 88 17.53 -36.75 14.56
CA ALA D 88 16.95 -36.39 15.87
C ALA D 88 17.44 -35.02 16.33
N HIS D 89 18.71 -34.71 16.16
CA HIS D 89 19.26 -33.37 16.44
C HIS D 89 18.53 -32.31 15.61
N CYS D 90 18.24 -32.56 14.34
CA CYS D 90 17.53 -31.58 13.50
C CYS D 90 16.14 -31.29 14.13
N MET D 91 15.44 -32.34 14.54
CA MET D 91 14.14 -32.18 15.20
C MET D 91 14.33 -31.38 16.50
N TYR D 92 15.39 -31.64 17.24
CA TYR D 92 15.78 -30.86 18.43
C TYR D 92 15.93 -29.37 18.06
N ALA D 93 16.79 -29.07 17.09
CA ALA D 93 17.00 -27.69 16.59
C ALA D 93 15.64 -27.05 16.28
N ILE D 94 14.72 -27.81 15.68
CA ILE D 94 13.40 -27.27 15.24
C ILE D 94 12.52 -27.02 16.46
N LEU D 95 12.48 -27.97 17.39
CA LEU D 95 11.56 -27.84 18.56
C LEU D 95 12.07 -26.74 19.52
N GLN D 96 13.37 -26.51 19.68
CA GLN D 96 13.85 -25.45 20.60
C GLN D 96 13.55 -24.05 20.00
N ASN D 97 13.46 -23.93 18.68
CA ASN D 97 13.35 -22.61 18.00
C ASN D 97 11.90 -22.35 17.61
N ASN D 98 10.99 -23.24 18.00
CA ASN D 98 9.52 -23.11 17.85
C ASN D 98 8.84 -23.67 19.09
N HIS D 99 9.36 -23.34 20.28
CA HIS D 99 9.09 -24.12 21.52
C HIS D 99 7.66 -23.88 22.00
N THR D 100 7.03 -22.77 21.63
CA THR D 100 5.64 -22.47 22.09
C THR D 100 4.62 -23.21 21.22
N LEU D 101 5.02 -23.78 20.07
CA LEU D 101 4.01 -24.32 19.10
C LEU D 101 3.66 -25.78 19.39
N PHE D 102 4.51 -26.54 20.09
CA PHE D 102 4.27 -28.00 20.29
C PHE D 102 3.83 -28.35 21.71
N THR D 103 3.04 -29.41 21.80
CA THR D 103 2.52 -29.97 23.06
C THR D 103 3.59 -30.89 23.67
N ASP D 104 3.34 -31.34 24.88
CA ASP D 104 4.33 -32.12 25.68
C ASP D 104 4.47 -33.52 25.07
N LEU D 105 3.38 -34.09 24.54
CA LEU D 105 3.43 -35.41 23.85
C LEU D 105 4.24 -35.32 22.57
N GLU D 106 4.04 -34.22 21.86
CA GLU D 106 4.67 -34.01 20.54
C GLU D 106 6.17 -33.86 20.76
N ARG D 107 6.56 -33.14 21.82
CA ARG D 107 7.99 -33.03 22.14
C ARG D 107 8.51 -34.44 22.41
N LYS D 108 7.86 -35.17 23.34
CA LYS D 108 8.31 -36.51 23.78
C LYS D 108 8.41 -37.45 22.58
N GLY D 109 7.33 -37.52 21.81
CA GLY D 109 7.22 -38.50 20.70
C GLY D 109 8.10 -38.20 19.50
N LEU D 110 8.38 -36.94 19.18
CA LEU D 110 9.07 -36.60 17.89
C LEU D 110 10.59 -36.87 17.94
N LEU D 111 11.27 -36.56 19.03
CA LEU D 111 12.69 -36.95 19.14
C LEU D 111 12.77 -38.48 19.03
N ILE D 112 11.92 -39.19 19.79
CA ILE D 112 11.92 -40.68 19.79
C ILE D 112 11.69 -41.15 18.35
N ALA D 113 10.69 -40.61 17.67
CA ALA D 113 10.33 -41.04 16.30
C ALA D 113 11.54 -40.87 15.39
N CYS D 114 12.24 -39.75 15.50
CA CYS D 114 13.44 -39.51 14.65
C CYS D 114 14.52 -40.57 14.88
N LEU D 115 14.78 -40.89 16.14
CA LEU D 115 15.85 -41.86 16.50
C LEU D 115 15.49 -43.25 15.99
N CYS D 116 14.19 -43.50 15.86
CA CYS D 116 13.69 -44.86 15.52
C CYS D 116 13.29 -44.97 14.04
N HIS D 117 13.38 -43.88 13.29
CA HIS D 117 12.66 -43.74 12.00
C HIS D 117 13.20 -44.68 10.94
N ASP D 118 14.40 -45.19 11.11
CA ASP D 118 15.05 -46.00 10.06
C ASP D 118 15.52 -47.33 10.65
N LEU D 119 14.90 -47.78 11.74
CA LEU D 119 15.30 -49.02 12.45
C LEU D 119 15.34 -50.22 11.51
N ASP D 120 16.49 -50.92 11.51
CA ASP D 120 16.71 -52.20 10.82
C ASP D 120 16.68 -51.98 9.31
N HIS D 121 17.25 -50.87 8.88
CA HIS D 121 17.40 -50.54 7.45
C HIS D 121 18.51 -51.40 6.87
N ARG D 122 18.26 -51.98 5.70
CA ARG D 122 19.25 -52.87 5.04
C ARG D 122 20.03 -52.11 3.97
N GLY D 123 19.74 -50.83 3.79
CA GLY D 123 20.46 -50.05 2.77
C GLY D 123 19.72 -50.07 1.46
N PHE D 124 18.49 -50.54 1.44
CA PHE D 124 17.74 -50.75 0.18
C PHE D 124 16.38 -50.05 0.22
N SER D 125 16.01 -49.48 -0.92
CA SER D 125 14.76 -48.71 -1.12
C SER D 125 13.57 -49.69 -1.08
N ASN D 126 12.39 -49.15 -0.82
CA ASN D 126 11.12 -49.90 -0.97
C ASN D 126 11.03 -50.55 -2.36
N SER D 127 11.42 -49.85 -3.44
CA SER D 127 11.30 -50.37 -4.83
C SER D 127 12.10 -51.68 -4.97
N TYR D 128 13.33 -51.68 -4.50
CA TYR D 128 14.20 -52.87 -4.57
C TYR D 128 13.54 -54.04 -3.80
N LEU D 129 13.01 -53.82 -2.60
CA LEU D 129 12.39 -54.94 -1.85
C LEU D 129 11.25 -55.45 -2.75
N GLN D 130 10.53 -54.53 -3.41
CA GLN D 130 9.38 -54.89 -4.28
C GLN D 130 9.84 -55.78 -5.44
N LYS D 131 10.88 -55.37 -6.17
CA LYS D 131 11.38 -56.13 -7.36
C LYS D 131 12.11 -57.40 -6.91
N PHE D 132 12.73 -57.39 -5.74
CA PHE D 132 13.38 -58.61 -5.20
C PHE D 132 12.28 -59.63 -4.83
N ASP D 133 11.12 -59.11 -4.43
CA ASP D 133 10.00 -59.90 -3.87
C ASP D 133 10.37 -60.31 -2.43
N HIS D 134 10.92 -59.38 -1.66
CA HIS D 134 11.25 -59.60 -0.22
C HIS D 134 9.96 -59.83 0.58
N PRO D 135 9.94 -60.76 1.56
CA PRO D 135 8.77 -60.96 2.43
C PRO D 135 8.16 -59.71 3.08
N LEU D 136 8.99 -58.70 3.38
CA LEU D 136 8.48 -57.42 3.92
C LEU D 136 7.45 -56.80 2.94
N ALA D 137 7.65 -56.93 1.61
CA ALA D 137 6.81 -56.30 0.55
C ALA D 137 5.46 -57.00 0.48
N ALA D 138 5.39 -58.25 0.91
CA ALA D 138 4.14 -59.03 0.92
C ALA D 138 3.33 -58.57 2.12
N LEU D 139 4.04 -58.27 3.21
CA LEU D 139 3.43 -57.92 4.51
C LEU D 139 2.98 -56.45 4.50
N TYR D 140 3.82 -55.57 3.94
CA TYR D 140 3.58 -54.10 3.85
C TYR D 140 3.65 -53.67 2.38
N SER D 141 2.50 -53.47 1.74
CA SER D 141 2.42 -53.24 0.28
C SER D 141 2.81 -51.80 -0.06
N THR D 142 2.79 -50.93 0.95
CA THR D 142 3.06 -49.48 0.84
C THR D 142 4.00 -49.11 1.98
N SER D 143 4.76 -48.05 1.79
CA SER D 143 5.76 -47.57 2.78
C SER D 143 6.39 -48.77 3.49
N THR D 144 6.84 -49.74 2.69
CA THR D 144 7.30 -51.08 3.16
C THR D 144 8.29 -50.97 4.31
N MET D 145 9.40 -50.26 4.12
CA MET D 145 10.42 -50.21 5.19
C MET D 145 9.86 -49.39 6.36
N GLU D 146 9.14 -48.31 6.05
CA GLU D 146 8.58 -47.36 7.05
C GLU D 146 7.60 -48.07 8.02
N GLN D 147 6.80 -49.00 7.52
CA GLN D 147 5.90 -49.82 8.37
C GLN D 147 6.75 -50.80 9.18
N HIS D 148 7.80 -51.37 8.59
CA HIS D 148 8.79 -52.20 9.33
C HIS D 148 9.47 -51.37 10.43
N HIS D 149 9.87 -50.13 10.14
CA HIS D 149 10.57 -49.26 11.12
C HIS D 149 9.71 -49.08 12.38
N PHE D 150 8.44 -48.76 12.21
CA PHE D 150 7.51 -48.51 13.34
C PHE D 150 7.29 -49.82 14.09
N SER D 151 7.08 -50.90 13.34
CA SER D 151 6.97 -52.26 13.90
C SER D 151 8.16 -52.59 14.82
N GLN D 152 9.40 -52.38 14.36
CA GLN D 152 10.61 -52.56 15.19
C GLN D 152 10.52 -51.67 16.42
N THR D 153 10.13 -50.41 16.25
CA THR D 153 9.99 -49.43 17.37
C THR D 153 9.11 -49.98 18.48
N VAL D 154 7.98 -50.55 18.10
CA VAL D 154 6.97 -51.12 19.04
C VAL D 154 7.60 -52.31 19.74
N SER D 155 8.20 -53.22 18.98
CA SER D 155 8.93 -54.38 19.55
C SER D 155 9.83 -53.92 20.70
N ILE D 156 10.53 -52.78 20.53
CA ILE D 156 11.58 -52.39 21.50
C ILE D 156 10.91 -51.83 22.75
N LEU D 157 9.88 -51.02 22.60
CA LEU D 157 9.16 -50.48 23.78
C LEU D 157 8.59 -51.62 24.64
N GLN D 158 8.16 -52.73 24.02
CA GLN D 158 7.58 -53.89 24.76
C GLN D 158 8.65 -54.91 25.16
N LEU D 159 9.93 -54.56 25.07
CA LEU D 159 11.02 -55.33 25.71
C LEU D 159 10.96 -55.00 27.20
N GLU D 160 11.38 -55.96 28.01
CA GLU D 160 11.39 -55.74 29.47
C GLU D 160 12.28 -54.52 29.85
N GLY D 161 11.74 -53.67 30.69
CA GLY D 161 12.39 -52.47 31.24
C GLY D 161 12.60 -51.37 30.22
N HIS D 162 11.93 -51.38 29.08
CA HIS D 162 12.22 -50.44 27.95
C HIS D 162 11.10 -49.42 27.75
N ASN D 163 9.97 -49.58 28.43
CA ASN D 163 8.78 -48.74 28.14
C ASN D 163 8.96 -47.37 28.76
N ILE D 164 9.50 -46.45 27.96
CA ILE D 164 9.84 -45.07 28.32
C ILE D 164 8.56 -44.22 28.39
N PHE D 165 7.41 -44.80 28.04
CA PHE D 165 6.11 -44.09 28.17
C PHE D 165 5.25 -44.69 29.27
N SER D 166 5.87 -45.38 30.22
CA SER D 166 5.17 -46.08 31.33
C SER D 166 4.36 -45.08 32.13
N THR D 167 4.93 -43.91 32.49
CA THR D 167 4.27 -42.97 33.45
C THR D 167 3.09 -42.25 32.78
N LEU D 168 2.95 -42.34 31.45
CA LEU D 168 1.85 -41.70 30.70
C LEU D 168 0.56 -42.44 31.04
N SER D 169 -0.59 -41.76 30.88
CA SER D 169 -1.95 -42.38 30.93
C SER D 169 -2.13 -43.25 29.69
N SER D 170 -3.22 -44.00 29.60
CA SER D 170 -3.40 -45.01 28.52
C SER D 170 -3.83 -44.30 27.24
N SER D 171 -4.48 -43.15 27.38
CA SER D 171 -4.92 -42.27 26.26
C SER D 171 -3.80 -41.35 25.78
N GLU D 172 -2.90 -40.93 26.67
CA GLU D 172 -1.69 -40.20 26.24
C GLU D 172 -0.75 -41.19 25.56
N TYR D 173 -0.77 -42.46 25.98
CA TYR D 173 0.21 -43.48 25.51
C TYR D 173 -0.16 -43.81 24.08
N GLU D 174 -1.45 -44.04 23.88
CA GLU D 174 -1.98 -44.29 22.54
C GLU D 174 -1.87 -43.05 21.63
N GLN D 175 -1.84 -41.86 22.20
CA GLN D 175 -1.70 -40.62 21.40
C GLN D 175 -0.23 -40.47 20.97
N VAL D 176 0.70 -40.69 21.89
CA VAL D 176 2.15 -40.56 21.57
C VAL D 176 2.49 -41.65 20.54
N LEU D 177 1.97 -42.86 20.69
CA LEU D 177 2.32 -43.96 19.77
C LEU D 177 1.79 -43.63 18.38
N GLU D 178 0.65 -42.94 18.32
CA GLU D 178 0.03 -42.48 17.06
C GLU D 178 0.82 -41.32 16.40
N ILE D 179 1.39 -40.39 17.18
CA ILE D 179 2.29 -39.31 16.67
C ILE D 179 3.52 -39.98 16.03
N ILE D 180 4.04 -41.01 16.71
CA ILE D 180 5.30 -41.69 16.28
C ILE D 180 5.06 -42.42 14.95
N ARG D 181 3.95 -43.13 14.82
CA ARG D 181 3.67 -43.93 13.60
C ARG D 181 3.47 -43.00 12.39
N LYS D 182 2.72 -41.92 12.57
CA LYS D 182 2.50 -40.92 11.50
C LYS D 182 3.84 -40.34 11.09
N ALA D 183 4.62 -39.96 12.09
CA ALA D 183 5.92 -39.33 11.87
C ALA D 183 6.83 -40.30 11.11
N ILE D 184 6.90 -41.57 11.51
CA ILE D 184 7.76 -42.58 10.83
C ILE D 184 7.29 -42.80 9.40
N ILE D 185 5.99 -43.02 9.20
CA ILE D 185 5.39 -43.27 7.86
C ILE D 185 5.63 -42.09 6.92
N ALA D 186 5.79 -40.86 7.44
CA ALA D 186 5.86 -39.63 6.63
C ALA D 186 7.28 -39.51 6.05
N THR D 187 8.24 -40.27 6.58
CA THR D 187 9.66 -40.29 6.10
C THR D 187 9.79 -41.08 4.80
N ASP D 188 8.71 -41.68 4.33
CA ASP D 188 8.58 -42.28 2.97
C ASP D 188 8.46 -41.14 1.98
N LEU D 189 9.56 -40.86 1.28
CA LEU D 189 9.68 -39.68 0.43
C LEU D 189 8.60 -39.74 -0.65
N ALA D 190 8.17 -40.93 -1.06
CA ALA D 190 7.05 -41.05 -2.04
C ALA D 190 5.85 -40.22 -1.56
N LEU D 191 5.56 -40.19 -0.25
CA LEU D 191 4.40 -39.47 0.34
C LEU D 191 4.68 -37.98 0.52
N TYR D 192 5.94 -37.56 0.66
CA TYR D 192 6.35 -36.15 0.88
C TYR D 192 5.73 -35.21 -0.18
N PHE D 193 5.80 -35.58 -1.47
CA PHE D 193 5.46 -34.67 -2.59
C PHE D 193 4.01 -34.18 -2.45
N GLY D 194 3.05 -35.10 -2.30
CA GLY D 194 1.62 -34.79 -2.03
C GLY D 194 1.42 -33.94 -0.77
N ASN D 195 2.17 -34.24 0.31
CA ASN D 195 2.02 -33.53 1.60
C ASN D 195 2.50 -32.07 1.44
N ARG D 196 3.56 -31.82 0.69
CA ARG D 196 4.11 -30.45 0.60
C ARG D 196 3.20 -29.58 -0.29
N LYS D 197 2.65 -30.14 -1.37
CA LYS D 197 1.66 -29.44 -2.24
C LYS D 197 0.37 -29.12 -1.49
N GLN D 198 -0.09 -29.98 -0.57
CA GLN D 198 -1.28 -29.70 0.26
C GLN D 198 -0.98 -28.53 1.21
N LEU D 199 0.11 -28.60 1.98
CA LEU D 199 0.53 -27.52 2.91
C LEU D 199 0.77 -26.21 2.14
N GLU D 200 1.37 -26.29 0.96
CA GLU D 200 1.72 -25.11 0.14
C GLU D 200 0.44 -24.31 0.00
N GLU D 201 -0.58 -25.01 -0.48
CA GLU D 201 -1.88 -24.41 -0.80
C GLU D 201 -2.56 -23.89 0.46
N MET D 202 -2.68 -24.73 1.49
CA MET D 202 -3.35 -24.37 2.76
C MET D 202 -2.73 -23.10 3.34
N TYR D 203 -1.40 -23.00 3.46
CA TYR D 203 -0.73 -21.83 4.10
C TYR D 203 -0.97 -20.59 3.22
N GLN D 204 -0.62 -20.70 1.94
CA GLN D 204 -0.68 -19.57 0.97
C GLN D 204 -2.12 -19.02 0.91
N THR D 205 -3.16 -19.88 0.87
CA THR D 205 -4.57 -19.38 0.91
C THR D 205 -5.07 -19.15 2.34
N GLY D 206 -4.21 -19.23 3.36
CA GLY D 206 -4.52 -18.83 4.74
C GLY D 206 -5.52 -19.75 5.45
N SER D 207 -5.76 -20.93 4.92
CA SER D 207 -6.67 -21.93 5.52
C SER D 207 -5.92 -22.86 6.49
N LEU D 208 -4.60 -22.72 6.66
CA LEU D 208 -3.80 -23.57 7.57
C LEU D 208 -4.13 -23.15 9.01
N ASN D 209 -4.44 -24.14 9.86
CA ASN D 209 -4.95 -23.98 11.24
C ASN D 209 -4.34 -25.06 12.14
N LEU D 210 -3.38 -24.68 12.97
CA LEU D 210 -2.63 -25.61 13.87
C LEU D 210 -3.53 -26.16 14.99
N ASN D 211 -4.81 -25.80 15.03
CA ASN D 211 -5.76 -26.34 16.05
C ASN D 211 -6.58 -27.43 15.38
N ASN D 212 -6.26 -27.71 14.12
CA ASN D 212 -6.84 -28.82 13.36
C ASN D 212 -5.82 -29.96 13.30
N GLN D 213 -6.12 -31.09 13.96
CA GLN D 213 -5.16 -32.19 14.17
C GLN D 213 -4.62 -32.70 12.81
N SER D 214 -5.50 -32.87 11.84
CA SER D 214 -5.17 -33.25 10.44
C SER D 214 -4.10 -32.29 9.89
N HIS D 215 -4.24 -30.98 10.15
CA HIS D 215 -3.25 -29.98 9.70
C HIS D 215 -1.94 -30.16 10.46
N ARG D 216 -2.03 -30.37 11.77
CA ARG D 216 -0.85 -30.63 12.63
C ARG D 216 -0.06 -31.81 12.09
N ASP D 217 -0.75 -32.89 11.74
CA ASP D 217 -0.12 -34.13 11.19
C ASP D 217 0.66 -33.85 9.92
N ARG D 218 0.12 -33.00 9.05
CA ARG D 218 0.81 -32.61 7.78
C ARG D 218 2.05 -31.77 8.10
N VAL D 219 1.96 -30.82 9.01
CA VAL D 219 3.16 -30.03 9.41
C VAL D 219 4.24 -30.95 10.01
N ILE D 220 3.87 -31.80 10.95
CA ILE D 220 4.82 -32.79 11.54
C ILE D 220 5.38 -33.68 10.42
N GLY D 221 4.52 -34.15 9.53
CA GLY D 221 4.96 -34.87 8.34
C GLY D 221 6.08 -34.16 7.60
N LEU D 222 5.92 -32.87 7.28
CA LEU D 222 6.99 -32.10 6.56
C LEU D 222 8.22 -32.00 7.46
N MET D 223 8.03 -31.83 8.78
CA MET D 223 9.18 -31.64 9.70
C MET D 223 10.09 -32.87 9.64
N MET D 224 9.48 -34.06 9.57
CA MET D 224 10.22 -35.34 9.47
C MET D 224 11.07 -35.39 8.18
N THR D 225 10.46 -35.15 7.02
CA THR D 225 11.18 -35.00 5.73
C THR D 225 12.35 -34.05 5.90
N ALA D 226 12.08 -32.84 6.33
CA ALA D 226 13.09 -31.79 6.57
C ALA D 226 14.23 -32.36 7.41
N CYS D 227 13.91 -32.99 8.53
CA CYS D 227 14.94 -33.57 9.44
C CYS D 227 15.67 -34.71 8.76
N ASP D 228 14.93 -35.55 8.05
CA ASP D 228 15.49 -36.72 7.38
C ASP D 228 16.45 -36.33 6.25
N LEU D 229 16.24 -35.18 5.60
CA LEU D 229 17.09 -34.70 4.47
C LEU D 229 18.17 -33.76 4.99
N CYS D 230 18.31 -33.60 6.29
CA CYS D 230 19.07 -32.47 6.86
C CYS D 230 20.57 -32.57 6.54
N SER D 231 21.07 -33.68 5.97
CA SER D 231 22.50 -33.76 5.51
C SER D 231 22.79 -32.67 4.46
N VAL D 232 21.81 -32.33 3.60
CA VAL D 232 21.95 -31.24 2.58
C VAL D 232 21.88 -29.83 3.20
N THR D 233 21.71 -29.70 4.51
CA THR D 233 21.61 -28.40 5.21
C THR D 233 22.77 -28.17 6.15
N LYS D 234 23.83 -28.96 5.99
CA LYS D 234 25.08 -28.82 6.75
C LYS D 234 26.03 -27.89 6.00
N LEU D 235 27.16 -27.59 6.62
CA LEU D 235 28.27 -26.90 5.94
C LEU D 235 28.82 -27.84 4.86
N TRP D 236 29.22 -27.28 3.72
CA TRP D 236 29.59 -28.01 2.49
C TRP D 236 30.48 -29.22 2.79
N PRO D 237 31.58 -29.10 3.55
CA PRO D 237 32.45 -30.26 3.76
C PRO D 237 31.70 -31.48 4.32
N VAL D 238 30.77 -31.25 5.25
CA VAL D 238 29.92 -32.35 5.82
C VAL D 238 28.99 -32.89 4.71
N THR D 239 28.34 -32.00 3.98
CA THR D 239 27.30 -32.37 2.99
C THR D 239 27.93 -33.21 1.87
N LYS D 240 29.08 -32.80 1.37
CA LYS D 240 29.81 -33.49 0.28
C LYS D 240 30.31 -34.84 0.82
N LEU D 241 30.83 -34.88 2.04
CA LEU D 241 31.34 -36.16 2.63
C LEU D 241 30.20 -37.14 2.91
N THR D 242 29.02 -36.64 3.26
CA THR D 242 27.84 -37.54 3.47
C THR D 242 27.37 -38.13 2.11
N ALA D 243 27.48 -37.34 1.04
CA ALA D 243 27.02 -37.77 -0.30
C ALA D 243 27.74 -39.06 -0.72
N ASN D 244 29.00 -39.21 -0.36
CA ASN D 244 29.79 -40.45 -0.60
C ASN D 244 29.13 -41.67 0.09
N ASP D 245 28.59 -41.49 1.30
CA ASP D 245 27.92 -42.61 2.00
C ASP D 245 26.57 -42.89 1.35
N ILE D 246 25.79 -41.84 1.14
CA ILE D 246 24.48 -41.99 0.45
C ILE D 246 24.70 -42.76 -0.87
N TYR D 247 25.71 -42.38 -1.67
CA TYR D 247 25.91 -42.99 -3.02
C TYR D 247 26.56 -44.37 -2.86
N ALA D 248 27.26 -44.62 -1.76
CA ALA D 248 27.78 -45.99 -1.49
C ALA D 248 26.57 -46.93 -1.50
N GLU D 249 25.48 -46.52 -0.84
CA GLU D 249 24.20 -47.28 -0.80
C GLU D 249 23.46 -47.34 -2.14
N PHE D 250 23.32 -46.23 -2.87
CA PHE D 250 22.56 -46.23 -4.14
C PHE D 250 23.20 -47.18 -5.15
N TRP D 251 24.53 -47.10 -5.25
CA TRP D 251 25.35 -47.96 -6.14
C TRP D 251 25.24 -49.45 -5.75
N ALA D 252 25.36 -49.81 -4.47
CA ALA D 252 25.09 -51.19 -4.00
C ALA D 252 23.71 -51.66 -4.50
N GLU D 253 22.68 -50.83 -4.38
CA GLU D 253 21.31 -51.20 -4.86
C GLU D 253 21.33 -51.29 -6.40
N GLY D 254 21.90 -50.29 -7.06
CA GLY D 254 22.02 -50.39 -8.51
C GLY D 254 22.60 -51.72 -8.94
N ASP D 255 23.68 -52.17 -8.29
CA ASP D 255 24.35 -53.48 -8.53
C ASP D 255 23.35 -54.63 -8.32
N GLU D 256 22.62 -54.62 -7.22
CA GLU D 256 21.60 -55.67 -6.94
C GLU D 256 20.47 -55.56 -7.96
N MET D 257 20.17 -54.38 -8.49
CA MET D 257 19.17 -54.27 -9.57
C MET D 257 19.71 -54.99 -10.82
N LYS D 258 20.97 -54.75 -11.20
CA LYS D 258 21.65 -55.45 -12.33
C LYS D 258 21.76 -56.97 -12.12
N LYS D 259 21.94 -57.43 -10.87
CA LYS D 259 21.85 -58.89 -10.55
C LYS D 259 20.44 -59.42 -10.75
N LEU D 260 19.42 -58.57 -10.69
CA LEU D 260 17.99 -59.01 -10.88
C LEU D 260 17.62 -58.96 -12.37
N GLY D 261 18.54 -58.56 -13.24
CA GLY D 261 18.30 -58.41 -14.69
C GLY D 261 17.72 -57.04 -15.03
N ILE D 262 17.70 -56.09 -14.09
CA ILE D 262 16.98 -54.79 -14.25
C ILE D 262 17.97 -53.63 -14.32
N GLN D 263 17.86 -52.81 -15.36
CA GLN D 263 18.75 -51.65 -15.59
C GLN D 263 18.32 -50.57 -14.61
N PRO D 264 19.12 -50.24 -13.57
CA PRO D 264 18.65 -49.32 -12.54
C PRO D 264 18.61 -47.90 -13.10
N ILE D 265 17.89 -47.02 -12.40
CA ILE D 265 17.92 -45.56 -12.65
C ILE D 265 19.36 -45.10 -12.53
N PRO D 266 19.75 -44.10 -13.33
CA PRO D 266 21.15 -43.63 -13.41
C PRO D 266 21.78 -43.20 -12.08
N MET D 267 20.98 -42.60 -11.19
CA MET D 267 21.37 -42.15 -9.81
C MET D 267 22.04 -43.34 -9.11
N MET D 268 21.49 -44.54 -9.35
CA MET D 268 21.95 -45.77 -8.67
C MET D 268 23.03 -46.50 -9.47
N ASP D 269 23.39 -46.03 -10.66
CA ASP D 269 24.31 -46.79 -11.54
C ASP D 269 25.75 -46.35 -11.28
N ARG D 270 26.62 -47.23 -10.81
CA ARG D 270 28.01 -46.80 -10.52
C ARG D 270 28.87 -46.65 -11.79
N ASP D 271 28.35 -46.95 -12.98
CA ASP D 271 29.07 -46.62 -14.24
C ASP D 271 28.79 -45.16 -14.65
N LYS D 272 27.72 -44.56 -14.13
CA LYS D 272 27.25 -43.20 -14.50
C LYS D 272 27.65 -42.23 -13.39
N LYS D 273 28.83 -42.44 -12.81
CA LYS D 273 29.32 -41.73 -11.60
C LYS D 273 29.56 -40.25 -11.94
N ASP D 274 30.09 -40.02 -13.14
CA ASP D 274 30.21 -38.69 -13.80
C ASP D 274 28.93 -37.86 -13.61
N GLU D 275 27.73 -38.47 -13.71
CA GLU D 275 26.45 -37.72 -13.70
C GLU D 275 26.01 -37.31 -12.27
N VAL D 276 26.86 -37.44 -11.25
CA VAL D 276 26.45 -37.27 -9.83
C VAL D 276 26.09 -35.81 -9.57
N PRO D 277 27.01 -34.85 -9.88
CA PRO D 277 26.76 -33.44 -9.59
C PRO D 277 25.45 -32.96 -10.22
N GLN D 278 25.20 -33.34 -11.48
CA GLN D 278 23.96 -32.96 -12.20
C GLN D 278 22.74 -33.59 -11.50
N GLY D 279 22.85 -34.83 -11.02
CA GLY D 279 21.77 -35.50 -10.27
C GLY D 279 21.49 -34.82 -8.93
N GLN D 280 22.50 -34.30 -8.28
CA GLN D 280 22.36 -33.50 -7.04
C GLN D 280 21.59 -32.23 -7.36
N LEU D 281 22.00 -31.55 -8.44
CA LEU D 281 21.31 -30.32 -8.91
C LEU D 281 19.83 -30.63 -8.94
N GLY D 282 19.48 -31.80 -9.52
CA GLY D 282 18.07 -32.19 -9.77
C GLY D 282 17.33 -32.39 -8.46
N PHE D 283 17.94 -33.11 -7.54
CA PHE D 283 17.38 -33.42 -6.22
C PHE D 283 17.11 -32.13 -5.45
N TYR D 284 18.10 -31.24 -5.36
CA TYR D 284 17.95 -29.98 -4.60
C TYR D 284 16.76 -29.19 -5.17
N ASN D 285 16.70 -29.07 -6.50
CA ASN D 285 15.68 -28.24 -7.19
C ASN D 285 14.31 -28.87 -7.11
N ALA D 286 14.21 -30.20 -7.15
CA ALA D 286 12.94 -30.94 -7.16
C ALA D 286 12.48 -31.32 -5.73
N VAL D 287 13.37 -31.53 -4.77
CA VAL D 287 12.96 -32.14 -3.45
C VAL D 287 13.40 -31.23 -2.31
N ALA D 288 14.70 -31.03 -2.17
CA ALA D 288 15.28 -30.33 -1.01
C ALA D 288 14.77 -28.88 -0.88
N ILE D 289 15.02 -28.01 -1.87
CA ILE D 289 14.71 -26.54 -1.79
C ILE D 289 13.21 -26.40 -1.60
N PRO D 290 12.36 -27.08 -2.39
CA PRO D 290 10.93 -26.93 -2.12
C PRO D 290 10.58 -27.35 -0.68
N CYS D 291 11.20 -28.42 -0.17
CA CYS D 291 10.91 -28.94 1.19
C CYS D 291 11.06 -27.83 2.23
N TYR D 292 12.27 -27.25 2.34
CA TYR D 292 12.65 -26.26 3.37
C TYR D 292 12.09 -24.86 3.06
N THR D 293 11.68 -24.61 1.82
CA THR D 293 11.03 -23.32 1.44
C THR D 293 9.65 -23.28 2.11
N THR D 294 8.88 -24.34 1.89
CA THR D 294 7.57 -24.50 2.54
C THR D 294 7.72 -24.51 4.07
N LEU D 295 8.80 -25.09 4.59
CA LEU D 295 8.93 -25.33 6.05
C LEU D 295 9.24 -24.00 6.73
N THR D 296 10.12 -23.19 6.13
CA THR D 296 10.42 -21.81 6.57
C THR D 296 9.15 -20.95 6.46
N GLN D 297 8.32 -21.17 5.46
CA GLN D 297 7.05 -20.42 5.35
C GLN D 297 6.19 -20.68 6.59
N ILE D 298 6.07 -21.94 7.05
CA ILE D 298 5.11 -22.32 8.14
C ILE D 298 5.77 -22.11 9.49
N LEU D 299 7.05 -22.40 9.63
CA LEU D 299 7.85 -22.17 10.85
C LEU D 299 9.08 -21.33 10.53
N PRO D 300 8.96 -20.00 10.40
CA PRO D 300 10.06 -19.08 10.09
C PRO D 300 11.43 -19.26 10.75
N PRO D 301 11.52 -19.62 12.06
CA PRO D 301 12.83 -19.82 12.70
C PRO D 301 13.60 -21.06 12.23
N THR D 302 13.00 -21.89 11.34
CA THR D 302 13.70 -22.97 10.60
C THR D 302 14.45 -22.45 9.36
N GLU D 303 14.34 -21.17 9.03
CA GLU D 303 15.01 -20.50 7.88
C GLU D 303 16.46 -20.94 7.69
N PRO D 304 17.34 -21.02 8.71
CA PRO D 304 18.71 -21.48 8.47
C PRO D 304 18.87 -22.86 7.81
N LEU D 305 17.85 -23.71 7.83
CA LEU D 305 17.88 -24.93 7.01
C LEU D 305 17.81 -24.53 5.51
N LEU D 306 16.93 -23.60 5.17
CA LEU D 306 16.74 -23.14 3.76
C LEU D 306 17.99 -22.41 3.26
N LYS D 307 18.58 -21.53 4.08
CA LYS D 307 19.85 -20.82 3.74
C LYS D 307 20.94 -21.86 3.40
N ALA D 308 21.31 -22.72 4.34
CA ALA D 308 22.39 -23.74 4.19
C ALA D 308 22.16 -24.62 2.92
N CYS D 309 20.93 -25.03 2.65
CA CYS D 309 20.57 -25.84 1.46
C CYS D 309 20.91 -25.06 0.15
N ARG D 310 20.43 -23.82 0.01
CA ARG D 310 20.79 -22.90 -1.10
C ARG D 310 22.31 -22.72 -1.22
N ASP D 311 23.02 -22.55 -0.12
CA ASP D 311 24.51 -22.59 -0.19
C ASP D 311 25.01 -23.87 -0.85
N ASN D 312 24.55 -25.07 -0.44
CA ASN D 312 25.10 -26.37 -0.92
C ASN D 312 24.71 -26.58 -2.40
N LEU D 313 23.59 -26.04 -2.82
CA LEU D 313 23.17 -26.09 -4.25
C LEU D 313 24.17 -25.26 -5.06
N SER D 314 24.57 -24.10 -4.59
CA SER D 314 25.55 -23.24 -5.32
C SER D 314 26.91 -23.92 -5.34
N GLN D 315 27.23 -24.72 -4.33
CA GLN D 315 28.49 -25.52 -4.32
C GLN D 315 28.45 -26.61 -5.39
N TRP D 316 27.32 -27.31 -5.49
CA TRP D 316 27.14 -28.37 -6.51
C TRP D 316 27.23 -27.74 -7.91
N GLU D 317 26.63 -26.57 -8.10
CA GLU D 317 26.69 -25.74 -9.34
C GLU D 317 28.17 -25.45 -9.68
N LYS D 318 29.02 -25.13 -8.72
CA LYS D 318 30.48 -24.98 -8.94
C LYS D 318 31.12 -26.29 -9.42
N VAL D 319 30.84 -27.41 -8.74
CA VAL D 319 31.41 -28.74 -9.14
C VAL D 319 31.17 -28.95 -10.63
N ILE D 320 29.98 -28.64 -11.15
CA ILE D 320 29.53 -28.93 -12.54
C ILE D 320 30.44 -28.20 -13.56
N ARG D 321 31.23 -27.24 -13.14
CA ARG D 321 32.25 -26.59 -14.03
C ARG D 321 33.61 -26.56 -13.35
N GLY D 322 33.74 -25.83 -12.24
CA GLY D 322 35.04 -25.62 -11.55
C GLY D 322 35.05 -24.33 -10.74
ZN ZN E . -15.21 29.45 -12.39
MG MG F . -16.46 31.19 -9.11
N3 KER G . -25.24 24.65 -12.03
C5 KER G . -23.74 23.99 -13.62
C6 KER G . -24.52 22.74 -13.84
C8 KER G . -22.54 24.34 -14.38
C13 KER G . -21.18 25.63 -12.70
C15 KER G . -25.61 25.68 -11.14
C22 KER G . -24.65 26.43 -10.46
C24 KER G . -26.37 27.83 -9.49
C26 KER G . -21.26 27.02 -12.52
C1 KER G . -25.67 22.56 -13.07
C2 KER G . -26.00 23.55 -12.19
N4 KER G . -24.19 24.88 -12.75
O7 KER G . -24.18 21.92 -14.69
N9 KER G . -21.45 25.07 -13.97
N10 KER G . -20.60 25.16 -15.07
C11 KER G . -21.12 24.52 -16.09
C12 KER G . -22.34 23.99 -15.70
C14 KER G . -29.17 28.35 -10.91
C16 KER G . -26.96 26.00 -11.03
O17 KER G . -28.65 27.36 -10.06
C18 KER G . -27.32 27.07 -10.20
F19 KER G . -28.09 29.26 -10.98
F20 KER G . -29.63 27.66 -12.05
F21 KER G . -30.27 29.01 -10.41
C23 KER G . -25.02 27.51 -9.62
C25 KER G . -20.83 24.82 -11.62
C27 KER G . -20.51 25.35 -10.36
F28 KER G . -20.74 23.43 -11.76
C29 KER G . -20.95 27.53 -11.25
C30 KER G . -20.61 26.71 -10.17
F31 KER G . -20.98 28.87 -11.03
ZN ZN H . 6.57 -0.95 -15.69
MG MG I . 6.78 1.12 -18.94
PR PR J . -2.24 -23.04 -6.03
PR PR K . -6.02 -24.82 -19.00
PR PR L . 30.54 19.21 -10.04
PR PR M . 35.66 3.18 -24.74
PR PR N . 29.69 21.85 -7.31
C1 GOL O . 1.89 16.41 -16.04
O1 GOL O . 2.22 16.68 -17.41
C2 GOL O . 1.45 14.97 -15.81
O2 GOL O . 1.66 14.22 -17.00
C3 GOL O . 0.00 14.82 -15.37
O3 GOL O . -0.57 13.61 -15.90
N3 KER P . -2.40 -5.46 -20.42
N3 KER P . -2.24 -5.29 -20.40
C5 KER P . -1.91 -5.96 -18.25
C5 KER P . -1.66 -5.77 -18.25
C6 KER P . -3.24 -6.55 -18.07
C6 KER P . -3.00 -6.36 -18.02
C8 KER P . -0.89 -5.95 -17.19
C8 KER P . -0.62 -5.78 -17.22
C13 KER P . 0.50 -3.98 -17.93
C13 KER P . 0.77 -3.74 -17.80
C15 KER P . -1.93 -4.89 -21.61
C15 KER P . -1.78 -4.74 -21.62
C22 KER P . -0.97 -3.87 -21.55
C22 KER P . -0.86 -3.69 -21.62
C24 KER P . -0.90 -3.75 -23.93
C24 KER P . -0.85 -3.66 -24.02
C26 KER P . -0.10 -2.73 -17.64
C26 KER P . 1.82 -3.67 -18.70
C1 KER P . -4.09 -6.51 -19.19
C1 KER P . -3.89 -6.33 -19.10
C2 KER P . -3.65 -5.97 -20.35
C2 KER P . -3.48 -5.80 -20.28
N4 KER P . -1.60 -5.47 -19.42
N4 KER P . -1.39 -5.29 -19.44
O7 KER P . -3.60 -7.05 -17.01
O7 KER P . -3.29 -6.84 -16.91
N9 KER P . 0.19 -5.10 -17.10
N9 KER P . 0.45 -4.94 -17.07
N10 KER P . 0.90 -5.52 -15.95
N10 KER P . 1.17 -5.42 -15.96
C11 KER P . 0.28 -6.54 -15.39
C11 KER P . 0.57 -6.48 -15.47
C12 KER P . -0.84 -6.85 -16.15
C12 KER P . -0.54 -6.76 -16.24
C14 KER P . -1.59 -6.22 -25.87
C14 KER P . -1.38 -6.13 -25.81
C16 KER P . -2.39 -5.34 -22.83
C16 KER P . -2.26 -5.25 -22.82
O17 KER P . -2.31 -5.17 -25.22
O17 KER P . -2.24 -5.18 -25.20
C18 KER P . -1.86 -4.75 -23.99
C18 KER P . -1.79 -4.69 -24.01
F19 KER P . -0.22 -5.96 -25.88
F19 KER P . -0.09 -5.65 -25.75
F20 KER P . -1.81 -7.44 -25.22
F20 KER P . -1.40 -7.34 -25.10
F21 KER P . -2.03 -6.30 -27.20
F21 KER P . -1.71 -6.26 -27.18
C23 KER P . -0.48 -3.29 -22.70
C23 KER P . -0.39 -3.15 -22.81
C25 KER P . 1.34 -4.01 -19.03
C25 KER P . 0.00 -2.58 -17.59
C27 KER P . 1.57 -2.86 -19.77
C27 KER P . 0.29 -1.40 -18.28
F28 KER P . 1.99 -5.14 -19.33
F28 KER P . -1.05 -2.56 -16.73
C29 KER P . 0.13 -1.58 -18.40
C29 KER P . 2.11 -2.46 -19.36
C30 KER P . 0.99 -1.61 -19.48
C30 KER P . 1.32 -1.32 -19.17
F31 KER P . -0.46 -0.42 -18.09
F31 KER P . 3.15 -2.39 -20.23
ZN ZN Q . -8.32 8.44 17.54
MG MG R . -5.47 5.72 17.90
PR PR S . 12.52 14.64 39.66
PR PR T . 19.32 24.32 21.89
PR PR U . 20.83 26.47 17.94
N3 KER V . -14.91 -0.14 15.51
C5 KER V . -15.61 1.99 15.36
C6 KER V . -16.77 1.56 14.57
C8 KER V . -15.41 3.39 15.69
C13 KER V . -12.97 3.47 15.89
C15 KER V . -13.93 -1.01 16.02
C22 KER V . -12.63 -0.56 16.03
C24 KER V . -11.96 -2.65 17.11
C26 KER V . -12.23 3.25 17.04
C1 KER V . -16.92 0.17 14.33
C2 KER V . -15.99 -0.65 14.83
N4 KER V . -14.74 1.09 15.81
O7 KER V . -17.60 2.38 14.20
N9 KER V . -14.23 3.99 15.94
N10 KER V . -14.52 5.34 16.23
C11 KER V . -15.78 5.52 16.17
C12 KER V . -16.37 4.30 15.83
C14 KER V . -13.86 -4.30 19.03
C16 KER V . -14.29 -2.24 16.56
O17 KER V . -13.58 -4.29 17.61
C18 KER V . -13.28 -3.06 17.09
F19 KER V . -12.81 -3.72 19.74
F20 KER V . -15.05 -3.62 19.30
F21 KER V . -14.04 -5.61 19.48
C23 KER V . -11.65 -1.39 16.55
C25 KER V . -12.40 3.20 14.65
C27 KER V . -11.11 2.75 14.48
F28 KER V . -13.16 3.50 13.60
C29 KER V . -10.93 2.78 16.88
C30 KER V . -10.36 2.54 15.63
F31 KER V . -10.17 2.56 18.01
ZN ZN W . 16.24 -41.50 7.33
MG MG X . 13.79 -44.20 5.86
N3 KER Y . 17.80 -38.92 -3.37
C5 KER Y . 19.04 -37.94 -1.71
C6 KER Y . 20.07 -37.58 -2.71
C8 KER Y . 19.21 -37.58 -0.29
C13 KER Y . 18.14 -39.57 0.79
C15 KER Y . 16.58 -39.57 -3.67
C22 KER Y . 15.97 -40.44 -2.77
C24 KER Y . 14.13 -40.83 -4.28
C26 KER Y . 16.78 -39.66 1.04
C1 KER Y . 19.85 -37.94 -4.10
C2 KER Y . 18.67 -38.62 -4.39
N4 KER Y . 17.97 -38.57 -2.11
O7 KER Y . 21.09 -36.97 -2.31
N9 KER Y . 18.77 -38.31 0.79
N10 KER Y . 19.10 -37.60 1.94
C11 KER Y . 19.73 -36.48 1.59
C12 KER Y . 19.83 -36.43 0.19
C14 KER Y . 13.15 -38.74 -6.08
C16 KER Y . 16.00 -39.30 -4.90
O17 KER Y . 14.24 -39.62 -6.34
C18 KER Y . 14.80 -39.93 -5.17
F19 KER Y . 12.76 -39.01 -4.76
F20 KER Y . 13.55 -37.37 -6.17
F21 KER Y . 12.05 -39.04 -6.92
C23 KER Y . 14.76 -41.07 -3.04
C25 KER Y . 18.84 -40.75 0.54
C27 KER Y . 18.26 -42.03 0.58
F28 KER Y . 20.15 -40.68 0.28
C29 KER Y . 16.17 -40.90 1.05
C30 KER Y . 16.88 -42.10 0.80
F31 KER Y . 14.86 -40.91 1.39
#